data_2XYT
#
_entry.id   2XYT
#
_cell.length_a   83.423
_cell.length_b   137.595
_cell.length_c   236.655
_cell.angle_alpha   90.00
_cell.angle_beta   90.00
_cell.angle_gamma   90.00
#
_symmetry.space_group_name_H-M   'P 21 21 21'
#
loop_
_entity.id
_entity.type
_entity.pdbx_description
1 polymer 'SOLUBLE ACETYLCHOLINE RECEPTOR'
2 non-polymer D-TUBOCURARINE
3 water water
#
_entity_poly.entity_id   1
_entity_poly.type   'polypeptide(L)'
_entity_poly.pdbx_seq_one_letter_code
;QANLMRLKSDLFNRSPMYPGPTKDDPLTVTLGFTLQDIVKVDSSTNEVDLVYYEQQRWKLNSLMWDPNEYGNITDFRTSA
ADIWTPDITAYSSTRPVQVLSPQIAVVTHDGSVMFIPAQRLSFMCDPTGVDSEEGVTCAVKFGSWVYSGFEIDLKTDTDQ
VDLSSYYASSKYEILSATQTRQVQHYSCCPEPYIDVNLVVKFRERRAGNGFFRNLFD
;
_entity_poly.pdbx_strand_id   A,B,C,D,E,F,G,H,I,J
#
loop_
_chem_comp.id
_chem_comp.type
_chem_comp.name
_chem_comp.formula
TC9 non-polymer D-TUBOCURARINE 'C37 H42 N2 O6 2'
#
# COMPACT_ATOMS: atom_id res chain seq x y z
N GLN A 1 -47.00 -44.96 -19.64
CA GLN A 1 -45.73 -44.25 -19.72
C GLN A 1 -45.70 -43.34 -20.95
N ALA A 2 -46.04 -43.90 -22.11
CA ALA A 2 -45.94 -43.18 -23.37
C ALA A 2 -46.69 -41.85 -23.35
N ASN A 3 -47.95 -41.87 -22.90
CA ASN A 3 -48.76 -40.67 -22.85
C ASN A 3 -48.11 -39.61 -21.98
N LEU A 4 -47.73 -40.01 -20.77
CA LEU A 4 -47.05 -39.08 -19.88
C LEU A 4 -45.78 -38.49 -20.52
N MET A 5 -44.95 -39.33 -21.13
CA MET A 5 -43.71 -38.80 -21.73
C MET A 5 -44.05 -37.78 -22.82
N ARG A 6 -45.13 -38.03 -23.54
CA ARG A 6 -45.57 -37.14 -24.62
C ARG A 6 -46.02 -35.78 -24.07
N LEU A 7 -46.79 -35.85 -22.98
CA LEU A 7 -47.29 -34.67 -22.29
C LEU A 7 -46.14 -33.80 -21.81
N LYS A 8 -45.17 -34.41 -21.12
CA LYS A 8 -44.03 -33.67 -20.60
C LYS A 8 -43.23 -33.06 -21.76
N SER A 9 -43.01 -33.85 -22.80
CA SER A 9 -42.35 -33.35 -24.00
C SER A 9 -43.06 -32.10 -24.55
N ASP A 10 -44.38 -32.15 -24.59
CA ASP A 10 -45.15 -31.00 -25.07
C ASP A 10 -45.10 -29.78 -24.15
N LEU A 11 -45.22 -30.00 -22.84
CA LEU A 11 -45.23 -28.91 -21.88
C LEU A 11 -43.85 -28.29 -21.69
N PHE A 12 -42.80 -29.10 -21.80
CA PHE A 12 -41.46 -28.66 -21.41
C PHE A 12 -40.45 -28.48 -22.55
N ASN A 13 -40.59 -29.23 -23.64
CA ASN A 13 -39.56 -29.23 -24.69
C ASN A 13 -39.87 -28.44 -25.95
N ARG A 14 -41.03 -27.79 -26.00
CA ARG A 14 -41.47 -27.16 -27.25
C ARG A 14 -41.44 -25.62 -27.21
N SER A 15 -41.53 -25.05 -26.01
CA SER A 15 -41.53 -23.61 -25.85
C SER A 15 -40.55 -23.23 -24.75
N PRO A 16 -40.01 -22.00 -24.79
CA PRO A 16 -39.04 -21.62 -23.78
C PRO A 16 -39.69 -21.71 -22.42
N MET A 17 -38.91 -21.83 -21.34
CA MET A 17 -39.53 -21.91 -20.02
C MET A 17 -40.24 -20.60 -19.68
N TYR A 18 -41.36 -20.74 -18.96
CA TYR A 18 -42.03 -19.63 -18.33
C TYR A 18 -41.00 -18.75 -17.63
N PRO A 19 -40.94 -17.47 -18.01
CA PRO A 19 -39.95 -16.54 -17.46
C PRO A 19 -40.42 -15.88 -16.16
N GLY A 20 -41.49 -16.38 -15.55
CA GLY A 20 -41.93 -15.79 -14.30
C GLY A 20 -42.92 -14.68 -14.54
N PRO A 21 -43.59 -14.24 -13.46
CA PRO A 21 -44.67 -13.24 -13.59
C PRO A 21 -44.16 -11.83 -13.86
N THR A 22 -45.07 -10.99 -14.37
CA THR A 22 -44.82 -9.56 -14.52
C THR A 22 -46.09 -8.83 -14.07
N LYS A 23 -46.03 -7.50 -14.06
N LYS A 23 -46.03 -7.50 -14.01
CA LYS A 23 -47.14 -6.69 -13.58
CA LYS A 23 -47.20 -6.78 -13.54
C LYS A 23 -48.38 -6.77 -14.48
C LYS A 23 -48.43 -7.12 -14.38
N ASP A 24 -48.22 -7.32 -15.68
CA ASP A 24 -49.33 -7.55 -16.60
C ASP A 24 -49.83 -8.98 -16.57
N ASP A 25 -49.05 -9.89 -15.99
N ASP A 25 -49.02 -9.86 -15.99
CA ASP A 25 -49.51 -11.26 -15.87
CA ASP A 25 -49.31 -11.28 -15.87
C ASP A 25 -49.14 -11.81 -14.51
C ASP A 25 -48.98 -11.74 -14.45
N PRO A 26 -49.67 -11.17 -13.44
CA PRO A 26 -49.31 -11.48 -12.05
C PRO A 26 -49.75 -12.86 -11.65
N LEU A 27 -49.18 -13.36 -10.56
CA LEU A 27 -49.40 -14.72 -10.10
C LEU A 27 -49.73 -14.66 -8.62
N THR A 28 -50.60 -15.56 -8.16
CA THR A 28 -50.87 -15.69 -6.73
C THR A 28 -50.30 -16.99 -6.16
N VAL A 29 -49.48 -16.87 -5.12
CA VAL A 29 -48.91 -18.03 -4.48
C VAL A 29 -49.52 -18.23 -3.10
N THR A 30 -50.18 -19.36 -2.90
CA THR A 30 -50.75 -19.68 -1.61
C THR A 30 -49.73 -20.40 -0.77
N LEU A 31 -49.51 -19.95 0.46
CA LEU A 31 -48.55 -20.54 1.37
C LEU A 31 -49.23 -21.13 2.60
N GLY A 32 -48.63 -22.18 3.13
CA GLY A 32 -49.14 -22.80 4.34
C GLY A 32 -48.04 -23.57 5.02
N PHE A 33 -48.01 -23.48 6.35
CA PHE A 33 -46.95 -24.13 7.09
C PHE A 33 -47.48 -25.28 7.92
N THR A 34 -46.75 -26.39 7.88
CA THR A 34 -46.97 -27.50 8.80
C THR A 34 -45.74 -27.53 9.71
N LEU A 35 -45.91 -27.12 10.96
CA LEU A 35 -44.79 -27.08 11.89
C LEU A 35 -44.55 -28.46 12.49
N GLN A 36 -43.37 -29.02 12.26
CA GLN A 36 -43.05 -30.38 12.72
C GLN A 36 -42.29 -30.41 14.05
N ASP A 37 -41.36 -29.48 14.25
CA ASP A 37 -40.60 -29.46 15.49
C ASP A 37 -39.80 -28.16 15.67
N ILE A 38 -39.76 -27.66 16.90
CA ILE A 38 -38.74 -26.69 17.27
C ILE A 38 -37.60 -27.53 17.81
N VAL A 39 -36.48 -27.55 17.10
CA VAL A 39 -35.41 -28.49 17.42
C VAL A 39 -34.39 -27.94 18.38
N LYS A 40 -34.05 -26.66 18.22
CA LYS A 40 -32.99 -26.04 19.00
C LYS A 40 -33.32 -24.61 19.36
N VAL A 41 -32.92 -24.20 20.55
CA VAL A 41 -33.01 -22.82 20.97
C VAL A 41 -31.66 -22.34 21.53
N ASP A 42 -31.05 -21.33 20.91
CA ASP A 42 -29.72 -20.86 21.34
C ASP A 42 -29.80 -19.45 21.96
N SER A 43 -29.70 -19.39 23.29
CA SER A 43 -29.83 -18.12 24.00
C SER A 43 -28.55 -17.28 23.97
N SER A 44 -27.43 -17.93 23.64
CA SER A 44 -26.17 -17.21 23.44
C SER A 44 -26.20 -16.32 22.19
N THR A 45 -26.87 -16.79 21.14
CA THR A 45 -26.91 -16.04 19.88
C THR A 45 -28.32 -15.59 19.48
N ASN A 46 -29.32 -15.91 20.29
CA ASN A 46 -30.70 -15.66 19.88
C ASN A 46 -30.99 -16.23 18.48
N GLU A 47 -30.83 -17.54 18.37
CA GLU A 47 -31.18 -18.30 17.16
C GLU A 47 -32.06 -19.47 17.58
N VAL A 48 -33.13 -19.68 16.84
CA VAL A 48 -34.02 -20.81 17.06
C VAL A 48 -34.12 -21.59 15.75
N ASP A 49 -34.15 -22.92 15.85
CA ASP A 49 -34.23 -23.76 14.66
C ASP A 49 -35.57 -24.47 14.56
N LEU A 50 -36.25 -24.29 13.43
CA LEU A 50 -37.52 -24.98 13.17
C LEU A 50 -37.38 -26.02 12.05
N VAL A 51 -38.21 -27.06 12.12
CA VAL A 51 -38.38 -27.99 11.02
C VAL A 51 -39.86 -27.94 10.67
N TYR A 52 -40.17 -27.71 9.39
CA TYR A 52 -41.55 -27.58 8.94
C TYR A 52 -41.64 -27.97 7.48
N TYR A 53 -42.86 -28.24 7.02
CA TYR A 53 -43.17 -28.36 5.60
C TYR A 53 -43.77 -27.04 5.19
N GLU A 54 -43.33 -26.53 4.05
CA GLU A 54 -43.88 -25.30 3.52
C GLU A 54 -44.69 -25.63 2.28
N GLN A 55 -46.01 -25.56 2.37
CA GLN A 55 -46.83 -25.85 1.21
C GLN A 55 -46.97 -24.63 0.32
N GLN A 56 -46.64 -24.78 -0.96
CA GLN A 56 -46.76 -23.71 -1.95
C GLN A 56 -47.68 -24.16 -3.09
N ARG A 57 -48.58 -23.27 -3.51
CA ARG A 57 -49.43 -23.54 -4.66
C ARG A 57 -49.60 -22.31 -5.54
N TRP A 58 -49.59 -22.54 -6.85
CA TRP A 58 -49.84 -21.48 -7.83
C TRP A 58 -50.31 -22.16 -9.11
N LYS A 59 -50.68 -21.37 -10.11
CA LYS A 59 -51.32 -21.90 -11.31
C LYS A 59 -50.76 -21.18 -12.53
N LEU A 60 -50.36 -21.93 -13.55
CA LEU A 60 -49.86 -21.33 -14.80
C LEU A 60 -50.69 -21.77 -16.00
N ASN A 61 -51.07 -20.82 -16.84
CA ASN A 61 -51.76 -21.18 -18.07
C ASN A 61 -50.93 -22.10 -18.93
N SER A 62 -49.62 -21.89 -18.93
CA SER A 62 -48.72 -22.68 -19.79
C SER A 62 -48.57 -24.13 -19.35
N LEU A 63 -49.12 -24.47 -18.18
CA LEU A 63 -49.06 -25.84 -17.69
C LEU A 63 -50.40 -26.57 -17.85
N MET A 64 -51.35 -26.00 -18.59
CA MET A 64 -52.64 -26.62 -18.77
C MET A 64 -52.60 -27.66 -19.89
N TRP A 65 -53.45 -28.66 -19.80
CA TRP A 65 -53.63 -29.58 -20.92
C TRP A 65 -55.01 -30.23 -20.79
N ASP A 66 -55.46 -30.81 -21.89
CA ASP A 66 -56.74 -31.51 -21.93
C ASP A 66 -56.48 -33.00 -21.74
N PRO A 67 -56.90 -33.55 -20.59
CA PRO A 67 -56.65 -34.96 -20.28
C PRO A 67 -57.06 -35.89 -21.42
N ASN A 68 -58.11 -35.54 -22.16
CA ASN A 68 -58.57 -36.36 -23.27
C ASN A 68 -57.53 -36.55 -24.37
N GLU A 69 -56.60 -35.60 -24.48
CA GLU A 69 -55.56 -35.71 -25.49
C GLU A 69 -54.37 -36.50 -24.99
N TYR A 70 -54.39 -36.86 -23.71
CA TYR A 70 -53.25 -37.51 -23.09
C TYR A 70 -53.62 -38.71 -22.24
N GLY A 71 -54.41 -39.62 -22.81
CA GLY A 71 -54.74 -40.88 -22.15
C GLY A 71 -55.41 -40.69 -20.80
N ASN A 72 -56.16 -39.60 -20.67
CA ASN A 72 -56.84 -39.28 -19.43
C ASN A 72 -55.92 -38.96 -18.26
N ILE A 73 -54.69 -38.53 -18.55
CA ILE A 73 -53.80 -38.10 -17.48
C ILE A 73 -54.30 -36.79 -16.90
N THR A 74 -54.57 -36.77 -15.59
CA THR A 74 -55.15 -35.60 -14.96
C THR A 74 -54.13 -34.83 -14.13
N ASP A 75 -53.03 -35.48 -13.77
CA ASP A 75 -51.95 -34.82 -13.04
C ASP A 75 -50.70 -35.67 -13.14
N PHE A 76 -49.55 -35.08 -12.81
CA PHE A 76 -48.31 -35.82 -12.82
C PHE A 76 -47.28 -35.22 -11.87
N ARG A 77 -46.29 -36.02 -11.51
CA ARG A 77 -45.21 -35.57 -10.66
C ARG A 77 -43.97 -35.34 -11.49
N THR A 78 -43.21 -34.30 -11.16
CA THR A 78 -41.99 -34.00 -11.90
C THR A 78 -41.00 -33.18 -11.08
N SER A 79 -39.72 -33.34 -11.39
CA SER A 79 -38.69 -32.58 -10.71
C SER A 79 -39.03 -31.10 -10.69
N ALA A 80 -38.82 -30.45 -9.55
CA ALA A 80 -39.02 -29.00 -9.45
C ALA A 80 -38.15 -28.23 -10.44
N ALA A 81 -37.02 -28.82 -10.81
CA ALA A 81 -36.11 -28.18 -11.78
C ALA A 81 -36.70 -28.10 -13.19
N ASP A 82 -37.72 -28.90 -13.47
CA ASP A 82 -38.41 -28.85 -14.77
C ASP A 82 -39.33 -27.64 -14.91
N ILE A 83 -39.67 -27.00 -13.80
CA ILE A 83 -40.66 -25.92 -13.83
C ILE A 83 -40.17 -24.65 -13.14
N TRP A 84 -40.86 -23.55 -13.39
CA TRP A 84 -40.58 -22.31 -12.67
C TRP A 84 -41.10 -22.48 -11.24
N THR A 85 -40.38 -21.94 -10.26
CA THR A 85 -40.87 -21.92 -8.86
C THR A 85 -40.68 -20.54 -8.23
N PRO A 86 -41.62 -20.14 -7.33
CA PRO A 86 -41.50 -18.82 -6.70
C PRO A 86 -40.31 -18.77 -5.75
N ASP A 87 -39.69 -17.60 -5.64
CA ASP A 87 -38.49 -17.45 -4.83
C ASP A 87 -38.87 -17.11 -3.40
N ILE A 88 -39.79 -17.90 -2.84
CA ILE A 88 -40.26 -17.68 -1.46
C ILE A 88 -39.10 -17.87 -0.45
N THR A 89 -38.90 -16.90 0.42
CA THR A 89 -37.71 -16.85 1.24
C THR A 89 -38.07 -16.41 2.66
N ALA A 90 -37.41 -16.98 3.65
CA ALA A 90 -37.50 -16.45 5.02
C ALA A 90 -36.69 -15.16 5.05
N TYR A 91 -37.22 -14.13 5.71
CA TYR A 91 -36.57 -12.82 5.69
C TYR A 91 -35.54 -12.57 6.79
N SER A 92 -35.48 -13.43 7.80
CA SER A 92 -34.53 -13.20 8.90
C SER A 92 -33.81 -14.48 9.30
N SER A 93 -33.51 -15.33 8.33
CA SER A 93 -32.71 -16.52 8.59
C SER A 93 -31.31 -16.05 8.97
N THR A 94 -30.56 -16.93 9.64
CA THR A 94 -29.18 -16.61 10.03
C THR A 94 -28.22 -17.63 9.46
N ARG A 95 -28.78 -18.64 8.77
CA ARG A 95 -28.03 -19.66 8.04
C ARG A 95 -28.81 -20.06 6.80
N PRO A 96 -28.13 -20.60 5.77
CA PRO A 96 -28.88 -21.12 4.63
C PRO A 96 -29.86 -22.18 5.09
N VAL A 97 -31.09 -22.10 4.61
N VAL A 97 -31.08 -22.12 4.58
CA VAL A 97 -32.09 -23.09 4.95
CA VAL A 97 -32.14 -23.07 4.94
C VAL A 97 -31.58 -24.42 4.44
C VAL A 97 -31.87 -24.44 4.31
N GLN A 98 -31.92 -25.49 5.14
CA GLN A 98 -31.57 -26.82 4.70
C GLN A 98 -32.79 -27.57 4.23
N VAL A 99 -32.70 -28.17 3.06
CA VAL A 99 -33.83 -28.85 2.45
C VAL A 99 -33.80 -30.31 2.87
N LEU A 100 -34.93 -30.81 3.34
CA LEU A 100 -34.97 -32.18 3.89
C LEU A 100 -35.74 -33.17 3.00
N SER A 101 -36.32 -32.67 1.90
CA SER A 101 -37.13 -33.50 1.04
C SER A 101 -36.73 -33.36 -0.43
N PRO A 102 -37.12 -34.33 -1.25
CA PRO A 102 -36.81 -34.28 -2.69
C PRO A 102 -37.52 -33.09 -3.34
N GLN A 103 -36.86 -32.46 -4.30
N GLN A 103 -36.85 -32.43 -4.26
CA GLN A 103 -37.44 -31.31 -4.98
CA GLN A 103 -37.43 -31.28 -4.94
C GLN A 103 -38.30 -31.78 -6.13
C GLN A 103 -38.25 -31.75 -6.13
N ILE A 104 -39.52 -32.20 -5.80
N ILE A 104 -39.50 -32.10 -5.86
CA ILE A 104 -40.45 -32.71 -6.79
CA ILE A 104 -40.39 -32.65 -6.86
C ILE A 104 -41.78 -32.03 -6.56
C ILE A 104 -41.81 -32.15 -6.58
N ALA A 105 -42.52 -31.77 -7.64
CA ALA A 105 -43.83 -31.14 -7.49
C ALA A 105 -44.94 -31.92 -8.20
N VAL A 106 -46.18 -31.63 -7.84
CA VAL A 106 -47.32 -32.24 -8.53
C VAL A 106 -47.96 -31.18 -9.43
N VAL A 107 -48.08 -31.50 -10.71
CA VAL A 107 -48.71 -30.62 -11.68
C VAL A 107 -50.05 -31.19 -12.12
N THR A 108 -51.09 -30.36 -12.12
CA THR A 108 -52.43 -30.79 -12.48
C THR A 108 -52.89 -30.16 -13.79
N HIS A 109 -53.78 -30.84 -14.50
CA HIS A 109 -54.14 -30.47 -15.87
C HIS A 109 -54.74 -29.07 -16.04
N ASP A 110 -55.22 -28.49 -14.95
CA ASP A 110 -55.73 -27.12 -15.00
C ASP A 110 -54.59 -26.10 -14.84
N GLY A 111 -53.36 -26.60 -14.77
CA GLY A 111 -52.18 -25.75 -14.64
C GLY A 111 -51.72 -25.47 -13.22
N SER A 112 -52.41 -26.04 -12.24
N SER A 112 -52.41 -26.05 -12.25
CA SER A 112 -52.05 -25.81 -10.85
CA SER A 112 -52.06 -25.87 -10.85
C SER A 112 -50.84 -26.65 -10.45
C SER A 112 -50.78 -26.64 -10.51
N VAL A 113 -49.98 -26.06 -9.63
CA VAL A 113 -48.78 -26.74 -9.16
C VAL A 113 -48.84 -26.81 -7.63
N MET A 114 -48.44 -27.95 -7.07
N MET A 114 -48.42 -27.96 -7.09
CA MET A 114 -48.32 -28.07 -5.61
CA MET A 114 -48.31 -28.14 -5.64
C MET A 114 -46.93 -28.58 -5.25
C MET A 114 -46.90 -28.57 -5.29
N PHE A 115 -46.23 -27.78 -4.45
CA PHE A 115 -44.85 -28.04 -4.09
C PHE A 115 -44.72 -27.91 -2.57
N ILE A 116 -44.18 -28.93 -1.92
CA ILE A 116 -44.10 -28.96 -0.47
C ILE A 116 -42.71 -29.31 0.03
N PRO A 117 -41.78 -28.34 -0.03
CA PRO A 117 -40.45 -28.60 0.51
C PRO A 117 -40.45 -28.67 2.04
N ALA A 118 -39.78 -29.68 2.61
CA ALA A 118 -39.50 -29.71 4.04
C ALA A 118 -38.15 -29.04 4.26
N GLN A 119 -38.05 -28.25 5.33
CA GLN A 119 -36.88 -27.44 5.58
C GLN A 119 -36.53 -27.38 7.06
N ARG A 120 -35.25 -27.19 7.34
CA ARG A 120 -34.82 -26.75 8.66
C ARG A 120 -34.30 -25.32 8.54
N LEU A 121 -34.86 -24.43 9.36
CA LEU A 121 -34.55 -23.00 9.30
C LEU A 121 -33.98 -22.51 10.63
N SER A 122 -32.86 -21.79 10.59
CA SER A 122 -32.38 -21.06 11.76
C SER A 122 -32.75 -19.60 11.55
N PHE A 123 -33.42 -18.99 12.52
CA PHE A 123 -33.84 -17.60 12.38
C PHE A 123 -33.69 -16.84 13.68
N MET A 124 -33.84 -15.52 13.59
CA MET A 124 -33.56 -14.64 14.69
C MET A 124 -34.70 -14.65 15.71
N CYS A 125 -34.39 -15.06 16.94
CA CYS A 125 -35.37 -15.03 18.01
C CYS A 125 -34.73 -15.11 19.38
N ASP A 126 -35.17 -14.22 20.25
CA ASP A 126 -34.72 -14.16 21.62
C ASP A 126 -35.63 -15.05 22.44
N PRO A 127 -35.09 -16.18 22.92
CA PRO A 127 -35.91 -17.17 23.64
C PRO A 127 -36.19 -16.80 25.09
N THR A 128 -35.69 -15.65 25.55
CA THR A 128 -35.88 -15.29 26.96
C THR A 128 -37.32 -15.52 27.42
N GLY A 129 -37.49 -16.33 28.46
CA GLY A 129 -38.80 -16.63 29.01
C GLY A 129 -39.39 -17.95 28.54
N VAL A 130 -38.65 -18.67 27.69
CA VAL A 130 -39.12 -19.93 27.12
C VAL A 130 -39.30 -20.99 28.22
N ASP A 131 -38.55 -20.84 29.29
CA ASP A 131 -38.60 -21.79 30.40
C ASP A 131 -39.72 -21.47 31.40
N SER A 132 -40.51 -20.45 31.12
CA SER A 132 -41.61 -20.05 31.99
C SER A 132 -42.94 -20.69 31.57
N GLU A 133 -44.03 -20.27 32.21
CA GLU A 133 -45.37 -20.78 31.90
C GLU A 133 -45.99 -20.00 30.75
N GLU A 134 -45.62 -18.72 30.63
CA GLU A 134 -46.11 -17.88 29.55
C GLU A 134 -45.39 -18.20 28.24
N GLY A 135 -44.21 -18.81 28.34
CA GLY A 135 -43.42 -19.15 27.18
C GLY A 135 -42.85 -17.90 26.52
N VAL A 136 -42.63 -17.98 25.22
CA VAL A 136 -42.07 -16.88 24.46
C VAL A 136 -42.68 -16.83 23.07
N THR A 137 -42.66 -15.66 22.44
CA THR A 137 -43.13 -15.54 21.07
C THR A 137 -42.00 -15.17 20.13
N CYS A 138 -41.94 -15.86 18.98
CA CYS A 138 -40.98 -15.55 17.93
C CYS A 138 -41.77 -15.33 16.65
N ALA A 139 -41.18 -14.59 15.72
CA ALA A 139 -41.83 -14.34 14.44
C ALA A 139 -40.82 -14.37 13.28
N VAL A 140 -41.24 -14.89 12.14
CA VAL A 140 -40.41 -14.80 10.95
C VAL A 140 -41.30 -14.62 9.73
N LYS A 141 -40.90 -13.71 8.84
CA LYS A 141 -41.65 -13.39 7.64
C LYS A 141 -41.11 -14.17 6.43
N PHE A 142 -42.03 -14.61 5.59
CA PHE A 142 -41.71 -15.30 4.35
C PHE A 142 -42.31 -14.52 3.18
N GLY A 143 -41.61 -14.49 2.05
CA GLY A 143 -42.12 -13.77 0.89
C GLY A 143 -41.13 -13.84 -0.25
N SER A 144 -41.50 -13.30 -1.40
CA SER A 144 -40.59 -13.27 -2.54
C SER A 144 -39.41 -12.38 -2.17
N TRP A 145 -38.22 -12.78 -2.57
CA TRP A 145 -37.06 -11.89 -2.40
C TRP A 145 -37.05 -10.73 -3.42
N VAL A 146 -37.49 -10.97 -4.65
CA VAL A 146 -37.29 -9.97 -5.70
C VAL A 146 -38.56 -9.49 -6.41
N TYR A 147 -39.67 -10.18 -6.19
CA TYR A 147 -40.95 -9.80 -6.80
C TYR A 147 -41.82 -9.02 -5.81
N SER A 148 -42.35 -7.87 -6.26
CA SER A 148 -43.31 -7.09 -5.48
C SER A 148 -44.71 -7.68 -5.58
N GLY A 149 -45.64 -7.13 -4.80
CA GLY A 149 -47.02 -7.57 -4.86
C GLY A 149 -47.66 -7.29 -6.22
N PHE A 150 -47.00 -6.50 -7.07
CA PHE A 150 -47.50 -6.30 -8.44
C PHE A 150 -47.26 -7.54 -9.32
N GLU A 151 -46.26 -8.35 -8.98
CA GLU A 151 -45.97 -9.56 -9.76
C GLU A 151 -46.39 -10.85 -9.06
N ILE A 152 -46.12 -10.93 -7.77
CA ILE A 152 -46.51 -12.09 -6.97
C ILE A 152 -47.30 -11.64 -5.75
N ASP A 153 -48.59 -11.99 -5.73
CA ASP A 153 -49.39 -11.80 -4.52
C ASP A 153 -49.27 -13.08 -3.73
N LEU A 154 -49.46 -12.99 -2.42
CA LEU A 154 -49.47 -14.17 -1.56
C LEU A 154 -50.81 -14.27 -0.88
N LYS A 155 -51.19 -15.49 -0.51
CA LYS A 155 -52.33 -15.63 0.36
C LYS A 155 -52.18 -16.92 1.13
N THR A 156 -52.93 -17.02 2.21
CA THR A 156 -53.00 -18.26 2.97
C THR A 156 -54.43 -18.80 2.89
N ASP A 157 -54.60 -20.09 3.11
CA ASP A 157 -55.93 -20.68 3.11
C ASP A 157 -56.52 -20.57 4.49
N THR A 158 -55.64 -20.48 5.48
CA THR A 158 -56.04 -20.30 6.86
C THR A 158 -54.91 -19.63 7.60
N ASP A 159 -55.25 -18.81 8.59
N ASP A 159 -55.26 -18.81 8.59
CA ASP A 159 -54.22 -18.13 9.35
CA ASP A 159 -54.25 -18.12 9.37
C ASP A 159 -53.74 -18.99 10.52
C ASP A 159 -53.77 -18.97 10.55
N GLN A 160 -54.29 -20.20 10.62
CA GLN A 160 -53.86 -21.16 11.62
C GLN A 160 -52.80 -22.11 11.06
N VAL A 161 -51.60 -22.07 11.62
CA VAL A 161 -50.57 -23.04 11.27
C VAL A 161 -51.04 -24.46 11.60
N ASP A 162 -50.71 -25.39 10.71
CA ASP A 162 -51.07 -26.78 10.89
C ASP A 162 -50.12 -27.43 11.90
N LEU A 163 -50.67 -27.77 13.07
CA LEU A 163 -49.89 -28.40 14.14
C LEU A 163 -50.22 -29.89 14.29
N SER A 164 -51.06 -30.40 13.39
CA SER A 164 -51.56 -31.75 13.55
C SER A 164 -50.44 -32.77 13.37
N SER A 165 -49.26 -32.30 12.94
CA SER A 165 -48.11 -33.18 12.77
C SER A 165 -46.93 -32.83 13.67
N TYR A 166 -47.14 -31.94 14.63
CA TYR A 166 -46.07 -31.54 15.52
C TYR A 166 -45.58 -32.72 16.36
N TYR A 167 -44.27 -32.83 16.50
CA TYR A 167 -43.65 -33.93 17.23
C TYR A 167 -44.12 -33.96 18.68
N ALA A 168 -44.82 -35.04 19.04
CA ALA A 168 -45.41 -35.16 20.37
C ALA A 168 -44.40 -35.13 21.51
N SER A 169 -43.14 -35.44 21.21
CA SER A 169 -42.15 -35.47 22.26
C SER A 169 -41.11 -34.35 22.13
N SER A 170 -41.46 -33.29 21.39
CA SER A 170 -40.56 -32.14 21.28
C SER A 170 -40.11 -31.67 22.68
N LYS A 171 -38.97 -30.99 22.74
CA LYS A 171 -38.54 -30.35 23.96
C LYS A 171 -39.43 -29.13 24.21
N TYR A 172 -40.08 -28.65 23.15
CA TYR A 172 -40.89 -27.45 23.28
C TYR A 172 -42.34 -27.72 22.92
N GLU A 173 -43.22 -27.01 23.62
CA GLU A 173 -44.65 -27.18 23.44
C GLU A 173 -45.20 -25.91 22.81
N ILE A 174 -45.97 -26.06 21.73
CA ILE A 174 -46.52 -24.90 21.04
C ILE A 174 -47.78 -24.43 21.71
N LEU A 175 -47.82 -23.15 22.08
CA LEU A 175 -49.00 -22.56 22.70
C LEU A 175 -49.88 -21.93 21.63
N SER A 176 -49.24 -21.42 20.59
CA SER A 176 -49.94 -20.71 19.54
C SER A 176 -49.07 -20.69 18.29
N ALA A 177 -49.70 -20.73 17.12
CA ALA A 177 -48.95 -20.65 15.88
C ALA A 177 -49.83 -20.16 14.74
N THR A 178 -49.54 -18.96 14.24
CA THR A 178 -50.38 -18.32 13.24
C THR A 178 -49.57 -17.93 12.01
N GLN A 179 -50.23 -17.82 10.87
CA GLN A 179 -49.57 -17.43 9.61
C GLN A 179 -50.43 -16.38 8.92
N THR A 180 -49.95 -15.13 8.88
CA THR A 180 -50.80 -14.00 8.47
C THR A 180 -50.26 -13.19 7.31
N ARG A 181 -51.06 -13.05 6.26
CA ARG A 181 -50.71 -12.20 5.13
C ARG A 181 -50.60 -10.75 5.60
N GLN A 182 -49.52 -10.07 5.21
CA GLN A 182 -49.34 -8.64 5.50
C GLN A 182 -49.03 -7.87 4.24
N VAL A 183 -49.58 -6.67 4.13
CA VAL A 183 -49.24 -5.77 3.03
C VAL A 183 -48.29 -4.71 3.58
N GLN A 184 -47.09 -4.64 3.01
CA GLN A 184 -46.04 -3.72 3.49
C GLN A 184 -45.78 -2.57 2.54
N HIS A 185 -45.63 -1.38 3.09
CA HIS A 185 -45.14 -0.25 2.33
C HIS A 185 -43.67 -0.02 2.71
N TYR A 186 -42.77 -0.04 1.73
CA TYR A 186 -41.36 0.30 1.93
C TYR A 186 -41.12 1.70 1.37
N SER A 187 -40.42 2.53 2.13
CA SER A 187 -40.20 3.93 1.73
C SER A 187 -39.34 4.04 0.47
N CYS A 188 -38.65 2.96 0.13
CA CYS A 188 -37.80 2.95 -1.07
C CYS A 188 -38.62 2.90 -2.34
N CYS A 189 -39.83 2.35 -2.24
CA CYS A 189 -40.49 1.80 -3.41
C CYS A 189 -42.00 2.06 -3.44
N PRO A 190 -42.52 2.43 -4.62
CA PRO A 190 -43.95 2.73 -4.72
C PRO A 190 -44.82 1.47 -4.82
N GLU A 191 -44.24 0.30 -5.08
CA GLU A 191 -45.01 -0.96 -5.15
C GLU A 191 -45.35 -1.50 -3.76
N PRO A 192 -46.51 -2.15 -3.64
CA PRO A 192 -46.83 -2.91 -2.41
C PRO A 192 -45.95 -4.14 -2.32
N TYR A 193 -45.57 -4.51 -1.10
CA TYR A 193 -44.89 -5.77 -0.85
C TYR A 193 -45.75 -6.65 0.04
N ILE A 194 -45.68 -7.95 -0.19
CA ILE A 194 -46.53 -8.88 0.53
C ILE A 194 -45.63 -9.88 1.24
N ASP A 195 -45.96 -10.21 2.48
CA ASP A 195 -45.31 -11.32 3.15
C ASP A 195 -46.31 -12.11 3.98
N VAL A 196 -45.88 -13.26 4.49
CA VAL A 196 -46.68 -14.03 5.41
C VAL A 196 -45.88 -14.10 6.67
N ASN A 197 -46.48 -13.66 7.77
CA ASN A 197 -45.81 -13.55 9.04
C ASN A 197 -46.13 -14.79 9.88
N LEU A 198 -45.11 -15.61 10.11
CA LEU A 198 -45.25 -16.83 10.92
C LEU A 198 -44.91 -16.49 12.36
N VAL A 199 -45.91 -16.53 13.23
CA VAL A 199 -45.75 -16.14 14.64
C VAL A 199 -46.00 -17.37 15.51
N VAL A 200 -44.98 -17.77 16.26
CA VAL A 200 -45.06 -18.99 17.05
C VAL A 200 -44.79 -18.69 18.51
N LYS A 201 -45.74 -19.05 19.36
CA LYS A 201 -45.60 -18.87 20.80
C LYS A 201 -45.38 -20.26 21.39
N PHE A 202 -44.33 -20.41 22.20
CA PHE A 202 -43.93 -21.74 22.67
C PHE A 202 -43.19 -21.66 24.02
N ARG A 203 -43.09 -22.79 24.68
CA ARG A 203 -42.41 -22.89 25.98
C ARG A 203 -41.75 -24.26 26.10
N GLU A 204 -40.81 -24.40 27.03
CA GLU A 204 -40.24 -25.70 27.29
C GLU A 204 -41.34 -26.60 27.83
N ARG A 205 -41.40 -27.83 27.36
CA ARG A 205 -42.44 -28.76 27.83
C ARG A 205 -41.95 -29.57 29.02
N GLN B 1 -46.51 -13.20 -21.14
CA GLN B 1 -45.18 -13.76 -20.95
C GLN B 1 -44.44 -13.86 -22.28
N ALA B 2 -45.18 -13.84 -23.38
CA ALA B 2 -44.57 -13.87 -24.70
C ALA B 2 -43.54 -12.75 -24.88
N ASN B 3 -43.92 -11.53 -24.52
CA ASN B 3 -43.04 -10.39 -24.68
C ASN B 3 -41.77 -10.51 -23.85
N LEU B 4 -41.91 -10.91 -22.59
CA LEU B 4 -40.75 -11.10 -21.73
C LEU B 4 -39.83 -12.19 -22.25
N MET B 5 -40.39 -13.29 -22.74
CA MET B 5 -39.56 -14.34 -23.34
C MET B 5 -38.73 -13.82 -24.54
N ARG B 6 -39.36 -13.01 -25.40
CA ARG B 6 -38.64 -12.40 -26.52
C ARG B 6 -37.49 -11.52 -26.04
N LEU B 7 -37.77 -10.71 -25.03
CA LEU B 7 -36.76 -9.79 -24.50
C LEU B 7 -35.54 -10.52 -23.94
N LYS B 8 -35.78 -11.52 -23.10
CA LYS B 8 -34.67 -12.31 -22.58
C LYS B 8 -33.87 -13.01 -23.71
N SER B 9 -34.58 -13.48 -24.72
CA SER B 9 -33.92 -14.13 -25.85
C SER B 9 -33.03 -13.12 -26.56
N ASP B 10 -33.57 -11.93 -26.81
CA ASP B 10 -32.79 -10.86 -27.44
C ASP B 10 -31.62 -10.40 -26.59
N LEU B 11 -31.82 -10.34 -25.28
CA LEU B 11 -30.75 -9.82 -24.43
C LEU B 11 -29.66 -10.84 -24.21
N PHE B 12 -30.07 -12.11 -24.13
CA PHE B 12 -29.18 -13.15 -23.60
C PHE B 12 -28.69 -14.16 -24.62
N ASN B 13 -29.53 -14.49 -25.60
CA ASN B 13 -29.21 -15.59 -26.51
C ASN B 13 -28.66 -15.16 -27.87
N ARG B 14 -28.24 -13.90 -27.99
CA ARG B 14 -27.74 -13.40 -29.27
C ARG B 14 -26.25 -13.10 -29.29
N SER B 15 -25.77 -12.44 -28.24
CA SER B 15 -24.38 -12.02 -28.19
C SER B 15 -23.66 -12.74 -27.07
N PRO B 16 -22.32 -12.70 -27.05
CA PRO B 16 -21.66 -13.31 -25.89
C PRO B 16 -22.04 -12.56 -24.62
N MET B 17 -21.72 -13.11 -23.46
CA MET B 17 -21.99 -12.40 -22.22
C MET B 17 -21.03 -11.21 -22.17
N TYR B 18 -21.42 -10.17 -21.47
CA TYR B 18 -20.53 -9.05 -21.20
C TYR B 18 -19.30 -9.64 -20.51
N PRO B 19 -18.10 -9.32 -21.01
CA PRO B 19 -16.85 -9.91 -20.51
C PRO B 19 -16.30 -9.18 -19.29
N GLY B 20 -17.09 -8.29 -18.71
CA GLY B 20 -16.61 -7.48 -17.60
C GLY B 20 -15.91 -6.23 -18.11
N PRO B 21 -15.65 -5.29 -17.21
CA PRO B 21 -15.09 -3.98 -17.58
C PRO B 21 -13.60 -4.03 -17.91
N THR B 22 -13.14 -2.99 -18.61
CA THR B 22 -11.72 -2.78 -18.81
C THR B 22 -11.40 -1.30 -18.54
N LYS B 23 -10.13 -0.96 -18.52
CA LYS B 23 -9.71 0.42 -18.30
C LYS B 23 -10.38 1.32 -19.34
N ASP B 24 -10.57 0.79 -20.55
CA ASP B 24 -11.18 1.58 -21.62
C ASP B 24 -12.67 1.73 -21.42
N ASP B 25 -13.29 0.74 -20.80
CA ASP B 25 -14.73 0.81 -20.51
C ASP B 25 -15.03 0.46 -19.05
N PRO B 26 -14.70 1.38 -18.13
CA PRO B 26 -14.86 1.05 -16.71
C PRO B 26 -16.33 1.03 -16.32
N LEU B 27 -16.59 0.49 -15.14
CA LEU B 27 -17.94 0.33 -14.63
C LEU B 27 -17.95 0.83 -13.19
N THR B 28 -19.02 1.46 -12.77
CA THR B 28 -19.15 1.89 -11.39
C THR B 28 -20.18 1.00 -10.71
N VAL B 29 -19.79 0.39 -9.60
CA VAL B 29 -20.71 -0.41 -8.82
C VAL B 29 -21.06 0.32 -7.54
N THR B 30 -22.35 0.48 -7.27
CA THR B 30 -22.79 1.12 -6.04
C THR B 30 -23.11 0.05 -5.00
N LEU B 31 -22.54 0.19 -3.80
CA LEU B 31 -22.79 -0.75 -2.70
C LEU B 31 -23.50 -0.06 -1.57
N GLY B 32 -24.44 -0.78 -0.96
CA GLY B 32 -25.09 -0.32 0.26
C GLY B 32 -25.41 -1.48 1.19
N PHE B 33 -25.20 -1.27 2.48
CA PHE B 33 -25.45 -2.35 3.44
C PHE B 33 -26.67 -2.11 4.31
N THR B 34 -27.42 -3.18 4.52
CA THR B 34 -28.50 -3.20 5.51
C THR B 34 -28.10 -4.23 6.53
N LEU B 35 -27.72 -3.78 7.72
CA LEU B 35 -27.25 -4.70 8.74
C LEU B 35 -28.46 -5.26 9.47
N GLN B 36 -28.56 -6.57 9.49
CA GLN B 36 -29.72 -7.19 10.12
C GLN B 36 -29.41 -7.65 11.53
N ASP B 37 -28.20 -8.14 11.76
CA ASP B 37 -27.87 -8.68 13.06
C ASP B 37 -26.39 -8.98 13.22
N ILE B 38 -25.84 -8.71 14.39
CA ILE B 38 -24.59 -9.29 14.82
C ILE B 38 -25.01 -10.57 15.53
N VAL B 39 -24.76 -11.71 14.89
N VAL B 39 -24.72 -11.72 14.91
CA VAL B 39 -25.24 -12.97 15.43
CA VAL B 39 -25.27 -13.01 15.38
C VAL B 39 -24.35 -13.48 16.55
C VAL B 39 -24.31 -13.88 16.21
N LYS B 40 -23.04 -13.50 16.29
CA LYS B 40 -22.09 -14.21 17.14
C LYS B 40 -20.79 -13.45 17.35
N VAL B 41 -20.23 -13.59 18.54
CA VAL B 41 -18.96 -13.02 18.89
C VAL B 41 -18.11 -14.10 19.58
N ASP B 42 -17.00 -14.48 18.94
CA ASP B 42 -16.10 -15.51 19.48
C ASP B 42 -14.81 -14.85 19.96
N SER B 43 -14.69 -14.70 21.27
N SER B 43 -14.68 -14.71 21.27
CA SER B 43 -13.55 -14.05 21.89
CA SER B 43 -13.54 -14.04 21.87
C SER B 43 -12.29 -14.92 21.86
C SER B 43 -12.29 -14.92 21.92
N SER B 44 -12.47 -16.23 21.69
CA SER B 44 -11.34 -17.14 21.72
C SER B 44 -10.60 -17.14 20.39
N THR B 45 -11.31 -16.82 19.31
CA THR B 45 -10.69 -16.81 18.00
C THR B 45 -10.71 -15.42 17.37
N ASN B 46 -11.27 -14.45 18.08
CA ASN B 46 -11.52 -13.13 17.49
C ASN B 46 -12.24 -13.22 16.13
N GLU B 47 -13.40 -13.85 16.14
CA GLU B 47 -14.28 -13.91 14.97
C GLU B 47 -15.66 -13.39 15.35
N VAL B 48 -16.21 -12.55 14.49
CA VAL B 48 -17.54 -12.01 14.68
C VAL B 48 -18.36 -12.33 13.44
N ASP B 49 -19.62 -12.73 13.64
CA ASP B 49 -20.52 -13.06 12.54
C ASP B 49 -21.61 -12.01 12.37
N LEU B 50 -21.76 -11.48 11.15
CA LEU B 50 -22.83 -10.55 10.81
C LEU B 50 -23.79 -11.16 9.81
N VAL B 51 -25.05 -10.77 9.89
CA VAL B 51 -25.98 -11.01 8.81
C VAL B 51 -26.33 -9.63 8.25
N TYR B 52 -26.22 -9.47 6.93
CA TYR B 52 -26.55 -8.21 6.27
C TYR B 52 -27.08 -8.46 4.85
N TYR B 53 -27.71 -7.45 4.27
CA TYR B 53 -28.08 -7.47 2.85
C TYR B 53 -27.13 -6.54 2.16
N GLU B 54 -26.45 -7.05 1.14
CA GLU B 54 -25.51 -6.23 0.43
C GLU B 54 -26.11 -5.82 -0.92
N GLN B 55 -26.53 -4.57 -1.00
CA GLN B 55 -27.12 -4.09 -2.23
C GLN B 55 -26.02 -3.71 -3.23
N GLN B 56 -26.07 -4.31 -4.42
CA GLN B 56 -25.13 -3.96 -5.48
C GLN B 56 -25.93 -3.42 -6.65
N ARG B 57 -25.42 -2.37 -7.28
CA ARG B 57 -26.08 -1.79 -8.45
C ARG B 57 -25.04 -1.36 -9.46
N TRP B 58 -25.30 -1.64 -10.73
CA TRP B 58 -24.45 -1.20 -11.84
C TRP B 58 -25.33 -1.11 -13.08
N LYS B 59 -24.76 -0.67 -14.19
CA LYS B 59 -25.55 -0.45 -15.39
C LYS B 59 -24.73 -0.86 -16.62
N LEU B 60 -25.36 -1.57 -17.55
CA LEU B 60 -24.67 -1.96 -18.78
C LEU B 60 -25.45 -1.52 -20.02
N ASN B 61 -24.73 -0.94 -20.99
CA ASN B 61 -25.38 -0.61 -22.26
C ASN B 61 -26.00 -1.83 -22.91
N SER B 62 -25.38 -2.99 -22.73
CA SER B 62 -25.84 -4.21 -23.41
C SER B 62 -27.13 -4.76 -22.82
N LEU B 63 -27.55 -4.24 -21.69
CA LEU B 63 -28.78 -4.71 -21.08
C LEU B 63 -29.92 -3.73 -21.30
N MET B 64 -29.75 -2.78 -22.21
CA MET B 64 -30.77 -1.76 -22.47
C MET B 64 -31.83 -2.23 -23.48
N TRP B 65 -33.05 -1.76 -23.30
CA TRP B 65 -34.09 -1.95 -24.32
C TRP B 65 -35.12 -0.86 -24.26
N ASP B 66 -35.90 -0.76 -25.33
CA ASP B 66 -36.99 0.18 -25.42
C ASP B 66 -38.29 -0.56 -25.10
N PRO B 67 -38.94 -0.17 -23.99
CA PRO B 67 -40.19 -0.81 -23.55
C PRO B 67 -41.26 -0.89 -24.64
N ASN B 68 -41.36 0.13 -25.49
CA ASN B 68 -42.33 0.09 -26.58
C ASN B 68 -42.16 -1.14 -27.48
N GLU B 69 -40.94 -1.67 -27.55
CA GLU B 69 -40.67 -2.83 -28.40
C GLU B 69 -40.98 -4.15 -27.70
N TYR B 70 -41.16 -4.09 -26.38
CA TYR B 70 -41.37 -5.31 -25.61
C TYR B 70 -42.57 -5.21 -24.66
N GLY B 71 -43.71 -4.79 -25.21
CA GLY B 71 -44.96 -4.77 -24.49
C GLY B 71 -44.98 -3.91 -23.25
N ASN B 72 -44.28 -2.78 -23.29
CA ASN B 72 -44.20 -1.84 -22.17
C ASN B 72 -43.47 -2.41 -20.94
N ILE B 73 -42.75 -3.50 -21.13
CA ILE B 73 -41.95 -4.07 -20.04
C ILE B 73 -40.84 -3.08 -19.66
N THR B 74 -40.82 -2.66 -18.39
CA THR B 74 -39.78 -1.71 -17.94
C THR B 74 -38.68 -2.35 -17.08
N ASP B 75 -38.97 -3.52 -16.52
CA ASP B 75 -37.94 -4.28 -15.80
C ASP B 75 -38.35 -5.73 -15.69
N PHE B 76 -37.41 -6.61 -15.34
CA PHE B 76 -37.72 -8.02 -15.19
C PHE B 76 -36.78 -8.68 -14.23
N ARG B 77 -37.17 -9.85 -13.72
CA ARG B 77 -36.35 -10.56 -12.75
C ARG B 77 -35.70 -11.71 -13.46
N THR B 78 -34.45 -12.03 -13.11
CA THR B 78 -33.79 -13.13 -13.78
C THR B 78 -32.67 -13.72 -12.93
N SER B 79 -32.37 -15.00 -13.16
N SER B 79 -32.37 -15.00 -13.16
CA SER B 79 -31.31 -15.67 -12.42
CA SER B 79 -31.29 -15.68 -12.44
C SER B 79 -30.01 -14.88 -12.55
C SER B 79 -30.00 -14.88 -12.56
N ALA B 80 -29.31 -14.70 -11.44
CA ALA B 80 -28.02 -14.04 -11.46
C ALA B 80 -27.04 -14.73 -12.39
N ALA B 81 -27.25 -16.02 -12.65
CA ALA B 81 -26.39 -16.75 -13.59
C ALA B 81 -26.57 -16.29 -15.03
N ASP B 82 -27.66 -15.58 -15.31
CA ASP B 82 -27.94 -15.10 -16.67
C ASP B 82 -27.13 -13.86 -17.03
N ILE B 83 -26.50 -13.25 -16.04
CA ILE B 83 -25.86 -11.97 -16.26
C ILE B 83 -24.47 -11.96 -15.65
N TRP B 84 -23.64 -11.03 -16.11
CA TRP B 84 -22.36 -10.77 -15.48
C TRP B 84 -22.64 -10.17 -14.11
N THR B 85 -21.85 -10.53 -13.10
CA THR B 85 -21.92 -9.85 -11.80
C THR B 85 -20.52 -9.50 -11.27
N PRO B 86 -20.42 -8.39 -10.53
CA PRO B 86 -19.08 -7.98 -10.08
C PRO B 86 -18.57 -8.90 -8.94
N ASP B 87 -17.24 -9.06 -8.85
CA ASP B 87 -16.60 -9.93 -7.85
C ASP B 87 -16.34 -9.21 -6.51
N ILE B 88 -17.39 -8.58 -5.98
CA ILE B 88 -17.24 -7.85 -4.72
C ILE B 88 -17.06 -8.87 -3.58
N THR B 89 -16.01 -8.69 -2.79
N THR B 89 -15.99 -8.73 -2.81
CA THR B 89 -15.60 -9.65 -1.78
CA THR B 89 -15.75 -9.66 -1.73
C THR B 89 -15.30 -8.92 -0.47
C THR B 89 -15.26 -8.96 -0.47
N ALA B 90 -15.60 -9.57 0.66
CA ALA B 90 -15.15 -9.07 1.96
C ALA B 90 -13.68 -9.45 2.05
N TYR B 91 -12.83 -8.51 2.43
CA TYR B 91 -11.39 -8.77 2.36
C TYR B 91 -10.77 -9.53 3.51
N SER B 92 -11.46 -9.62 4.63
CA SER B 92 -10.82 -10.36 5.72
C SER B 92 -11.78 -11.35 6.34
N SER B 93 -12.56 -12.02 5.49
CA SER B 93 -13.43 -13.07 5.99
C SER B 93 -12.56 -14.17 6.52
N THR B 94 -13.11 -15.04 7.37
CA THR B 94 -12.34 -16.18 7.89
C THR B 94 -12.99 -17.51 7.50
N ARG B 95 -14.16 -17.43 6.90
CA ARG B 95 -14.91 -18.57 6.37
C ARG B 95 -15.61 -18.13 5.10
N PRO B 96 -15.93 -19.09 4.21
CA PRO B 96 -16.70 -18.69 3.03
C PRO B 96 -18.01 -18.03 3.47
N VAL B 97 -18.39 -16.95 2.79
CA VAL B 97 -19.65 -16.25 3.05
C VAL B 97 -20.80 -17.20 2.76
N GLN B 98 -21.85 -17.15 3.58
CA GLN B 98 -23.01 -18.00 3.36
C GLN B 98 -24.15 -17.19 2.79
N VAL B 99 -24.72 -17.65 1.68
CA VAL B 99 -25.75 -16.92 0.96
C VAL B 99 -27.11 -17.31 1.52
N LEU B 100 -27.93 -16.33 1.88
CA LEU B 100 -29.19 -16.58 2.57
C LEU B 100 -30.42 -16.27 1.71
N SER B 101 -30.20 -15.72 0.52
CA SER B 101 -31.31 -15.32 -0.33
C SER B 101 -31.12 -15.89 -1.74
N PRO B 102 -32.20 -15.94 -2.53
CA PRO B 102 -32.16 -16.47 -3.90
C PRO B 102 -31.25 -15.65 -4.83
N GLN B 103 -30.54 -16.34 -5.71
CA GLN B 103 -29.61 -15.66 -6.60
C GLN B 103 -30.34 -15.16 -7.84
N ILE B 104 -31.09 -14.08 -7.66
CA ILE B 104 -31.91 -13.52 -8.71
C ILE B 104 -31.69 -12.02 -8.65
N ALA B 105 -31.66 -11.38 -9.82
CA ALA B 105 -31.45 -9.93 -9.86
C ALA B 105 -32.61 -9.26 -10.60
N VAL B 106 -32.66 -7.94 -10.53
CA VAL B 106 -33.69 -7.20 -11.26
C VAL B 106 -33.00 -6.36 -12.32
N VAL B 107 -33.44 -6.48 -13.56
CA VAL B 107 -32.84 -5.73 -14.66
C VAL B 107 -33.85 -4.70 -15.12
N THR B 108 -33.40 -3.46 -15.28
CA THR B 108 -34.27 -2.37 -15.68
C THR B 108 -33.91 -1.88 -17.09
N HIS B 109 -34.89 -1.29 -17.78
CA HIS B 109 -34.78 -1.02 -19.22
C HIS B 109 -33.67 -0.02 -19.56
N ASP B 110 -33.19 0.73 -18.58
CA ASP B 110 -32.04 1.61 -18.82
C ASP B 110 -30.73 0.83 -18.71
N GLY B 111 -30.83 -0.48 -18.51
CA GLY B 111 -29.64 -1.32 -18.41
C GLY B 111 -29.10 -1.39 -16.99
N SER B 112 -29.85 -0.87 -16.04
N SER B 112 -29.81 -0.84 -16.03
CA SER B 112 -29.45 -0.94 -14.64
CA SER B 112 -29.34 -0.93 -14.65
C SER B 112 -29.72 -2.32 -14.09
C SER B 112 -29.72 -2.27 -14.05
N VAL B 113 -28.85 -2.77 -13.19
CA VAL B 113 -29.05 -4.05 -12.53
C VAL B 113 -29.04 -3.80 -11.02
N MET B 114 -29.97 -4.44 -10.33
N MET B 114 -29.95 -4.43 -10.31
CA MET B 114 -29.98 -4.48 -8.89
CA MET B 114 -29.89 -4.41 -8.85
C MET B 114 -29.86 -5.92 -8.43
C MET B 114 -29.97 -5.82 -8.29
N PHE B 115 -28.95 -6.18 -7.50
CA PHE B 115 -28.76 -7.54 -6.99
C PHE B 115 -28.50 -7.40 -5.51
N ILE B 116 -29.26 -8.09 -4.69
CA ILE B 116 -29.15 -7.89 -3.25
C ILE B 116 -29.00 -9.23 -2.53
N PRO B 117 -27.78 -9.77 -2.52
CA PRO B 117 -27.56 -11.01 -1.76
C PRO B 117 -27.53 -10.76 -0.23
N ALA B 118 -28.39 -11.48 0.48
CA ALA B 118 -28.32 -11.52 1.95
C ALA B 118 -27.26 -12.55 2.32
N GLN B 119 -26.38 -12.18 3.25
CA GLN B 119 -25.23 -12.99 3.56
C GLN B 119 -24.97 -13.10 5.07
N ARG B 120 -24.35 -14.20 5.47
CA ARG B 120 -23.75 -14.31 6.80
C ARG B 120 -22.24 -14.38 6.65
N LEU B 121 -21.54 -13.47 7.31
CA LEU B 121 -20.09 -13.30 7.18
C LEU B 121 -19.40 -13.49 8.50
N SER B 122 -18.35 -14.32 8.52
CA SER B 122 -17.44 -14.37 9.65
C SER B 122 -16.18 -13.60 9.31
N PHE B 123 -15.81 -12.68 10.19
CA PHE B 123 -14.60 -11.93 9.94
C PHE B 123 -13.79 -11.67 11.19
N MET B 124 -12.58 -11.18 10.94
CA MET B 124 -11.59 -10.89 11.95
C MET B 124 -11.92 -9.64 12.75
N CYS B 125 -12.18 -9.81 14.05
CA CYS B 125 -12.35 -8.66 14.93
C CYS B 125 -12.17 -9.05 16.37
N ASP B 126 -11.49 -8.19 17.10
CA ASP B 126 -11.25 -8.37 18.52
C ASP B 126 -12.37 -7.70 19.30
N PRO B 127 -13.22 -8.51 19.95
CA PRO B 127 -14.44 -8.03 20.60
C PRO B 127 -14.22 -7.56 22.03
N THR B 128 -12.97 -7.46 22.43
CA THR B 128 -12.65 -6.94 23.76
C THR B 128 -13.37 -5.62 24.00
N GLY B 129 -14.12 -5.55 25.10
CA GLY B 129 -14.84 -4.34 25.45
C GLY B 129 -16.28 -4.35 24.98
N VAL B 130 -16.71 -5.43 24.32
CA VAL B 130 -18.08 -5.51 23.81
C VAL B 130 -19.09 -5.51 24.97
N ASP B 131 -18.62 -5.94 26.13
CA ASP B 131 -19.46 -6.01 27.32
C ASP B 131 -19.30 -4.76 28.18
N SER B 132 -19.07 -3.61 27.54
CA SER B 132 -18.96 -2.34 28.26
C SER B 132 -19.99 -1.36 27.72
N GLU B 133 -20.14 -0.23 28.40
CA GLU B 133 -21.08 0.78 27.93
C GLU B 133 -20.54 1.42 26.65
N GLU B 134 -19.22 1.36 26.47
CA GLU B 134 -18.53 1.97 25.34
C GLU B 134 -18.58 1.10 24.10
N GLY B 135 -18.77 -0.20 24.30
CA GLY B 135 -18.78 -1.15 23.20
C GLY B 135 -17.42 -1.31 22.54
N VAL B 136 -17.44 -1.86 21.32
CA VAL B 136 -16.22 -2.12 20.57
C VAL B 136 -16.47 -1.77 19.11
N THR B 137 -15.40 -1.46 18.39
CA THR B 137 -15.51 -1.12 16.97
C THR B 137 -14.79 -2.17 16.14
N CYS B 138 -15.47 -2.64 15.10
CA CYS B 138 -14.88 -3.56 14.15
C CYS B 138 -15.13 -3.03 12.75
N ALA B 139 -14.22 -3.36 11.84
CA ALA B 139 -14.35 -2.93 10.45
C ALA B 139 -14.06 -4.08 9.49
N VAL B 140 -14.70 -4.05 8.33
CA VAL B 140 -14.44 -5.01 7.26
C VAL B 140 -14.49 -4.27 5.95
N LYS B 141 -13.54 -4.53 5.06
CA LYS B 141 -13.50 -3.87 3.78
C LYS B 141 -14.09 -4.77 2.72
N PHE B 142 -14.79 -4.15 1.78
CA PHE B 142 -15.39 -4.86 0.66
C PHE B 142 -14.87 -4.24 -0.63
N GLY B 143 -14.60 -5.07 -1.63
CA GLY B 143 -14.28 -4.51 -2.95
C GLY B 143 -14.01 -5.62 -3.94
N SER B 144 -13.65 -5.26 -5.16
CA SER B 144 -13.32 -6.25 -6.18
C SER B 144 -12.09 -7.02 -5.75
N TRP B 145 -12.05 -8.31 -6.08
CA TRP B 145 -10.87 -9.10 -5.81
C TRP B 145 -9.83 -8.86 -6.88
N VAL B 146 -10.24 -8.68 -8.13
CA VAL B 146 -9.26 -8.65 -9.22
C VAL B 146 -9.24 -7.39 -10.09
N TYR B 147 -10.23 -6.51 -9.95
CA TYR B 147 -10.29 -5.29 -10.77
C TYR B 147 -9.79 -4.06 -10.00
N SER B 148 -8.87 -3.30 -10.59
CA SER B 148 -8.44 -2.04 -9.98
C SER B 148 -9.52 -0.97 -10.08
N GLY B 149 -9.28 0.20 -9.49
CA GLY B 149 -10.23 1.29 -9.62
C GLY B 149 -10.30 1.87 -11.04
N PHE B 150 -9.32 1.54 -11.88
CA PHE B 150 -9.41 1.84 -13.32
C PHE B 150 -10.48 1.04 -14.06
N GLU B 151 -10.82 -0.14 -13.54
CA GLU B 151 -11.85 -0.98 -14.16
C GLU B 151 -13.18 -0.92 -13.43
N ILE B 152 -13.16 -1.06 -12.10
CA ILE B 152 -14.39 -0.95 -11.34
C ILE B 152 -14.24 0.16 -10.31
N ASP B 153 -15.07 1.18 -10.42
CA ASP B 153 -15.08 2.21 -9.38
C ASP B 153 -16.23 1.85 -8.45
N LEU B 154 -16.05 2.08 -7.16
CA LEU B 154 -17.10 1.76 -6.20
C LEU B 154 -17.63 3.04 -5.66
N LYS B 155 -18.91 3.05 -5.32
CA LYS B 155 -19.46 4.18 -4.58
C LYS B 155 -20.55 3.69 -3.64
N THR B 156 -20.90 4.54 -2.68
CA THR B 156 -22.08 4.33 -1.85
C THR B 156 -23.00 5.50 -2.12
N ASP B 157 -24.29 5.33 -1.88
CA ASP B 157 -25.23 6.45 -2.00
C ASP B 157 -25.23 7.29 -0.74
N THR B 158 -24.87 6.66 0.38
CA THR B 158 -24.73 7.36 1.66
C THR B 158 -23.66 6.66 2.47
N ASP B 159 -23.06 7.38 3.41
CA ASP B 159 -22.08 6.78 4.30
C ASP B 159 -22.76 6.14 5.51
N GLN B 160 -24.08 6.26 5.60
CA GLN B 160 -24.82 5.69 6.72
C GLN B 160 -25.37 4.30 6.41
N VAL B 161 -24.94 3.32 7.18
CA VAL B 161 -25.44 1.96 7.00
C VAL B 161 -26.91 1.93 7.35
N ASP B 162 -27.69 1.20 6.56
CA ASP B 162 -29.14 1.10 6.80
C ASP B 162 -29.35 0.24 8.04
N LEU B 163 -29.80 0.86 9.13
CA LEU B 163 -30.09 0.13 10.36
C LEU B 163 -31.60 -0.04 10.59
N SER B 164 -32.41 0.41 9.63
CA SER B 164 -33.87 0.40 9.75
C SER B 164 -34.49 -0.98 9.84
N SER B 165 -33.70 -2.01 9.51
CA SER B 165 -34.16 -3.39 9.62
C SER B 165 -33.35 -4.21 10.64
N TYR B 166 -32.57 -3.53 11.46
CA TYR B 166 -31.79 -4.23 12.48
C TYR B 166 -32.71 -4.94 13.46
N TYR B 167 -32.40 -6.20 13.75
CA TYR B 167 -33.22 -7.04 14.63
C TYR B 167 -33.40 -6.41 16.02
N ALA B 168 -34.65 -6.18 16.41
CA ALA B 168 -34.96 -5.41 17.62
C ALA B 168 -34.50 -6.06 18.92
N SER B 169 -34.35 -7.37 18.91
CA SER B 169 -33.97 -8.10 20.11
C SER B 169 -32.61 -8.81 19.99
N SER B 170 -31.72 -8.25 19.17
CA SER B 170 -30.37 -8.78 19.05
C SER B 170 -29.67 -8.81 20.41
N LYS B 171 -28.74 -9.74 20.60
CA LYS B 171 -27.86 -9.70 21.76
C LYS B 171 -27.01 -8.43 21.76
N TYR B 172 -26.89 -7.77 20.60
CA TYR B 172 -26.06 -6.57 20.49
C TYR B 172 -26.78 -5.30 20.00
N GLU B 173 -26.56 -4.18 20.69
CA GLU B 173 -27.05 -2.87 20.25
C GLU B 173 -26.05 -2.21 19.32
N ILE B 174 -26.54 -1.59 18.25
CA ILE B 174 -25.64 -0.87 17.35
C ILE B 174 -25.49 0.58 17.79
N LEU B 175 -24.27 0.96 18.12
CA LEU B 175 -23.98 2.33 18.49
C LEU B 175 -23.86 3.20 17.23
N SER B 176 -23.31 2.61 16.17
CA SER B 176 -23.18 3.29 14.89
C SER B 176 -22.71 2.30 13.83
N ALA B 177 -22.99 2.63 12.58
CA ALA B 177 -22.56 1.83 11.46
C ALA B 177 -22.41 2.70 10.23
N THR B 178 -21.22 2.69 9.64
CA THR B 178 -20.94 3.56 8.50
C THR B 178 -20.32 2.73 7.36
N GLN B 179 -20.47 3.21 6.14
CA GLN B 179 -19.93 2.53 4.97
C GLN B 179 -19.26 3.61 4.15
N THR B 180 -17.94 3.53 4.02
CA THR B 180 -17.21 4.64 3.44
C THR B 180 -16.31 4.21 2.28
N ARG B 181 -16.52 4.84 1.12
CA ARG B 181 -15.65 4.62 -0.02
C ARG B 181 -14.23 5.11 0.30
N GLN B 182 -13.23 4.27 0.06
CA GLN B 182 -11.84 4.65 0.29
C GLN B 182 -11.05 4.47 -0.98
N VAL B 183 -10.20 5.44 -1.30
CA VAL B 183 -9.28 5.29 -2.40
C VAL B 183 -7.97 4.78 -1.81
N GLN B 184 -7.51 3.62 -2.27
CA GLN B 184 -6.33 2.97 -1.68
C GLN B 184 -5.11 3.01 -2.59
N HIS B 185 -3.96 3.28 -1.99
CA HIS B 185 -2.68 3.18 -2.69
C HIS B 185 -1.92 1.97 -2.20
N TYR B 186 -1.65 1.03 -3.10
CA TYR B 186 -0.80 -0.13 -2.82
C TYR B 186 0.56 0.11 -3.46
N SER B 187 1.63 -0.22 -2.77
CA SER B 187 2.97 0.08 -3.28
C SER B 187 3.40 -0.84 -4.41
N CYS B 188 2.60 -1.87 -4.67
CA CYS B 188 2.88 -2.81 -5.75
C CYS B 188 2.58 -2.20 -7.10
N CYS B 189 1.61 -1.27 -7.12
CA CYS B 189 0.86 -0.94 -8.33
C CYS B 189 0.57 0.55 -8.50
N PRO B 190 0.79 1.09 -9.71
CA PRO B 190 0.49 2.50 -9.92
C PRO B 190 -1.02 2.80 -10.01
N GLU B 191 -1.84 1.79 -10.23
CA GLU B 191 -3.28 2.01 -10.38
C GLU B 191 -3.90 2.18 -9.02
N PRO B 192 -4.95 3.00 -8.92
CA PRO B 192 -5.69 3.14 -7.65
C PRO B 192 -6.57 1.92 -7.40
N TYR B 193 -6.76 1.58 -6.13
CA TYR B 193 -7.70 0.57 -5.71
C TYR B 193 -8.79 1.23 -4.86
N ILE B 194 -10.00 0.67 -4.91
CA ILE B 194 -11.13 1.27 -4.22
C ILE B 194 -11.79 0.19 -3.37
N ASP B 195 -12.14 0.53 -2.14
CA ASP B 195 -12.87 -0.38 -1.30
C ASP B 195 -13.90 0.39 -0.48
N VAL B 196 -14.85 -0.32 0.10
CA VAL B 196 -15.84 0.31 0.96
C VAL B 196 -15.61 -0.25 2.36
N ASN B 197 -15.38 0.65 3.31
CA ASN B 197 -15.05 0.25 4.67
C ASN B 197 -16.32 0.22 5.51
N LEU B 198 -16.71 -0.97 5.95
CA LEU B 198 -17.91 -1.09 6.77
C LEU B 198 -17.46 -1.06 8.22
N VAL B 199 -17.84 -0.04 8.97
CA VAL B 199 -17.37 0.10 10.35
C VAL B 199 -18.54 0.05 11.29
N VAL B 200 -18.52 -0.91 12.21
CA VAL B 200 -19.66 -1.12 13.08
C VAL B 200 -19.19 -1.02 14.54
N LYS B 201 -19.85 -0.14 15.31
CA LYS B 201 -19.63 0.00 16.74
C LYS B 201 -20.81 -0.61 17.45
N PHE B 202 -20.53 -1.50 18.40
CA PHE B 202 -21.61 -2.22 19.07
C PHE B 202 -21.23 -2.64 20.47
N ARG B 203 -22.23 -3.04 21.24
CA ARG B 203 -22.01 -3.50 22.61
C ARG B 203 -23.05 -4.52 23.02
N GLU B 204 -22.77 -5.29 24.07
CA GLU B 204 -23.72 -6.28 24.55
C GLU B 204 -25.04 -5.60 24.95
N ARG B 205 -26.14 -6.28 24.65
CA ARG B 205 -27.49 -5.84 25.02
C ARG B 205 -27.70 -4.35 24.80
N GLN C 1 -15.98 -3.41 -25.02
CA GLN C 1 -16.38 -4.79 -24.73
C GLN C 1 -16.05 -5.64 -25.95
N ALA C 2 -16.27 -5.07 -27.13
CA ALA C 2 -16.15 -5.83 -28.38
C ALA C 2 -14.78 -6.48 -28.55
N ASN C 3 -13.71 -5.70 -28.42
CA ASN C 3 -12.36 -6.24 -28.58
C ASN C 3 -12.04 -7.36 -27.59
N LEU C 4 -12.43 -7.17 -26.33
CA LEU C 4 -12.17 -8.21 -25.32
C LEU C 4 -12.99 -9.47 -25.64
N MET C 5 -14.23 -9.31 -26.08
CA MET C 5 -15.04 -10.47 -26.42
C MET C 5 -14.35 -11.25 -27.54
N ARG C 6 -13.83 -10.53 -28.53
N ARG C 6 -13.80 -10.52 -28.50
CA ARG C 6 -13.10 -11.16 -29.63
CA ARG C 6 -13.10 -11.11 -29.63
C ARG C 6 -11.91 -11.93 -29.09
C ARG C 6 -11.88 -11.88 -29.15
N LEU C 7 -11.12 -11.27 -28.25
CA LEU C 7 -9.90 -11.87 -27.71
C LEU C 7 -10.20 -13.16 -26.96
N LYS C 8 -11.23 -13.13 -26.11
CA LYS C 8 -11.55 -14.33 -25.34
C LYS C 8 -12.01 -15.49 -26.23
N SER C 9 -12.74 -15.17 -27.29
N SER C 9 -12.74 -15.16 -27.28
CA SER C 9 -13.24 -16.21 -28.18
CA SER C 9 -13.25 -16.17 -28.20
C SER C 9 -12.07 -16.81 -28.94
C SER C 9 -12.06 -16.81 -28.92
N ASP C 10 -11.14 -15.97 -29.37
CA ASP C 10 -9.93 -16.44 -30.06
C ASP C 10 -9.01 -17.27 -29.18
N LEU C 11 -8.90 -16.89 -27.91
CA LEU C 11 -8.04 -17.62 -26.97
C LEU C 11 -8.72 -18.88 -26.46
N PHE C 12 -10.03 -18.85 -26.30
CA PHE C 12 -10.71 -19.92 -25.59
C PHE C 12 -11.59 -20.86 -26.44
N ASN C 13 -12.07 -20.35 -27.56
CA ASN C 13 -13.08 -21.08 -28.33
C ASN C 13 -12.58 -21.77 -29.60
N ARG C 14 -11.32 -21.55 -29.96
CA ARG C 14 -10.78 -22.15 -31.18
C ARG C 14 -10.02 -23.45 -30.93
N SER C 15 -9.14 -23.46 -29.94
CA SER C 15 -8.31 -24.62 -29.66
C SER C 15 -8.76 -25.31 -28.38
N PRO C 16 -8.39 -26.60 -28.23
CA PRO C 16 -8.68 -27.31 -26.97
C PRO C 16 -7.91 -26.67 -25.82
N MET C 17 -8.39 -26.85 -24.60
CA MET C 17 -7.67 -26.28 -23.47
C MET C 17 -6.25 -26.81 -23.45
N TYR C 18 -5.33 -26.01 -22.93
CA TYR C 18 -3.98 -26.48 -22.65
C TYR C 18 -4.14 -27.74 -21.80
N PRO C 19 -3.44 -28.82 -22.17
CA PRO C 19 -3.58 -30.10 -21.48
C PRO C 19 -2.65 -30.26 -20.28
N GLY C 20 -1.98 -29.18 -19.88
CA GLY C 20 -1.03 -29.26 -18.79
C GLY C 20 0.36 -29.52 -19.32
N PRO C 21 1.38 -29.37 -18.45
CA PRO C 21 2.77 -29.55 -18.88
C PRO C 21 3.19 -31.02 -18.98
N THR C 22 4.33 -31.25 -19.65
CA THR C 22 4.92 -32.57 -19.78
C THR C 22 6.44 -32.42 -19.64
N LYS C 23 7.16 -33.52 -19.61
CA LYS C 23 8.60 -33.45 -19.47
C LYS C 23 9.26 -32.71 -20.63
N ASP C 24 8.61 -32.74 -21.79
CA ASP C 24 9.06 -32.03 -23.00
C ASP C 24 8.70 -30.55 -23.01
N ASP C 25 7.61 -30.21 -22.32
N ASP C 25 7.61 -30.20 -22.33
CA ASP C 25 7.09 -28.85 -22.26
CA ASP C 25 7.17 -28.82 -22.27
C ASP C 25 6.83 -28.48 -20.79
C ASP C 25 6.86 -28.46 -20.82
N PRO C 26 7.89 -28.42 -19.98
CA PRO C 26 7.74 -28.19 -18.53
C PRO C 26 7.33 -26.76 -18.23
N LEU C 27 6.88 -26.53 -17.00
CA LEU C 27 6.35 -25.24 -16.61
C LEU C 27 6.86 -24.89 -15.23
N THR C 28 7.18 -23.62 -15.03
CA THR C 28 7.60 -23.14 -13.73
C THR C 28 6.43 -22.39 -13.07
N VAL C 29 6.04 -22.79 -11.87
CA VAL C 29 5.02 -22.04 -11.13
C VAL C 29 5.65 -21.28 -9.97
N THR C 30 5.44 -19.97 -9.90
CA THR C 30 5.98 -19.20 -8.80
C THR C 30 4.89 -19.03 -7.74
N LEU C 31 5.23 -19.32 -6.48
CA LEU C 31 4.32 -19.20 -5.34
C LEU C 31 4.77 -18.12 -4.37
N GLY C 32 3.83 -17.39 -3.81
CA GLY C 32 4.12 -16.46 -2.74
C GLY C 32 2.96 -16.39 -1.77
N PHE C 33 3.23 -16.47 -0.47
CA PHE C 33 2.16 -16.46 0.51
C PHE C 33 2.04 -15.11 1.19
N THR C 34 0.80 -14.66 1.35
CA THR C 34 0.49 -13.55 2.23
C THR C 34 -0.32 -14.12 3.39
N LEU C 35 0.22 -14.04 4.58
CA LEU C 35 -0.45 -14.61 5.73
C LEU C 35 -1.34 -13.54 6.38
N GLN C 36 -2.63 -13.84 6.48
CA GLN C 36 -3.57 -12.87 7.02
C GLN C 36 -3.76 -13.11 8.51
N ASP C 37 -3.93 -14.36 8.90
CA ASP C 37 -4.25 -14.63 10.29
C ASP C 37 -4.12 -16.10 10.64
N ILE C 38 -3.59 -16.37 11.83
CA ILE C 38 -3.72 -17.69 12.40
C ILE C 38 -5.01 -17.63 13.19
N VAL C 39 -6.02 -18.36 12.71
CA VAL C 39 -7.38 -18.17 13.21
C VAL C 39 -7.77 -19.09 14.37
N LYS C 40 -7.34 -20.35 14.31
N LYS C 40 -7.27 -20.32 14.35
CA LYS C 40 -7.65 -21.33 15.34
CA LYS C 40 -7.65 -21.29 15.37
C LYS C 40 -6.44 -22.18 15.69
C LYS C 40 -6.50 -22.26 15.66
N VAL C 41 -6.42 -22.70 16.91
CA VAL C 41 -5.40 -23.61 17.36
C VAL C 41 -6.13 -24.65 18.20
N ASP C 42 -5.97 -25.93 17.87
CA ASP C 42 -6.62 -26.99 18.64
C ASP C 42 -5.59 -27.97 19.22
N SER C 43 -5.35 -27.86 20.52
CA SER C 43 -4.32 -28.64 21.19
C SER C 43 -4.78 -30.05 21.54
N SER C 44 -6.05 -30.34 21.32
CA SER C 44 -6.57 -31.68 21.60
C SER C 44 -6.52 -32.56 20.34
N THR C 45 -6.39 -31.94 19.17
CA THR C 45 -6.29 -32.68 17.91
C THR C 45 -5.01 -32.36 17.15
N ASN C 46 -4.21 -31.42 17.67
CA ASN C 46 -3.05 -30.94 16.93
C ASN C 46 -3.38 -30.49 15.52
N GLU C 47 -4.30 -29.54 15.44
CA GLU C 47 -4.64 -28.88 14.19
C GLU C 47 -4.56 -27.38 14.39
N VAL C 48 -4.01 -26.68 13.40
CA VAL C 48 -4.01 -25.23 13.39
C VAL C 48 -4.62 -24.73 12.09
N ASP C 49 -5.37 -23.64 12.16
CA ASP C 49 -6.06 -23.08 11.00
C ASP C 49 -5.44 -21.76 10.60
N LEU C 50 -5.03 -21.64 9.33
CA LEU C 50 -4.46 -20.40 8.80
C LEU C 50 -5.36 -19.80 7.76
N VAL C 51 -5.42 -18.47 7.71
CA VAL C 51 -5.99 -17.79 6.54
C VAL C 51 -4.84 -17.06 5.83
N TYR C 52 -4.70 -17.32 4.54
CA TYR C 52 -3.65 -16.73 3.71
C TYR C 52 -4.13 -16.52 2.28
N TYR C 53 -3.38 -15.73 1.51
CA TYR C 53 -3.59 -15.60 0.08
C TYR C 53 -2.41 -16.27 -0.57
N GLU C 54 -2.69 -17.19 -1.47
CA GLU C 54 -1.64 -17.91 -2.16
C GLU C 54 -1.51 -17.36 -3.58
N GLN C 55 -0.41 -16.66 -3.83
N GLN C 55 -0.46 -16.59 -3.81
CA GLN C 55 -0.16 -16.04 -5.12
CA GLN C 55 -0.21 -16.08 -5.15
C GLN C 55 0.52 -17.01 -6.09
C GLN C 55 0.38 -17.20 -5.98
N GLN C 56 -0.17 -17.35 -7.18
CA GLN C 56 0.34 -18.31 -8.14
C GLN C 56 0.58 -17.62 -9.47
N ARG C 57 1.72 -17.91 -10.08
CA ARG C 57 2.07 -17.31 -11.36
C ARG C 57 2.74 -18.32 -12.27
N TRP C 58 2.38 -18.27 -13.55
CA TRP C 58 2.97 -19.14 -14.56
C TRP C 58 2.71 -18.47 -15.92
N LYS C 59 3.18 -19.08 -16.99
CA LYS C 59 3.12 -18.46 -18.32
C LYS C 59 2.92 -19.52 -19.39
N LEU C 60 1.94 -19.33 -20.27
CA LEU C 60 1.71 -20.28 -21.37
C LEU C 60 1.84 -19.55 -22.70
N ASN C 61 2.51 -20.18 -23.66
CA ASN C 61 2.61 -19.60 -25.00
C ASN C 61 1.23 -19.48 -25.62
N SER C 62 0.33 -20.38 -25.25
CA SER C 62 -1.02 -20.41 -25.82
C SER C 62 -1.92 -19.27 -25.31
N LEU C 63 -1.45 -18.52 -24.32
CA LEU C 63 -2.24 -17.39 -23.81
C LEU C 63 -1.72 -16.02 -24.28
N MET C 64 -0.83 -16.02 -25.28
CA MET C 64 -0.23 -14.78 -25.75
C MET C 64 -1.04 -14.15 -26.87
N TRP C 65 -1.03 -12.83 -26.97
CA TRP C 65 -1.63 -12.16 -28.11
C TRP C 65 -0.90 -10.85 -28.36
N ASP C 66 -1.15 -10.25 -29.51
CA ASP C 66 -0.60 -8.92 -29.80
C ASP C 66 -1.65 -7.84 -29.50
N PRO C 67 -1.41 -7.00 -28.46
CA PRO C 67 -2.38 -5.97 -28.07
C PRO C 67 -2.86 -5.12 -29.28
N ASN C 68 -1.98 -4.91 -30.24
CA ASN C 68 -2.33 -4.13 -31.44
C ASN C 68 -3.50 -4.72 -32.22
N GLU C 69 -3.70 -6.03 -32.11
CA GLU C 69 -4.77 -6.71 -32.82
C GLU C 69 -6.08 -6.69 -32.05
N TYR C 70 -6.02 -6.21 -30.81
CA TYR C 70 -7.21 -6.25 -29.96
C TYR C 70 -7.39 -4.95 -29.19
N GLY C 71 -7.33 -3.82 -29.90
CA GLY C 71 -7.61 -2.54 -29.28
C GLY C 71 -6.71 -2.19 -28.11
N ASN C 72 -5.46 -2.64 -28.18
CA ASN C 72 -4.47 -2.27 -27.18
C ASN C 72 -4.68 -2.96 -25.84
N ILE C 73 -5.58 -3.92 -25.80
CA ILE C 73 -5.74 -4.71 -24.59
C ILE C 73 -4.43 -5.41 -24.21
N THR C 74 -3.94 -5.15 -22.99
CA THR C 74 -2.67 -5.72 -22.51
C THR C 74 -2.90 -6.84 -21.47
N ASP C 75 -4.06 -6.83 -20.83
CA ASP C 75 -4.42 -7.92 -19.92
C ASP C 75 -5.93 -7.95 -19.67
N PHE C 76 -6.43 -9.07 -19.17
CA PHE C 76 -7.85 -9.17 -18.90
C PHE C 76 -8.09 -10.08 -17.73
N ARG C 77 -9.27 -9.94 -17.12
CA ARG C 77 -9.64 -10.81 -16.02
C ARG C 77 -10.60 -11.84 -16.54
N THR C 78 -10.50 -13.06 -16.03
CA THR C 78 -11.39 -14.14 -16.49
C THR C 78 -11.52 -15.25 -15.44
N SER C 79 -12.65 -15.94 -15.46
CA SER C 79 -12.90 -17.01 -14.50
C SER C 79 -11.77 -18.02 -14.57
N ALA C 80 -11.33 -18.50 -13.41
CA ALA C 80 -10.27 -19.50 -13.38
C ALA C 80 -10.72 -20.75 -14.12
N ALA C 81 -12.03 -20.90 -14.29
CA ALA C 81 -12.57 -22.06 -15.01
C ALA C 81 -12.26 -22.03 -16.50
N ASP C 82 -11.92 -20.86 -17.04
CA ASP C 82 -11.66 -20.72 -18.46
C ASP C 82 -10.26 -21.17 -18.83
N ILE C 83 -9.42 -21.41 -17.83
CA ILE C 83 -8.02 -21.72 -18.11
C ILE C 83 -7.54 -22.93 -17.31
N TRP C 84 -6.42 -23.50 -17.76
CA TRP C 84 -5.71 -24.50 -16.97
C TRP C 84 -5.12 -23.85 -15.74
N THR C 85 -5.18 -24.55 -14.60
CA THR C 85 -4.51 -24.07 -13.39
C THR C 85 -3.74 -25.22 -12.73
N PRO C 86 -2.63 -24.91 -12.07
CA PRO C 86 -1.75 -25.94 -11.51
C PRO C 86 -2.40 -26.58 -10.29
N ASP C 87 -2.07 -27.83 -10.01
CA ASP C 87 -2.72 -28.58 -8.93
C ASP C 87 -1.96 -28.41 -7.61
N ILE C 88 -1.66 -27.17 -7.25
CA ILE C 88 -0.89 -26.90 -6.03
C ILE C 88 -1.71 -27.21 -4.78
N THR C 89 -1.18 -28.06 -3.90
CA THR C 89 -1.92 -28.63 -2.78
C THR C 89 -1.11 -28.64 -1.49
N ALA C 90 -1.77 -28.42 -0.36
CA ALA C 90 -1.09 -28.58 0.93
C ALA C 90 -0.90 -30.07 1.17
N TYR C 91 0.28 -30.48 1.63
CA TYR C 91 0.56 -31.90 1.78
C TYR C 91 0.12 -32.47 3.13
N SER C 92 -0.26 -31.60 4.06
CA SER C 92 -0.67 -32.07 5.38
C SER C 92 -1.95 -31.40 5.92
N SER C 93 -2.90 -31.10 5.03
CA SER C 93 -4.18 -30.59 5.47
C SER C 93 -4.95 -31.69 6.19
N THR C 94 -5.89 -31.30 7.04
CA THR C 94 -6.70 -32.27 7.78
C THR C 94 -8.16 -32.08 7.42
N ARG C 95 -8.43 -31.11 6.55
CA ARG C 95 -9.78 -30.83 6.06
C ARG C 95 -9.70 -30.17 4.69
N PRO C 96 -10.77 -30.29 3.87
CA PRO C 96 -10.75 -29.64 2.55
C PRO C 96 -10.53 -28.15 2.72
N VAL C 97 -9.65 -27.56 1.92
N VAL C 97 -9.65 -27.56 1.92
CA VAL C 97 -9.42 -26.14 2.00
CA VAL C 97 -9.40 -26.14 1.99
C VAL C 97 -10.72 -25.39 1.72
C VAL C 97 -10.69 -25.37 1.67
N GLN C 98 -10.92 -24.27 2.39
CA GLN C 98 -12.08 -23.43 2.13
C GLN C 98 -11.64 -22.18 1.36
N VAL C 99 -12.35 -21.89 0.28
CA VAL C 99 -12.02 -20.80 -0.64
C VAL C 99 -12.74 -19.54 -0.21
N LEU C 100 -11.98 -18.46 0.00
CA LEU C 100 -12.54 -17.25 0.54
C LEU C 100 -12.67 -16.11 -0.48
N SER C 101 -12.21 -16.32 -1.72
CA SER C 101 -12.21 -15.25 -2.74
C SER C 101 -12.74 -15.77 -4.06
N PRO C 102 -13.17 -14.88 -4.96
CA PRO C 102 -13.65 -15.30 -6.29
C PRO C 102 -12.55 -16.04 -7.04
N GLN C 103 -12.91 -17.05 -7.83
CA GLN C 103 -11.93 -17.80 -8.60
C GLN C 103 -11.75 -17.12 -9.95
N ILE C 104 -10.92 -16.10 -9.99
CA ILE C 104 -10.75 -15.28 -11.18
C ILE C 104 -9.28 -14.96 -11.28
N ALA C 105 -8.74 -15.05 -12.48
CA ALA C 105 -7.31 -14.90 -12.68
C ALA C 105 -7.09 -13.73 -13.62
N VAL C 106 -5.87 -13.20 -13.63
CA VAL C 106 -5.50 -12.15 -14.56
C VAL C 106 -4.55 -12.70 -15.61
N VAL C 107 -4.92 -12.52 -16.88
CA VAL C 107 -4.07 -12.99 -17.98
C VAL C 107 -3.46 -11.79 -18.72
N THR C 108 -2.16 -11.86 -19.00
CA THR C 108 -1.45 -10.76 -19.62
C THR C 108 -1.01 -11.18 -21.02
N HIS C 109 -0.89 -10.20 -21.92
CA HIS C 109 -0.64 -10.48 -23.34
C HIS C 109 0.64 -11.25 -23.62
N ASP C 110 1.55 -11.31 -22.66
CA ASP C 110 2.76 -12.10 -22.85
C ASP C 110 2.52 -13.55 -22.47
N GLY C 111 1.27 -13.89 -22.16
CA GLY C 111 0.92 -15.25 -21.82
C GLY C 111 1.01 -15.55 -20.32
N SER C 112 1.39 -14.55 -19.52
CA SER C 112 1.49 -14.82 -18.09
C SER C 112 0.15 -14.75 -17.37
N VAL C 113 0.03 -15.52 -16.29
CA VAL C 113 -1.20 -15.61 -15.54
C VAL C 113 -0.88 -15.33 -14.08
N MET C 114 -1.78 -14.63 -13.41
CA MET C 114 -1.67 -14.42 -11.99
C MET C 114 -3.00 -14.73 -11.36
N PHE C 115 -2.97 -15.58 -10.33
CA PHE C 115 -4.17 -16.11 -9.70
C PHE C 115 -3.88 -16.13 -8.21
N ILE C 116 -4.76 -15.53 -7.41
CA ILE C 116 -4.50 -15.40 -5.96
C ILE C 116 -5.70 -15.86 -5.14
N PRO C 117 -5.86 -17.18 -4.97
CA PRO C 117 -6.96 -17.67 -4.13
C PRO C 117 -6.69 -17.38 -2.64
N ALA C 118 -7.66 -16.75 -1.96
CA ALA C 118 -7.61 -16.64 -0.51
C ALA C 118 -8.24 -17.89 0.08
N GLN C 119 -7.63 -18.43 1.14
CA GLN C 119 -8.04 -19.74 1.65
C GLN C 119 -7.92 -19.83 3.18
N ARG C 120 -8.75 -20.71 3.77
CA ARG C 120 -8.63 -21.08 5.16
C ARG C 120 -8.19 -22.54 5.12
N LEU C 121 -7.09 -22.85 5.80
CA LEU C 121 -6.49 -24.18 5.77
C LEU C 121 -6.35 -24.75 7.18
N SER C 122 -6.81 -25.99 7.38
CA SER C 122 -6.52 -26.72 8.61
C SER C 122 -5.40 -27.69 8.31
N PHE C 123 -4.32 -27.65 9.09
CA PHE C 123 -3.19 -28.54 8.82
C PHE C 123 -2.63 -29.09 10.12
N MET C 124 -1.84 -30.16 10.00
CA MET C 124 -1.33 -30.86 11.17
C MET C 124 -0.26 -30.02 11.85
N CYS C 125 -0.44 -29.77 13.14
CA CYS C 125 0.48 -28.91 13.88
C CYS C 125 0.30 -29.07 15.38
N ASP C 126 1.38 -29.41 16.07
CA ASP C 126 1.37 -29.49 17.53
C ASP C 126 1.69 -28.11 18.07
N PRO C 127 0.70 -27.48 18.72
CA PRO C 127 0.86 -26.09 19.16
C PRO C 127 1.50 -25.96 20.54
N THR C 128 1.96 -27.07 21.11
CA THR C 128 2.55 -27.04 22.43
C THR C 128 3.59 -25.93 22.58
N GLY C 129 3.37 -25.05 23.55
CA GLY C 129 4.26 -23.92 23.79
C GLY C 129 3.80 -22.63 23.13
N VAL C 130 2.63 -22.66 22.49
CA VAL C 130 2.11 -21.47 21.84
C VAL C 130 1.91 -20.37 22.88
N ASP C 131 1.64 -20.79 24.12
CA ASP C 131 1.39 -19.86 25.21
C ASP C 131 2.68 -19.47 25.92
N SER C 132 3.78 -19.40 25.19
CA SER C 132 5.06 -19.03 25.78
C SER C 132 5.68 -17.89 24.99
N GLU C 133 6.78 -17.35 25.51
CA GLU C 133 7.43 -16.20 24.91
C GLU C 133 8.11 -16.55 23.58
N GLU C 134 8.60 -17.79 23.48
CA GLU C 134 9.26 -18.24 22.28
C GLU C 134 8.28 -18.80 21.25
N GLY C 135 7.09 -19.17 21.71
CA GLY C 135 6.06 -19.68 20.83
C GLY C 135 6.35 -21.05 20.24
N VAL C 136 5.64 -21.39 19.16
N VAL C 136 5.65 -21.38 19.16
CA VAL C 136 5.82 -22.67 18.51
CA VAL C 136 5.80 -22.66 18.50
C VAL C 136 6.08 -22.49 17.03
C VAL C 136 6.09 -22.48 17.02
N THR C 137 6.68 -23.50 16.42
CA THR C 137 6.91 -23.50 14.99
C THR C 137 6.12 -24.63 14.38
N CYS C 138 5.35 -24.31 13.35
CA CYS C 138 4.73 -25.35 12.55
C CYS C 138 5.09 -25.14 11.10
N ALA C 139 4.85 -26.16 10.29
CA ALA C 139 5.16 -26.06 8.87
C ALA C 139 4.21 -26.91 8.06
N VAL C 140 4.00 -26.49 6.81
CA VAL C 140 3.24 -27.26 5.85
C VAL C 140 3.87 -27.10 4.46
N LYS C 141 3.98 -28.20 3.73
CA LYS C 141 4.56 -28.19 2.39
C LYS C 141 3.48 -28.00 1.33
N PHE C 142 3.80 -27.24 0.30
CA PHE C 142 2.91 -27.10 -0.86
C PHE C 142 3.59 -27.58 -2.13
N GLY C 143 2.85 -28.28 -2.98
CA GLY C 143 3.38 -28.67 -4.29
C GLY C 143 2.30 -29.27 -5.17
N SER C 144 2.67 -29.59 -6.40
CA SER C 144 1.76 -30.29 -7.28
C SER C 144 1.42 -31.66 -6.69
N TRP C 145 0.17 -32.06 -6.82
CA TRP C 145 -0.23 -33.39 -6.37
C TRP C 145 0.29 -34.49 -7.29
N VAL C 146 0.29 -34.25 -8.60
CA VAL C 146 0.64 -35.34 -9.53
C VAL C 146 1.83 -35.09 -10.45
N TYR C 147 2.35 -33.87 -10.51
CA TYR C 147 3.46 -33.56 -11.41
C TYR C 147 4.81 -33.52 -10.70
N SER C 148 5.81 -34.17 -11.27
CA SER C 148 7.15 -34.15 -10.70
C SER C 148 7.88 -32.90 -11.15
N GLY C 149 9.12 -32.75 -10.67
CA GLY C 149 9.90 -31.58 -11.02
C GLY C 149 10.28 -31.56 -12.48
N PHE C 150 10.09 -32.68 -13.17
CA PHE C 150 10.30 -32.68 -14.62
C PHE C 150 9.20 -31.94 -15.37
N GLU C 151 8.03 -31.82 -14.75
CA GLU C 151 6.88 -31.22 -15.41
C GLU C 151 6.49 -29.86 -14.83
N ILE C 152 6.46 -29.77 -13.51
CA ILE C 152 6.25 -28.49 -12.86
C ILE C 152 7.42 -28.21 -11.93
N ASP C 153 8.13 -27.13 -12.19
CA ASP C 153 9.13 -26.65 -11.26
C ASP C 153 8.50 -25.51 -10.48
N LEU C 154 8.78 -25.44 -9.17
CA LEU C 154 8.25 -24.39 -8.33
C LEU C 154 9.35 -23.44 -7.93
N LYS C 155 8.97 -22.19 -7.65
N LYS C 155 8.98 -22.19 -7.65
CA LYS C 155 9.90 -21.18 -7.22
CA LYS C 155 9.93 -21.22 -7.16
C LYS C 155 9.19 -20.20 -6.31
C LYS C 155 9.22 -20.11 -6.40
N THR C 156 9.97 -19.43 -5.55
CA THR C 156 9.42 -18.33 -4.77
C THR C 156 10.23 -17.10 -5.15
N ASP C 157 9.59 -15.94 -5.27
N ASP C 157 9.59 -15.94 -5.23
CA ASP C 157 10.33 -14.72 -5.53
CA ASP C 157 10.30 -14.70 -5.52
C ASP C 157 11.25 -14.43 -4.35
C ASP C 157 11.18 -14.28 -4.35
N THR C 158 10.73 -14.61 -3.13
CA THR C 158 11.53 -14.43 -1.93
C THR C 158 11.25 -15.57 -0.98
N ASP C 159 12.07 -15.68 0.06
CA ASP C 159 11.87 -16.70 1.08
C ASP C 159 11.17 -16.13 2.30
N GLN C 160 10.88 -14.84 2.27
CA GLN C 160 10.13 -14.21 3.36
C GLN C 160 8.64 -14.18 3.02
N VAL C 161 7.83 -14.70 3.92
CA VAL C 161 6.39 -14.66 3.74
C VAL C 161 5.91 -13.23 3.87
N ASP C 162 4.90 -12.84 3.08
CA ASP C 162 4.36 -11.49 3.16
C ASP C 162 3.51 -11.32 4.43
N LEU C 163 4.02 -10.52 5.37
CA LEU C 163 3.33 -10.27 6.63
C LEU C 163 2.67 -8.88 6.70
N SER C 164 2.82 -8.12 5.63
CA SER C 164 2.34 -6.74 5.59
C SER C 164 0.84 -6.66 5.81
N SER C 165 0.16 -7.79 5.66
CA SER C 165 -1.30 -7.82 5.81
C SER C 165 -1.79 -8.62 7.01
N TYR C 166 -0.88 -9.05 7.88
CA TYR C 166 -1.29 -9.88 8.99
C TYR C 166 -2.22 -9.07 9.91
N TYR C 167 -3.31 -9.70 10.32
CA TYR C 167 -4.29 -9.06 11.20
C TYR C 167 -3.64 -8.54 12.48
N ALA C 168 -3.66 -7.22 12.63
CA ALA C 168 -3.00 -6.54 13.74
C ALA C 168 -3.46 -7.03 15.12
N SER C 169 -4.72 -7.45 15.22
CA SER C 169 -5.29 -7.80 16.52
C SER C 169 -5.51 -9.28 16.73
N SER C 170 -4.94 -10.11 15.84
CA SER C 170 -4.96 -11.56 16.02
C SER C 170 -4.66 -11.99 17.45
N LYS C 171 -5.27 -13.11 17.86
CA LYS C 171 -4.93 -13.79 19.11
C LYS C 171 -3.49 -14.30 19.08
N TYR C 172 -2.96 -14.46 17.87
CA TYR C 172 -1.60 -14.95 17.71
C TYR C 172 -0.73 -13.93 16.97
N GLU C 173 0.43 -13.65 17.56
CA GLU C 173 1.44 -12.80 16.95
C GLU C 173 2.45 -13.65 16.15
N ILE C 174 2.81 -13.18 14.95
CA ILE C 174 3.79 -13.89 14.12
C ILE C 174 5.23 -13.54 14.48
N LEU C 175 6.02 -14.55 14.80
CA LEU C 175 7.42 -14.34 15.13
C LEU C 175 8.30 -14.46 13.88
N SER C 176 7.96 -15.40 13.01
CA SER C 176 8.63 -15.52 11.73
C SER C 176 7.83 -16.38 10.78
N ALA C 177 8.02 -16.14 9.48
CA ALA C 177 7.33 -16.91 8.47
C ALA C 177 8.22 -16.96 7.23
N THR C 178 8.57 -18.18 6.82
CA THR C 178 9.38 -18.35 5.61
C THR C 178 8.74 -19.34 4.64
N GLN C 179 9.10 -19.18 3.36
CA GLN C 179 8.55 -20.00 2.31
C GLN C 179 9.72 -20.39 1.41
N THR C 180 10.11 -21.66 1.47
CA THR C 180 11.32 -22.06 0.74
C THR C 180 11.19 -23.31 -0.14
N ARG C 181 11.68 -23.18 -1.36
CA ARG C 181 11.72 -24.28 -2.32
C ARG C 181 12.56 -25.42 -1.79
N GLN C 182 12.07 -26.67 -1.93
CA GLN C 182 12.84 -27.85 -1.54
C GLN C 182 12.73 -28.94 -2.60
N VAL C 183 13.83 -29.68 -2.79
CA VAL C 183 13.84 -30.77 -3.77
C VAL C 183 13.92 -32.15 -3.08
N GLN C 184 12.84 -32.92 -3.18
CA GLN C 184 12.78 -34.26 -2.60
C GLN C 184 13.14 -35.33 -3.63
N HIS C 185 13.40 -36.54 -3.14
CA HIS C 185 13.64 -37.70 -3.99
C HIS C 185 13.10 -38.95 -3.30
N TYR C 186 11.92 -39.41 -3.73
CA TYR C 186 11.30 -40.59 -3.13
C TYR C 186 11.93 -41.88 -3.65
N SER C 187 12.21 -42.79 -2.71
CA SER C 187 13.01 -43.99 -2.99
C SER C 187 12.64 -44.75 -4.26
N CYS C 188 11.35 -44.81 -4.55
CA CYS C 188 10.85 -45.60 -5.68
C CYS C 188 11.40 -45.13 -7.03
N CYS C 189 11.41 -43.82 -7.25
CA CYS C 189 11.61 -43.27 -8.58
C CYS C 189 12.79 -42.30 -8.62
N PRO C 190 13.27 -41.98 -9.84
CA PRO C 190 14.43 -41.11 -10.02
C PRO C 190 14.10 -39.62 -10.21
N GLU C 191 12.87 -39.29 -10.60
CA GLU C 191 12.51 -37.90 -10.89
C GLU C 191 12.46 -37.06 -9.62
N PRO C 192 13.02 -35.84 -9.68
CA PRO C 192 12.98 -34.90 -8.55
C PRO C 192 11.55 -34.48 -8.21
N TYR C 193 11.28 -34.30 -6.92
CA TYR C 193 9.98 -33.80 -6.48
C TYR C 193 10.15 -32.48 -5.73
N ILE C 194 9.31 -31.51 -6.06
N ILE C 194 9.30 -31.52 -6.06
CA ILE C 194 9.52 -30.16 -5.57
CA ILE C 194 9.48 -30.15 -5.61
C ILE C 194 8.35 -29.64 -4.76
C ILE C 194 8.33 -29.68 -4.72
N ASP C 195 8.67 -28.97 -3.65
CA ASP C 195 7.65 -28.37 -2.80
C ASP C 195 8.15 -27.05 -2.24
N VAL C 196 7.22 -26.26 -1.72
CA VAL C 196 7.58 -25.04 -1.02
C VAL C 196 7.15 -25.24 0.42
N ASN C 197 8.10 -25.09 1.32
CA ASN C 197 7.85 -25.34 2.72
C ASN C 197 7.48 -24.03 3.41
N LEU C 198 6.24 -23.97 3.91
CA LEU C 198 5.78 -22.78 4.61
C LEU C 198 5.97 -23.00 6.10
N VAL C 199 6.84 -22.20 6.71
CA VAL C 199 7.22 -22.39 8.11
C VAL C 199 6.86 -21.17 8.93
N VAL C 200 5.99 -21.36 9.91
CA VAL C 200 5.48 -20.25 10.71
C VAL C 200 5.79 -20.46 12.18
N LYS C 201 6.47 -19.49 12.79
CA LYS C 201 6.67 -19.52 14.23
C LYS C 201 5.74 -18.47 14.81
N PHE C 202 5.05 -18.83 15.90
CA PHE C 202 4.03 -17.93 16.42
C PHE C 202 3.73 -18.18 17.89
N ARG C 203 3.10 -17.20 18.51
CA ARG C 203 2.80 -17.27 19.94
C ARG C 203 1.50 -16.54 20.24
N GLU C 204 0.88 -16.88 21.36
CA GLU C 204 -0.30 -16.14 21.80
C GLU C 204 0.10 -14.70 22.07
N ARG C 205 -0.82 -13.77 21.82
CA ARG C 205 -0.54 -12.38 22.17
C ARG C 205 -1.24 -11.98 23.46
N GLN D 1 2.70 -29.80 -26.44
CA GLN D 1 1.32 -29.97 -26.00
C GLN D 1 0.42 -30.47 -27.13
N ALA D 2 0.85 -30.26 -28.37
CA ALA D 2 0.07 -30.69 -29.53
C ALA D 2 -0.16 -32.20 -29.58
N ASN D 3 0.88 -32.98 -29.25
CA ASN D 3 0.75 -34.43 -29.26
C ASN D 3 -0.17 -34.94 -28.15
N LEU D 4 -0.02 -34.38 -26.95
CA LEU D 4 -0.88 -34.77 -25.84
C LEU D 4 -2.35 -34.47 -26.14
N MET D 5 -2.62 -33.35 -26.81
CA MET D 5 -4.01 -32.99 -27.12
C MET D 5 -4.62 -34.03 -28.05
N ARG D 6 -3.84 -34.44 -29.04
CA ARG D 6 -4.26 -35.47 -29.98
C ARG D 6 -4.52 -36.80 -29.27
N LEU D 7 -3.58 -37.23 -28.45
CA LEU D 7 -3.73 -38.47 -27.68
C LEU D 7 -5.01 -38.48 -26.86
N LYS D 8 -5.22 -37.43 -26.08
CA LYS D 8 -6.41 -37.33 -25.25
C LYS D 8 -7.68 -37.38 -26.10
N SER D 9 -7.67 -36.64 -27.21
CA SER D 9 -8.84 -36.65 -28.09
C SER D 9 -9.09 -38.06 -28.61
N ASP D 10 -8.03 -38.77 -28.97
CA ASP D 10 -8.18 -40.13 -29.48
C ASP D 10 -8.68 -41.09 -28.38
N LEU D 11 -8.19 -40.89 -27.16
CA LEU D 11 -8.55 -41.80 -26.07
C LEU D 11 -9.96 -41.55 -25.55
N PHE D 12 -10.33 -40.29 -25.46
CA PHE D 12 -11.52 -39.88 -24.71
C PHE D 12 -12.72 -39.45 -25.59
N ASN D 13 -12.45 -38.77 -26.70
CA ASN D 13 -13.53 -38.18 -27.49
C ASN D 13 -13.99 -39.04 -28.65
N ARG D 14 -13.35 -40.19 -28.82
CA ARG D 14 -13.50 -40.98 -30.04
C ARG D 14 -14.20 -42.32 -29.78
N SER D 15 -14.75 -42.48 -28.59
CA SER D 15 -15.39 -43.73 -28.19
C SER D 15 -16.08 -43.60 -26.83
N PRO D 16 -17.20 -44.31 -26.63
CA PRO D 16 -17.96 -44.24 -25.37
C PRO D 16 -17.06 -44.65 -24.21
N MET D 17 -17.24 -44.05 -23.04
CA MET D 17 -16.39 -44.40 -21.91
C MET D 17 -16.57 -45.87 -21.51
N TYR D 18 -15.46 -46.46 -21.08
CA TYR D 18 -15.46 -47.77 -20.45
C TYR D 18 -16.66 -47.89 -19.51
N PRO D 19 -17.52 -48.89 -19.72
CA PRO D 19 -18.72 -49.06 -18.90
C PRO D 19 -18.45 -49.86 -17.62
N GLY D 20 -17.19 -49.93 -17.20
CA GLY D 20 -16.83 -50.69 -16.00
C GLY D 20 -16.68 -52.17 -16.31
N PRO D 21 -16.15 -52.93 -15.34
CA PRO D 21 -15.91 -54.37 -15.52
C PRO D 21 -17.18 -55.23 -15.44
N THR D 22 -17.07 -56.45 -15.94
CA THR D 22 -18.14 -57.44 -15.82
C THR D 22 -17.50 -58.79 -15.56
N LYS D 23 -18.33 -59.79 -15.29
CA LYS D 23 -17.82 -61.12 -15.00
C LYS D 23 -16.99 -61.68 -16.17
N ASP D 24 -17.32 -61.25 -17.38
CA ASP D 24 -16.61 -61.72 -18.57
C ASP D 24 -15.32 -60.95 -18.80
N ASP D 25 -15.23 -59.76 -18.23
CA ASP D 25 -14.00 -58.96 -18.35
C ASP D 25 -13.71 -58.29 -17.02
N PRO D 26 -13.30 -59.09 -16.03
CA PRO D 26 -13.06 -58.63 -14.66
C PRO D 26 -11.82 -57.78 -14.58
N LEU D 27 -11.65 -57.08 -13.47
N LEU D 27 -11.65 -57.01 -13.52
CA LEU D 27 -10.53 -56.18 -13.28
CA LEU D 27 -10.41 -56.26 -13.36
C LEU D 27 -9.90 -56.41 -11.91
C LEU D 27 -9.91 -56.28 -11.92
N THR D 28 -8.62 -56.12 -11.78
CA THR D 28 -7.98 -56.18 -10.47
C THR D 28 -7.52 -54.79 -10.05
N VAL D 29 -7.98 -54.35 -8.88
CA VAL D 29 -7.55 -53.07 -8.36
C VAL D 29 -6.59 -53.29 -7.20
N THR D 30 -5.40 -52.72 -7.29
CA THR D 30 -4.48 -52.77 -6.16
C THR D 30 -4.68 -51.55 -5.26
N LEU D 31 -4.86 -51.82 -3.96
CA LEU D 31 -5.07 -50.77 -2.97
C LEU D 31 -3.88 -50.73 -2.03
N GLY D 32 -3.51 -49.52 -1.63
CA GLY D 32 -2.46 -49.32 -0.64
C GLY D 32 -2.73 -48.06 0.16
N PHE D 33 -2.48 -48.09 1.46
CA PHE D 33 -2.75 -46.93 2.30
C PHE D 33 -1.48 -46.30 2.84
N THR D 34 -1.48 -44.97 2.91
CA THR D 34 -0.40 -44.24 3.56
C THR D 34 -1.02 -43.46 4.69
N LEU D 35 -0.79 -43.91 5.93
CA LEU D 35 -1.43 -43.26 7.06
C LEU D 35 -0.65 -42.00 7.47
N GLN D 36 -1.33 -40.86 7.46
CA GLN D 36 -0.71 -39.58 7.76
C GLN D 36 -0.93 -39.16 9.19
N ASP D 37 -2.16 -39.32 9.66
CA ASP D 37 -2.48 -38.89 11.01
C ASP D 37 -3.78 -39.47 11.52
N ILE D 38 -3.80 -39.78 12.81
CA ILE D 38 -5.06 -40.00 13.51
C ILE D 38 -5.37 -38.64 14.10
N VAL D 39 -6.41 -37.98 13.59
CA VAL D 39 -6.63 -36.58 13.95
C VAL D 39 -7.55 -36.44 15.13
N LYS D 40 -8.50 -37.36 15.26
CA LYS D 40 -9.54 -37.22 16.27
C LYS D 40 -10.07 -38.55 16.77
N VAL D 41 -10.25 -38.64 18.08
CA VAL D 41 -10.96 -39.73 18.70
C VAL D 41 -12.13 -39.18 19.50
N ASP D 42 -13.32 -39.77 19.33
CA ASP D 42 -14.47 -39.34 20.12
C ASP D 42 -15.09 -40.51 20.89
N SER D 43 -14.88 -40.53 22.20
CA SER D 43 -15.34 -41.64 23.03
C SER D 43 -16.79 -41.54 23.47
N SER D 44 -17.49 -40.49 23.08
N SER D 44 -17.49 -40.50 23.04
CA SER D 44 -18.91 -40.41 23.36
CA SER D 44 -18.91 -40.34 23.36
C SER D 44 -19.70 -41.10 22.26
C SER D 44 -19.80 -40.84 22.22
N THR D 45 -19.22 -40.97 21.03
CA THR D 45 -19.94 -41.51 19.89
C THR D 45 -19.24 -42.72 19.27
N ASN D 46 -18.06 -43.06 19.79
CA ASN D 46 -17.25 -44.12 19.19
C ASN D 46 -16.91 -43.89 17.72
N GLU D 47 -16.37 -42.71 17.44
N GLU D 47 -16.33 -42.73 17.46
CA GLU D 47 -15.92 -42.34 16.10
CA GLU D 47 -15.93 -42.34 16.11
C GLU D 47 -14.45 -41.95 16.14
C GLU D 47 -14.46 -41.91 16.11
N VAL D 48 -13.70 -42.39 15.14
CA VAL D 48 -12.31 -41.99 15.01
C VAL D 48 -12.07 -41.43 13.61
N ASP D 49 -11.27 -40.38 13.54
CA ASP D 49 -10.96 -39.72 12.26
C ASP D 49 -9.53 -39.96 11.83
N LEU D 50 -9.35 -40.45 10.61
CA LEU D 50 -8.05 -40.68 10.03
C LEU D 50 -7.83 -39.76 8.83
N VAL D 51 -6.57 -39.38 8.63
CA VAL D 51 -6.16 -38.72 7.39
C VAL D 51 -5.14 -39.61 6.71
N TYR D 52 -5.42 -39.99 5.47
CA TYR D 52 -4.55 -40.92 4.74
C TYR D 52 -4.60 -40.68 3.24
N TYR D 53 -3.63 -41.26 2.55
CA TYR D 53 -3.60 -41.30 1.08
C TYR D 53 -3.99 -42.72 0.71
N GLU D 54 -4.84 -42.85 -0.29
CA GLU D 54 -5.29 -44.16 -0.73
C GLU D 54 -4.77 -44.36 -2.14
N GLN D 55 -3.77 -45.21 -2.30
CA GLN D 55 -3.26 -45.47 -3.63
C GLN D 55 -4.08 -46.54 -4.34
N GLN D 56 -4.63 -46.19 -5.50
CA GLN D 56 -5.36 -47.16 -6.28
C GLN D 56 -4.66 -47.34 -7.61
N ARG D 57 -4.57 -48.56 -8.08
N ARG D 57 -4.62 -48.56 -8.10
CA ARG D 57 -4.03 -48.81 -9.41
CA ARG D 57 -3.99 -48.88 -9.37
C ARG D 57 -4.85 -49.87 -10.13
C ARG D 57 -4.80 -49.92 -10.13
N TRP D 58 -5.00 -49.71 -11.43
CA TRP D 58 -5.67 -50.69 -12.28
C TRP D 58 -5.22 -50.47 -13.72
N LYS D 59 -5.66 -51.33 -14.63
CA LYS D 59 -5.21 -51.26 -16.01
C LYS D 59 -6.38 -51.53 -16.95
N LEU D 60 -6.49 -50.74 -18.01
CA LEU D 60 -7.52 -50.94 -19.03
C LEU D 60 -6.95 -51.04 -20.45
N ASN D 61 -7.36 -52.04 -21.21
CA ASN D 61 -6.99 -52.14 -22.62
C ASN D 61 -7.35 -50.86 -23.40
N SER D 62 -8.48 -50.27 -23.04
CA SER D 62 -9.00 -49.13 -23.78
C SER D 62 -8.21 -47.84 -23.53
N LEU D 63 -7.25 -47.89 -22.61
CA LEU D 63 -6.42 -46.72 -22.32
C LEU D 63 -4.98 -46.90 -22.82
N MET D 64 -4.76 -47.92 -23.65
CA MET D 64 -3.43 -48.21 -24.18
C MET D 64 -3.14 -47.39 -25.42
N TRP D 65 -1.87 -47.06 -25.65
CA TRP D 65 -1.45 -46.43 -26.90
C TRP D 65 0.02 -46.73 -27.20
N ASP D 66 0.42 -46.47 -28.43
CA ASP D 66 1.80 -46.65 -28.82
C ASP D 66 2.49 -45.30 -28.76
N PRO D 67 3.46 -45.15 -27.85
CA PRO D 67 4.14 -43.85 -27.70
C PRO D 67 4.72 -43.31 -29.02
N ASN D 68 5.13 -44.21 -29.92
CA ASN D 68 5.67 -43.78 -31.20
C ASN D 68 4.69 -43.01 -32.07
N GLU D 69 3.39 -43.22 -31.82
CA GLU D 69 2.36 -42.54 -32.60
C GLU D 69 2.00 -41.17 -32.02
N TYR D 70 2.56 -40.86 -30.86
CA TYR D 70 2.23 -39.64 -30.16
C TYR D 70 3.45 -38.93 -29.59
N GLY D 71 4.47 -38.72 -30.41
CA GLY D 71 5.66 -38.01 -30.00
C GLY D 71 6.35 -38.63 -28.79
N ASN D 72 6.23 -39.94 -28.65
CA ASN D 72 6.86 -40.67 -27.57
C ASN D 72 6.37 -40.31 -26.17
N ILE D 73 5.11 -39.86 -26.08
N ILE D 73 5.12 -39.85 -26.08
CA ILE D 73 4.48 -39.68 -24.78
CA ILE D 73 4.49 -39.67 -24.78
C ILE D 73 4.27 -41.06 -24.18
C ILE D 73 4.28 -41.06 -24.18
N THR D 74 4.79 -41.28 -22.98
CA THR D 74 4.68 -42.58 -22.33
C THR D 74 3.64 -42.57 -21.21
N ASP D 75 3.27 -41.37 -20.75
CA ASP D 75 2.26 -41.23 -19.72
C ASP D 75 1.78 -39.79 -19.64
N PHE D 76 0.60 -39.59 -19.05
CA PHE D 76 0.07 -38.25 -18.88
C PHE D 76 -0.83 -38.14 -17.65
N ARG D 77 -1.01 -36.92 -17.16
CA ARG D 77 -1.92 -36.64 -16.05
C ARG D 77 -3.23 -36.12 -16.64
N THR D 78 -4.36 -36.47 -16.02
CA THR D 78 -5.64 -35.98 -16.48
C THR D 78 -6.65 -36.05 -15.35
N SER D 79 -7.68 -35.21 -15.44
CA SER D 79 -8.72 -35.22 -14.43
C SER D 79 -9.33 -36.62 -14.27
N ALA D 80 -9.55 -37.04 -13.02
CA ALA D 80 -10.22 -38.31 -12.76
C ALA D 80 -11.57 -38.40 -13.42
N ALA D 81 -12.23 -37.25 -13.61
CA ALA D 81 -13.52 -37.22 -14.30
C ALA D 81 -13.44 -37.73 -15.73
N ASP D 82 -12.24 -37.73 -16.31
CA ASP D 82 -12.06 -38.14 -17.70
C ASP D 82 -12.05 -39.65 -17.91
N ILE D 83 -11.84 -40.41 -16.85
CA ILE D 83 -11.72 -41.85 -16.96
C ILE D 83 -12.67 -42.55 -16.00
N TRP D 84 -12.94 -43.81 -16.26
CA TRP D 84 -13.61 -44.66 -15.28
C TRP D 84 -12.70 -44.80 -14.06
N THR D 85 -13.28 -44.81 -12.87
CA THR D 85 -12.54 -45.12 -11.65
C THR D 85 -13.40 -46.05 -10.81
N PRO D 86 -12.77 -46.92 -10.01
CA PRO D 86 -13.50 -47.91 -9.22
C PRO D 86 -14.24 -47.30 -8.03
N ASP D 87 -15.37 -47.89 -7.66
CA ASP D 87 -16.16 -47.37 -6.54
C ASP D 87 -15.64 -47.92 -5.20
N ILE D 88 -14.35 -47.76 -4.95
CA ILE D 88 -13.79 -48.23 -3.68
C ILE D 88 -14.29 -47.36 -2.52
N THR D 89 -14.81 -48.00 -1.46
CA THR D 89 -15.51 -47.27 -0.38
C THR D 89 -15.26 -47.89 1.01
N ALA D 90 -15.20 -47.04 2.04
CA ALA D 90 -15.17 -47.51 3.42
C ALA D 90 -16.54 -48.13 3.72
N TYR D 91 -16.57 -49.27 4.40
CA TYR D 91 -17.84 -49.93 4.70
C TYR D 91 -18.50 -49.49 6.01
N SER D 92 -17.76 -48.77 6.85
CA SER D 92 -18.33 -48.34 8.14
C SER D 92 -17.93 -46.92 8.47
N SER D 93 -17.92 -46.07 7.46
CA SER D 93 -17.74 -44.64 7.70
C SER D 93 -18.98 -44.18 8.45
N THR D 94 -18.88 -43.07 9.20
CA THR D 94 -20.04 -42.47 9.85
C THR D 94 -20.39 -41.08 9.27
N ARG D 95 -19.55 -40.62 8.34
N ARG D 95 -19.54 -40.57 8.38
CA ARG D 95 -19.68 -39.31 7.70
CA ARG D 95 -19.76 -39.30 7.68
C ARG D 95 -19.19 -39.43 6.26
C ARG D 95 -19.19 -39.40 6.28
N PRO D 96 -19.71 -38.58 5.35
CA PRO D 96 -19.15 -38.64 3.99
C PRO D 96 -17.64 -38.40 4.08
N VAL D 97 -16.86 -39.15 3.32
CA VAL D 97 -15.42 -38.97 3.31
C VAL D 97 -15.11 -37.59 2.76
N GLN D 98 -14.04 -36.98 3.26
CA GLN D 98 -13.66 -35.64 2.79
C GLN D 98 -12.39 -35.70 1.97
N VAL D 99 -12.47 -35.27 0.72
CA VAL D 99 -11.36 -35.37 -0.21
C VAL D 99 -10.43 -34.18 -0.01
N LEU D 100 -9.15 -34.45 0.15
CA LEU D 100 -8.19 -33.40 0.47
C LEU D 100 -7.25 -33.05 -0.68
N SER D 101 -7.34 -33.80 -1.77
N SER D 101 -7.35 -33.80 -1.77
CA SER D 101 -6.44 -33.59 -2.90
CA SER D 101 -6.45 -33.59 -2.91
C SER D 101 -7.19 -33.42 -4.22
C SER D 101 -7.19 -33.46 -4.24
N PRO D 102 -6.52 -32.86 -5.24
CA PRO D 102 -7.13 -32.71 -6.58
C PRO D 102 -7.44 -34.09 -7.14
N GLN D 103 -8.57 -34.26 -7.82
CA GLN D 103 -8.91 -35.54 -8.40
C GLN D 103 -8.30 -35.64 -9.80
N ILE D 104 -7.04 -36.07 -9.85
CA ILE D 104 -6.27 -36.17 -11.08
C ILE D 104 -5.53 -37.49 -11.04
N ALA D 105 -5.54 -38.21 -12.16
CA ALA D 105 -4.89 -39.50 -12.24
C ALA D 105 -3.74 -39.47 -13.24
N VAL D 106 -2.87 -40.45 -13.14
CA VAL D 106 -1.77 -40.61 -14.07
C VAL D 106 -2.04 -41.84 -14.94
N VAL D 107 -2.06 -41.66 -16.26
CA VAL D 107 -2.31 -42.76 -17.18
C VAL D 107 -1.06 -43.08 -17.98
N THR D 108 -0.71 -44.37 -18.05
CA THR D 108 0.51 -44.81 -18.72
C THR D 108 0.13 -45.59 -19.97
N HIS D 109 1.03 -45.59 -20.95
CA HIS D 109 0.74 -46.07 -22.29
C HIS D 109 0.38 -47.56 -22.35
N ASP D 110 0.64 -48.29 -21.27
CA ASP D 110 0.27 -49.71 -21.22
C ASP D 110 -1.16 -49.85 -20.72
N GLY D 111 -1.82 -48.71 -20.53
CA GLY D 111 -3.20 -48.68 -20.09
C GLY D 111 -3.35 -48.65 -18.57
N SER D 112 -2.23 -48.58 -17.87
N SER D 112 -2.24 -48.60 -17.85
CA SER D 112 -2.27 -48.53 -16.40
CA SER D 112 -2.32 -48.59 -16.39
C SER D 112 -2.72 -47.16 -15.90
C SER D 112 -2.63 -47.19 -15.85
N VAL D 113 -3.42 -47.15 -14.77
CA VAL D 113 -3.88 -45.91 -14.16
C VAL D 113 -3.43 -45.90 -12.71
N MET D 114 -2.94 -44.77 -12.24
CA MET D 114 -2.58 -44.61 -10.83
C MET D 114 -3.25 -43.37 -10.26
N PHE D 115 -3.96 -43.55 -9.16
CA PHE D 115 -4.81 -42.51 -8.61
C PHE D 115 -4.67 -42.53 -7.10
N ILE D 116 -4.28 -41.40 -6.51
CA ILE D 116 -3.98 -41.35 -5.09
C ILE D 116 -4.70 -40.21 -4.39
N PRO D 117 -5.99 -40.41 -4.08
CA PRO D 117 -6.71 -39.35 -3.37
C PRO D 117 -6.32 -39.32 -1.89
N ALA D 118 -6.13 -38.13 -1.33
CA ALA D 118 -5.95 -38.02 0.11
C ALA D 118 -7.34 -37.75 0.68
N GLN D 119 -7.62 -38.33 1.85
CA GLN D 119 -8.97 -38.32 2.41
C GLN D 119 -8.95 -38.18 3.91
N ARG D 120 -9.99 -37.56 4.46
CA ARG D 120 -10.21 -37.61 5.89
C ARG D 120 -11.47 -38.46 6.07
N LEU D 121 -11.38 -39.46 6.92
CA LEU D 121 -12.47 -40.42 7.10
C LEU D 121 -12.81 -40.54 8.58
N SER D 122 -14.10 -40.40 8.90
CA SER D 122 -14.62 -40.76 10.21
C SER D 122 -15.22 -42.16 10.10
N PHE D 123 -14.87 -43.05 11.02
CA PHE D 123 -15.37 -44.42 10.97
C PHE D 123 -15.66 -44.96 12.37
N MET D 124 -16.37 -46.09 12.44
CA MET D 124 -16.78 -46.62 13.73
C MET D 124 -15.62 -47.25 14.47
N CYS D 125 -15.30 -46.71 15.65
CA CYS D 125 -14.33 -47.32 16.55
C CYS D 125 -14.57 -46.92 17.99
N ASP D 126 -14.61 -47.91 18.86
CA ASP D 126 -14.62 -47.66 20.29
C ASP D 126 -13.17 -47.48 20.69
N PRO D 127 -12.81 -46.27 21.14
CA PRO D 127 -11.42 -45.92 21.43
C PRO D 127 -11.03 -46.15 22.89
N THR D 128 -11.91 -46.76 23.67
CA THR D 128 -11.62 -46.92 25.09
C THR D 128 -10.34 -47.74 25.27
N GLY D 129 -9.48 -47.27 26.17
CA GLY D 129 -8.19 -47.91 26.38
C GLY D 129 -7.09 -47.27 25.55
N VAL D 130 -7.44 -46.26 24.76
CA VAL D 130 -6.47 -45.54 23.94
C VAL D 130 -5.43 -44.83 24.80
N ASP D 131 -5.84 -44.43 25.99
CA ASP D 131 -4.97 -43.75 26.94
C ASP D 131 -4.24 -44.75 27.83
N SER D 132 -3.78 -45.85 27.24
CA SER D 132 -3.03 -46.84 28.00
C SER D 132 -1.82 -47.30 27.20
N GLU D 133 -0.91 -48.01 27.85
CA GLU D 133 0.29 -48.50 27.19
C GLU D 133 -0.07 -49.50 26.10
N GLU D 134 -1.07 -50.33 26.38
CA GLU D 134 -1.56 -51.33 25.44
C GLU D 134 -2.15 -50.68 24.20
N GLY D 135 -2.83 -49.56 24.38
CA GLY D 135 -3.49 -48.87 23.27
C GLY D 135 -4.83 -49.50 22.94
N VAL D 136 -5.28 -49.32 21.71
CA VAL D 136 -6.57 -49.84 21.27
C VAL D 136 -6.50 -50.19 19.78
N THR D 137 -7.36 -51.09 19.33
CA THR D 137 -7.38 -51.52 17.92
C THR D 137 -8.67 -51.11 17.21
N CYS D 138 -8.53 -50.49 16.05
CA CYS D 138 -9.68 -50.11 15.24
C CYS D 138 -9.52 -50.78 13.89
N ALA D 139 -10.64 -51.04 13.23
CA ALA D 139 -10.62 -51.66 11.91
C ALA D 139 -11.71 -51.07 11.00
N VAL D 140 -11.39 -50.92 9.72
CA VAL D 140 -12.38 -50.51 8.73
C VAL D 140 -12.10 -51.22 7.40
N LYS D 141 -13.15 -51.79 6.81
CA LYS D 141 -13.01 -52.54 5.58
C LYS D 141 -13.20 -51.61 4.37
N PHE D 142 -12.40 -51.81 3.33
CA PHE D 142 -12.55 -51.08 2.05
C PHE D 142 -12.79 -52.06 0.91
N GLY D 143 -13.70 -51.72 0.00
CA GLY D 143 -13.95 -52.57 -1.15
C GLY D 143 -14.90 -51.90 -2.12
N SER D 144 -15.19 -52.55 -3.24
CA SER D 144 -16.19 -52.02 -4.18
C SER D 144 -17.55 -51.99 -3.50
N TRP D 145 -18.36 -51.00 -3.84
CA TRP D 145 -19.71 -50.92 -3.25
C TRP D 145 -20.67 -51.87 -3.98
N VAL D 146 -20.50 -52.03 -5.29
CA VAL D 146 -21.46 -52.80 -6.07
C VAL D 146 -20.91 -53.96 -6.89
N TYR D 147 -19.60 -54.03 -7.07
CA TYR D 147 -19.03 -55.15 -7.82
C TYR D 147 -18.56 -56.27 -6.90
N SER D 148 -18.99 -57.50 -7.19
CA SER D 148 -18.56 -58.66 -6.43
C SER D 148 -17.18 -59.06 -6.94
N GLY D 149 -16.58 -60.09 -6.32
CA GLY D 149 -15.24 -60.54 -6.68
C GLY D 149 -15.14 -61.06 -8.10
N PHE D 150 -16.28 -61.27 -8.73
CA PHE D 150 -16.33 -61.76 -10.10
C PHE D 150 -16.05 -60.64 -11.11
N GLU D 151 -16.30 -59.40 -10.70
CA GLU D 151 -16.06 -58.25 -11.56
C GLU D 151 -14.82 -57.44 -11.14
N ILE D 152 -14.68 -57.17 -9.85
CA ILE D 152 -13.50 -56.49 -9.33
C ILE D 152 -12.83 -57.37 -8.30
N ASP D 153 -11.56 -57.68 -8.54
CA ASP D 153 -10.75 -58.33 -7.51
C ASP D 153 -9.84 -57.27 -6.92
N LEU D 154 -9.57 -57.38 -5.63
CA LEU D 154 -8.67 -56.45 -4.94
C LEU D 154 -7.38 -57.14 -4.57
N LYS D 155 -6.29 -56.40 -4.57
CA LYS D 155 -5.00 -56.91 -4.15
C LYS D 155 -4.28 -55.79 -3.39
N THR D 156 -3.39 -56.18 -2.50
CA THR D 156 -2.49 -55.22 -1.87
C THR D 156 -1.07 -55.59 -2.32
N ASP D 157 -0.17 -54.62 -2.34
CA ASP D 157 1.23 -54.91 -2.68
C ASP D 157 1.92 -55.49 -1.48
N THR D 158 1.58 -54.95 -0.32
CA THR D 158 2.08 -55.45 0.95
C THR D 158 0.95 -55.43 1.97
N ASP D 159 1.09 -56.21 3.04
CA ASP D 159 0.11 -56.19 4.12
C ASP D 159 0.42 -55.09 5.14
N GLN D 160 1.56 -54.41 4.96
CA GLN D 160 1.95 -53.35 5.88
C GLN D 160 1.54 -51.98 5.37
N VAL D 161 0.79 -51.24 6.19
CA VAL D 161 0.41 -49.87 5.87
C VAL D 161 1.68 -49.03 5.84
N ASP D 162 1.74 -48.07 4.92
CA ASP D 162 2.89 -47.18 4.84
C ASP D 162 2.81 -46.12 5.94
N LEU D 163 3.78 -46.14 6.85
CA LEU D 163 3.77 -45.23 7.99
C LEU D 163 4.90 -44.22 7.86
N SER D 164 5.59 -44.25 6.72
CA SER D 164 6.78 -43.43 6.56
C SER D 164 6.47 -41.95 6.63
N SER D 165 5.20 -41.60 6.42
CA SER D 165 4.79 -40.20 6.37
C SER D 165 3.85 -39.85 7.51
N TYR D 166 3.70 -40.78 8.45
CA TYR D 166 2.88 -40.50 9.61
C TYR D 166 3.42 -39.27 10.32
N TYR D 167 2.51 -38.35 10.67
CA TYR D 167 2.86 -37.12 11.38
C TYR D 167 3.60 -37.40 12.68
N ALA D 168 4.86 -36.97 12.75
CA ALA D 168 5.71 -37.25 13.90
C ALA D 168 5.12 -36.76 15.20
N SER D 169 4.43 -35.62 15.18
CA SER D 169 3.93 -35.02 16.41
C SER D 169 2.43 -35.23 16.61
N SER D 170 1.93 -36.37 16.14
CA SER D 170 0.52 -36.72 16.32
C SER D 170 0.19 -36.89 17.80
N LYS D 171 -1.07 -36.66 18.16
CA LYS D 171 -1.53 -36.93 19.50
C LYS D 171 -1.48 -38.43 19.73
N TYR D 172 -1.46 -39.21 18.66
CA TYR D 172 -1.57 -40.66 18.76
C TYR D 172 -0.42 -41.36 18.06
N GLU D 173 0.21 -42.30 18.76
CA GLU D 173 1.31 -43.06 18.15
C GLU D 173 0.85 -44.41 17.62
N ILE D 174 1.39 -44.80 16.47
CA ILE D 174 0.96 -46.02 15.80
C ILE D 174 1.76 -47.23 16.24
N LEU D 175 1.11 -48.19 16.89
CA LEU D 175 1.78 -49.41 17.33
C LEU D 175 1.90 -50.41 16.17
N SER D 176 0.85 -50.50 15.36
CA SER D 176 0.86 -51.35 14.16
C SER D 176 -0.26 -50.92 13.23
N ALA D 177 -0.10 -51.23 11.94
CA ALA D 177 -1.10 -50.88 10.94
C ALA D 177 -0.98 -51.82 9.74
N THR D 178 -2.03 -52.61 9.51
CA THR D 178 -2.01 -53.60 8.44
C THR D 178 -3.15 -53.39 7.47
N GLN D 179 -2.98 -53.91 6.26
CA GLN D 179 -4.00 -53.81 5.22
C GLN D 179 -4.10 -55.17 4.54
N THR D 180 -5.18 -55.89 4.80
CA THR D 180 -5.25 -57.31 4.44
C THR D 180 -6.47 -57.68 3.59
N ARG D 181 -6.21 -58.27 2.43
CA ARG D 181 -7.27 -58.74 1.55
C ARG D 181 -8.07 -59.84 2.22
N GLN D 182 -9.40 -59.80 2.07
CA GLN D 182 -10.28 -60.81 2.65
C GLN D 182 -11.33 -61.24 1.63
N VAL D 183 -11.82 -62.47 1.76
CA VAL D 183 -12.91 -62.96 0.93
C VAL D 183 -14.11 -63.41 1.75
N GLN D 184 -15.23 -62.72 1.58
CA GLN D 184 -16.46 -63.05 2.29
C GLN D 184 -17.44 -63.76 1.37
N HIS D 185 -18.38 -64.49 1.98
CA HIS D 185 -19.48 -65.08 1.24
C HIS D 185 -20.77 -64.83 2.00
N TYR D 186 -21.67 -64.09 1.37
CA TYR D 186 -22.97 -63.82 1.98
C TYR D 186 -23.94 -64.96 1.68
N SER D 187 -24.72 -65.32 2.69
CA SER D 187 -25.58 -66.50 2.63
C SER D 187 -26.72 -66.36 1.61
N CYS D 188 -26.60 -65.39 0.73
CA CYS D 188 -27.63 -65.13 -0.27
C CYS D 188 -27.18 -65.52 -1.68
N CYS D 189 -25.87 -65.47 -1.92
CA CYS D 189 -25.34 -65.57 -3.29
C CYS D 189 -24.07 -66.40 -3.36
N PRO D 190 -23.77 -66.95 -4.56
CA PRO D 190 -22.63 -67.85 -4.76
C PRO D 190 -21.33 -67.10 -5.04
N GLU D 191 -21.42 -65.83 -5.42
CA GLU D 191 -20.22 -65.07 -5.78
C GLU D 191 -19.47 -64.56 -4.54
N PRO D 192 -18.13 -64.54 -4.61
CA PRO D 192 -17.31 -64.05 -3.51
C PRO D 192 -17.30 -62.53 -3.47
N TYR D 193 -17.16 -61.97 -2.27
CA TYR D 193 -16.95 -60.53 -2.09
C TYR D 193 -15.61 -60.26 -1.45
N ILE D 194 -14.92 -59.24 -1.96
CA ILE D 194 -13.56 -58.94 -1.51
C ILE D 194 -13.52 -57.58 -0.84
N ASP D 195 -12.72 -57.50 0.21
CA ASP D 195 -12.45 -56.23 0.84
C ASP D 195 -11.01 -56.20 1.32
N VAL D 196 -10.51 -55.02 1.65
CA VAL D 196 -9.22 -54.89 2.28
C VAL D 196 -9.44 -54.30 3.67
N ASN D 197 -8.99 -55.03 4.68
CA ASN D 197 -9.25 -54.69 6.07
C ASN D 197 -8.13 -53.81 6.62
N LEU D 198 -8.45 -52.55 6.91
CA LEU D 198 -7.49 -51.63 7.51
C LEU D 198 -7.58 -51.75 9.01
N VAL D 199 -6.54 -52.31 9.62
CA VAL D 199 -6.50 -52.56 11.07
C VAL D 199 -5.37 -51.75 11.69
N VAL D 200 -5.72 -50.84 12.59
CA VAL D 200 -4.73 -49.94 13.17
C VAL D 200 -4.76 -50.03 14.69
N LYS D 201 -3.62 -50.36 15.30
CA LYS D 201 -3.48 -50.35 16.75
C LYS D 201 -2.68 -49.10 17.15
N PHE D 202 -3.19 -48.36 18.12
CA PHE D 202 -2.61 -47.07 18.48
C PHE D 202 -2.91 -46.68 19.92
N ARG D 203 -2.19 -45.69 20.42
CA ARG D 203 -2.38 -45.21 21.79
C ARG D 203 -2.03 -43.72 21.88
N GLU D 204 -2.43 -43.09 22.98
CA GLU D 204 -2.23 -41.66 23.14
C GLU D 204 -0.75 -41.18 23.15
N ARG D 205 -0.02 -41.50 24.21
CA ARG D 205 1.28 -40.87 24.45
C ARG D 205 2.17 -40.82 23.20
N GLN E 1 -16.45 -52.92 -22.48
CA GLN E 1 -16.63 -53.99 -23.44
C GLN E 1 -17.83 -53.78 -24.36
N ALA E 2 -17.70 -54.27 -25.59
CA ALA E 2 -18.58 -53.92 -26.69
C ALA E 2 -20.07 -54.11 -26.43
N ASN E 3 -20.45 -55.30 -25.97
CA ASN E 3 -21.86 -55.63 -25.78
C ASN E 3 -22.52 -54.79 -24.69
N LEU E 4 -21.85 -54.61 -23.56
CA LEU E 4 -22.38 -53.78 -22.50
C LEU E 4 -22.55 -52.34 -22.98
N MET E 5 -21.59 -51.85 -23.76
CA MET E 5 -21.65 -50.47 -24.24
C MET E 5 -22.88 -50.25 -25.12
N ARG E 6 -23.13 -51.23 -25.99
CA ARG E 6 -24.25 -51.22 -26.93
C ARG E 6 -25.56 -51.31 -26.18
N LEU E 7 -25.60 -52.16 -25.15
CA LEU E 7 -26.82 -52.31 -24.36
C LEU E 7 -27.25 -51.02 -23.64
N LYS E 8 -26.28 -50.36 -23.00
CA LYS E 8 -26.57 -49.13 -22.28
C LYS E 8 -27.02 -48.04 -23.24
N SER E 9 -26.41 -48.01 -24.43
CA SER E 9 -26.79 -47.05 -25.44
C SER E 9 -28.24 -47.29 -25.86
N ASP E 10 -28.59 -48.55 -26.06
CA ASP E 10 -29.96 -48.92 -26.42
C ASP E 10 -30.96 -48.60 -25.32
N LEU E 11 -30.56 -48.84 -24.07
CA LEU E 11 -31.46 -48.64 -22.94
C LEU E 11 -31.66 -47.16 -22.60
N PHE E 12 -30.57 -46.40 -22.66
CA PHE E 12 -30.55 -45.03 -22.13
C PHE E 12 -30.49 -43.95 -23.19
N ASN E 13 -29.78 -44.21 -24.30
CA ASN E 13 -29.60 -43.19 -25.34
C ASN E 13 -30.68 -43.13 -26.41
N ARG E 14 -31.54 -44.15 -26.50
CA ARG E 14 -32.55 -44.19 -27.55
C ARG E 14 -33.94 -43.68 -27.15
N SER E 15 -34.40 -44.03 -25.94
CA SER E 15 -35.71 -43.57 -25.49
C SER E 15 -35.59 -42.44 -24.46
N PRO E 16 -36.70 -41.73 -24.20
CA PRO E 16 -36.66 -40.78 -23.10
C PRO E 16 -36.67 -41.54 -21.78
N MET E 17 -36.35 -40.87 -20.67
CA MET E 17 -36.31 -41.55 -19.40
C MET E 17 -37.72 -41.93 -18.99
N TYR E 18 -37.83 -43.03 -18.27
CA TYR E 18 -39.08 -43.40 -17.62
C TYR E 18 -39.55 -42.17 -16.83
N PRO E 19 -40.81 -41.76 -17.02
CA PRO E 19 -41.30 -40.54 -16.39
C PRO E 19 -41.82 -40.79 -14.98
N GLY E 20 -41.58 -42.00 -14.47
CA GLY E 20 -42.11 -42.37 -13.16
C GLY E 20 -43.46 -43.02 -13.31
N PRO E 21 -43.98 -43.59 -12.21
CA PRO E 21 -45.24 -44.33 -12.22
C PRO E 21 -46.47 -43.44 -12.13
N THR E 22 -47.62 -44.03 -12.46
CA THR E 22 -48.90 -43.35 -12.41
C THR E 22 -49.93 -44.36 -11.92
N LYS E 23 -51.14 -43.90 -11.65
CA LYS E 23 -52.22 -44.79 -11.21
C LYS E 23 -52.46 -45.90 -12.24
N ASP E 24 -52.23 -45.60 -13.52
CA ASP E 24 -52.46 -46.57 -14.59
C ASP E 24 -51.29 -47.54 -14.76
N ASP E 25 -50.10 -47.10 -14.37
N ASP E 25 -50.10 -47.12 -14.36
CA ASP E 25 -48.90 -47.94 -14.39
CA ASP E 25 -48.94 -48.00 -14.39
C ASP E 25 -48.16 -47.87 -13.05
C ASP E 25 -48.15 -47.93 -13.08
N PRO E 26 -48.77 -48.41 -11.98
CA PRO E 26 -48.19 -48.34 -10.64
C PRO E 26 -46.91 -49.17 -10.49
N LEU E 27 -46.11 -48.82 -9.48
N LEU E 27 -46.13 -48.85 -9.46
CA LEU E 27 -44.88 -49.52 -9.19
CA LEU E 27 -44.86 -49.51 -9.21
C LEU E 27 -44.88 -49.98 -7.73
C LEU E 27 -44.72 -49.87 -7.74
N THR E 28 -44.13 -51.04 -7.46
CA THR E 28 -43.91 -51.45 -6.08
C THR E 28 -42.42 -51.38 -5.75
N VAL E 29 -42.10 -50.64 -4.69
CA VAL E 29 -40.73 -50.53 -4.24
C VAL E 29 -40.54 -51.36 -2.98
N THR E 30 -39.55 -52.25 -2.99
CA THR E 30 -39.25 -53.03 -1.80
C THR E 30 -38.16 -52.33 -1.02
N LEU E 31 -38.39 -52.18 0.27
N LEU E 31 -38.37 -52.21 0.29
CA LEU E 31 -37.46 -51.50 1.17
CA LEU E 31 -37.47 -51.45 1.16
C LEU E 31 -36.98 -52.43 2.25
C LEU E 31 -37.06 -52.25 2.39
N GLY E 32 -35.76 -52.20 2.73
CA GLY E 32 -35.24 -52.94 3.85
C GLY E 32 -34.05 -52.19 4.43
N PHE E 33 -33.84 -52.33 5.73
CA PHE E 33 -32.77 -51.61 6.40
C PHE E 33 -31.72 -52.53 7.01
N THR E 34 -30.46 -52.13 6.90
CA THR E 34 -29.36 -52.78 7.61
C THR E 34 -28.73 -51.76 8.54
N LEU E 35 -29.07 -51.86 9.82
CA LEU E 35 -28.61 -50.87 10.80
C LEU E 35 -27.19 -51.19 11.26
N GLN E 36 -26.28 -50.25 11.00
CA GLN E 36 -24.87 -50.41 11.35
C GLN E 36 -24.55 -49.83 12.70
N ASP E 37 -25.05 -48.62 12.99
CA ASP E 37 -24.81 -48.04 14.31
C ASP E 37 -25.76 -46.92 14.67
N ILE E 38 -25.94 -46.72 15.97
CA ILE E 38 -26.58 -45.52 16.48
C ILE E 38 -25.41 -44.65 16.92
N VAL E 39 -25.14 -43.59 16.16
CA VAL E 39 -23.88 -42.88 16.30
C VAL E 39 -23.97 -41.70 17.24
N LYS E 40 -25.19 -41.24 17.52
CA LYS E 40 -25.35 -40.10 18.40
C LYS E 40 -26.74 -40.03 18.99
N VAL E 41 -26.82 -39.65 20.26
CA VAL E 41 -28.09 -39.31 20.86
C VAL E 41 -27.91 -37.97 21.56
N ASP E 42 -28.80 -37.04 21.29
CA ASP E 42 -28.72 -35.71 21.87
C ASP E 42 -29.98 -35.40 22.68
N SER E 43 -29.86 -35.43 24.01
CA SER E 43 -31.04 -35.29 24.87
C SER E 43 -31.46 -33.84 25.04
N SER E 44 -30.64 -32.91 24.59
N SER E 44 -30.64 -32.91 24.62
CA SER E 44 -30.93 -31.49 24.71
CA SER E 44 -31.00 -31.50 24.73
C SER E 44 -31.63 -30.94 23.47
C SER E 44 -31.94 -31.10 23.59
N THR E 45 -31.81 -31.78 22.45
CA THR E 45 -32.55 -31.40 21.26
C THR E 45 -33.49 -32.50 20.77
N ASN E 46 -33.45 -33.64 21.45
CA ASN E 46 -34.24 -34.79 21.03
C ASN E 46 -33.98 -35.19 19.57
N GLU E 47 -32.70 -35.30 19.22
CA GLU E 47 -32.30 -35.85 17.93
C GLU E 47 -31.44 -37.10 18.16
N VAL E 48 -31.62 -38.10 17.30
CA VAL E 48 -30.77 -39.29 17.32
C VAL E 48 -30.23 -39.53 15.91
N ASP E 49 -28.98 -39.98 15.82
CA ASP E 49 -28.33 -40.20 14.53
C ASP E 49 -28.10 -41.70 14.28
N LEU E 50 -28.55 -42.18 13.12
CA LEU E 50 -28.34 -43.57 12.72
C LEU E 50 -27.44 -43.60 11.52
N VAL E 51 -26.68 -44.68 11.38
CA VAL E 51 -25.98 -45.00 10.15
C VAL E 51 -26.47 -46.36 9.68
N TYR E 52 -26.95 -46.42 8.44
CA TYR E 52 -27.52 -47.67 7.92
C TYR E 52 -27.34 -47.78 6.42
N TYR E 53 -27.50 -48.99 5.91
CA TYR E 53 -27.66 -49.23 4.48
C TYR E 53 -29.15 -49.30 4.25
N GLU E 54 -29.62 -48.72 3.15
N GLU E 54 -29.61 -48.71 3.16
CA GLU E 54 -31.03 -48.77 2.82
CA GLU E 54 -31.02 -48.78 2.80
C GLU E 54 -31.27 -49.44 1.47
C GLU E 54 -31.17 -49.48 1.45
N GLN E 55 -31.68 -50.70 1.53
N GLN E 55 -31.76 -50.66 1.46
CA GLN E 55 -31.99 -51.47 0.34
CA GLN E 55 -31.88 -51.46 0.25
C GLN E 55 -33.25 -50.94 -0.36
C GLN E 55 -33.22 -51.27 -0.45
N GLN E 56 -33.15 -50.73 -1.67
CA GLN E 56 -34.32 -50.42 -2.49
C GLN E 56 -34.35 -51.30 -3.74
N ARG E 57 -35.50 -51.89 -4.04
N ARG E 57 -35.49 -51.91 -4.03
CA ARG E 57 -35.68 -52.67 -5.26
CA ARG E 57 -35.68 -52.67 -5.27
C ARG E 57 -36.99 -52.31 -5.96
C ARG E 57 -36.99 -52.34 -5.97
N TRP E 58 -36.94 -52.26 -7.29
CA TRP E 58 -38.14 -52.12 -8.10
C TRP E 58 -37.89 -52.73 -9.47
N LYS E 59 -38.88 -52.66 -10.36
N LYS E 59 -38.89 -52.68 -10.34
CA LYS E 59 -38.78 -53.35 -11.64
CA LYS E 59 -38.81 -53.32 -11.64
C LYS E 59 -39.49 -52.58 -12.75
C LYS E 59 -39.46 -52.46 -12.71
N LEU E 60 -38.74 -52.27 -13.81
CA LEU E 60 -39.26 -51.50 -14.93
C LEU E 60 -39.20 -52.31 -16.23
N ASN E 61 -40.33 -52.40 -16.93
CA ASN E 61 -40.35 -53.06 -18.23
C ASN E 61 -39.42 -52.40 -19.22
N SER E 62 -39.22 -51.10 -19.07
CA SER E 62 -38.36 -50.38 -19.98
C SER E 62 -36.87 -50.68 -19.77
N LEU E 63 -36.53 -51.36 -18.68
CA LEU E 63 -35.13 -51.74 -18.44
C LEU E 63 -34.86 -53.21 -18.80
N MET E 64 -35.80 -53.83 -19.49
CA MET E 64 -35.65 -55.25 -19.87
C MET E 64 -34.84 -55.42 -21.15
N TRP E 65 -34.10 -56.53 -21.23
CA TRP E 65 -33.49 -56.94 -22.48
C TRP E 65 -33.34 -58.45 -22.52
N ASP E 66 -33.08 -58.97 -23.71
CA ASP E 66 -32.84 -60.39 -23.90
C ASP E 66 -31.32 -60.62 -23.90
N PRO E 67 -30.81 -61.31 -22.87
CA PRO E 67 -29.37 -61.58 -22.78
C PRO E 67 -28.79 -62.14 -24.08
N ASN E 68 -29.54 -63.01 -24.76
CA ASN E 68 -29.07 -63.59 -26.03
C ASN E 68 -28.75 -62.58 -27.13
N GLU E 69 -29.37 -61.39 -27.04
CA GLU E 69 -29.14 -60.33 -28.02
C GLU E 69 -27.93 -59.48 -27.65
N TYR E 70 -27.37 -59.73 -26.46
CA TYR E 70 -26.29 -58.89 -25.95
C TYR E 70 -25.15 -59.69 -25.34
N GLY E 71 -24.71 -60.74 -26.02
CA GLY E 71 -23.57 -61.51 -25.56
C GLY E 71 -23.77 -62.14 -24.20
N ASN E 72 -25.02 -62.46 -23.89
CA ASN E 72 -25.40 -63.10 -22.63
C ASN E 72 -25.17 -62.26 -21.38
N ILE E 73 -25.13 -60.95 -21.54
CA ILE E 73 -25.11 -60.08 -20.37
C ILE E 73 -26.45 -60.23 -19.63
N THR E 74 -26.42 -60.53 -18.34
CA THR E 74 -27.66 -60.72 -17.58
C THR E 74 -27.94 -59.55 -16.63
N ASP E 75 -26.91 -58.79 -16.30
N ASP E 75 -26.90 -58.78 -16.31
CA ASP E 75 -27.08 -57.56 -15.53
CA ASP E 75 -27.02 -57.63 -15.42
C ASP E 75 -25.84 -56.69 -15.62
C ASP E 75 -25.82 -56.70 -15.59
N PHE E 76 -25.96 -55.45 -15.12
CA PHE E 76 -24.85 -54.51 -15.18
C PHE E 76 -24.95 -53.47 -14.05
N ARG E 77 -23.84 -52.80 -13.75
CA ARG E 77 -23.84 -51.69 -12.80
C ARG E 77 -23.85 -50.39 -13.56
N THR E 78 -24.53 -49.38 -13.02
CA THR E 78 -24.55 -48.08 -13.68
C THR E 78 -24.86 -46.98 -12.67
N SER E 79 -24.33 -45.80 -12.91
CA SER E 79 -24.61 -44.67 -12.05
C SER E 79 -26.12 -44.54 -11.85
N ALA E 80 -26.54 -44.26 -10.62
CA ALA E 80 -27.96 -44.14 -10.31
C ALA E 80 -28.55 -42.91 -11.00
N ALA E 81 -27.67 -42.02 -11.47
CA ALA E 81 -28.12 -40.87 -12.25
C ALA E 81 -28.61 -41.29 -13.65
N ASP E 82 -28.21 -42.47 -14.12
CA ASP E 82 -28.62 -42.93 -15.46
C ASP E 82 -30.07 -43.38 -15.52
N ILE E 83 -30.67 -43.63 -14.36
CA ILE E 83 -32.01 -44.21 -14.29
C ILE E 83 -32.95 -43.42 -13.38
N TRP E 84 -34.24 -43.69 -13.49
CA TRP E 84 -35.23 -43.15 -12.56
C TRP E 84 -35.04 -43.83 -11.22
N THR E 85 -35.19 -43.09 -10.12
CA THR E 85 -35.15 -43.69 -8.79
C THR E 85 -36.32 -43.16 -7.96
N PRO E 86 -36.82 -43.97 -7.02
CA PRO E 86 -37.98 -43.51 -6.25
C PRO E 86 -37.60 -42.44 -5.25
N ASP E 87 -38.54 -41.55 -4.94
CA ASP E 87 -38.24 -40.46 -4.02
C ASP E 87 -38.44 -40.84 -2.54
N ILE E 88 -37.96 -42.01 -2.14
CA ILE E 88 -38.12 -42.46 -0.75
C ILE E 88 -37.40 -41.54 0.23
N THR E 89 -38.12 -41.07 1.25
CA THR E 89 -37.60 -40.06 2.16
C THR E 89 -38.03 -40.33 3.59
N ALA E 90 -37.19 -39.99 4.56
CA ALA E 90 -37.60 -40.10 5.96
C ALA E 90 -38.59 -38.97 6.27
N TYR E 91 -39.66 -39.27 7.00
CA TYR E 91 -40.70 -38.26 7.25
C TYR E 91 -40.42 -37.32 8.43
N SER E 92 -39.44 -37.66 9.25
CA SER E 92 -39.16 -36.84 10.43
C SER E 92 -37.67 -36.62 10.65
N SER E 93 -36.92 -36.46 9.56
CA SER E 93 -35.52 -36.05 9.68
C SER E 93 -35.43 -34.59 10.18
N THR E 94 -34.30 -34.25 10.78
CA THR E 94 -34.06 -32.89 11.26
C THR E 94 -32.88 -32.27 10.55
N ARG E 95 -32.24 -33.05 9.68
N ARG E 95 -32.21 -33.03 9.68
CA ARG E 95 -31.12 -32.59 8.86
CA ARG E 95 -31.14 -32.49 8.85
C ARG E 95 -31.11 -33.29 7.50
C ARG E 95 -31.00 -33.30 7.57
N PRO E 96 -30.49 -32.67 6.49
CA PRO E 96 -30.37 -33.40 5.23
C PRO E 96 -29.66 -34.71 5.47
N VAL E 97 -30.12 -35.78 4.82
CA VAL E 97 -29.48 -37.08 4.96
C VAL E 97 -28.10 -36.98 4.31
N GLN E 98 -27.13 -37.69 4.87
N GLN E 98 -27.12 -37.67 4.88
CA GLN E 98 -25.77 -37.69 4.33
CA GLN E 98 -25.78 -37.68 4.31
C GLN E 98 -25.45 -39.02 3.66
C GLN E 98 -25.49 -39.02 3.65
N VAL E 99 -25.07 -38.97 2.38
CA VAL E 99 -24.82 -40.19 1.62
C VAL E 99 -23.39 -40.63 1.86
N LEU E 100 -23.22 -41.89 2.25
CA LEU E 100 -21.91 -42.40 2.65
C LEU E 100 -21.33 -43.34 1.61
N SER E 101 -22.08 -43.60 0.55
CA SER E 101 -21.67 -44.59 -0.46
C SER E 101 -21.83 -44.04 -1.87
N PRO E 102 -21.16 -44.67 -2.84
CA PRO E 102 -21.38 -44.26 -4.23
C PRO E 102 -22.83 -44.52 -4.59
N GLN E 103 -23.37 -43.72 -5.49
CA GLN E 103 -24.73 -43.89 -5.98
C GLN E 103 -24.68 -44.72 -7.24
N ILE E 104 -24.65 -46.04 -7.09
CA ILE E 104 -24.60 -46.94 -8.23
C ILE E 104 -25.64 -48.04 -8.09
N ALA E 105 -26.36 -48.32 -9.16
CA ALA E 105 -27.41 -49.34 -9.16
C ALA E 105 -27.01 -50.58 -9.95
N VAL E 106 -27.66 -51.71 -9.65
CA VAL E 106 -27.49 -52.92 -10.44
C VAL E 106 -28.78 -53.15 -11.21
N VAL E 107 -28.66 -53.27 -12.53
CA VAL E 107 -29.82 -53.49 -13.37
C VAL E 107 -29.78 -54.91 -13.92
N THR E 108 -30.90 -55.61 -13.82
CA THR E 108 -30.99 -56.99 -14.27
C THR E 108 -31.85 -57.08 -15.51
N HIS E 109 -31.68 -58.15 -16.30
CA HIS E 109 -32.29 -58.21 -17.62
C HIS E 109 -33.81 -58.31 -17.58
N ASP E 110 -34.38 -58.58 -16.41
CA ASP E 110 -35.83 -58.64 -16.29
C ASP E 110 -36.40 -57.26 -15.96
N GLY E 111 -35.53 -56.26 -15.89
CA GLY E 111 -35.97 -54.91 -15.61
C GLY E 111 -35.82 -54.54 -14.16
N SER E 112 -35.39 -55.51 -13.35
CA SER E 112 -35.17 -55.29 -11.92
C SER E 112 -33.97 -54.41 -11.65
N VAL E 113 -34.11 -53.54 -10.64
CA VAL E 113 -33.05 -52.66 -10.20
C VAL E 113 -32.80 -52.86 -8.70
N MET E 114 -31.55 -52.87 -8.29
CA MET E 114 -31.21 -52.91 -6.88
C MET E 114 -30.25 -51.78 -6.56
N PHE E 115 -30.57 -51.00 -5.52
CA PHE E 115 -29.84 -49.78 -5.20
C PHE E 115 -29.72 -49.72 -3.67
N ILE E 116 -28.49 -49.63 -3.16
CA ILE E 116 -28.30 -49.74 -1.71
C ILE E 116 -27.47 -48.58 -1.15
N PRO E 117 -28.06 -47.39 -1.05
CA PRO E 117 -27.28 -46.26 -0.53
C PRO E 117 -27.04 -46.41 0.98
N ALA E 118 -25.85 -46.09 1.45
CA ALA E 118 -25.62 -46.01 2.88
C ALA E 118 -25.83 -44.56 3.31
N GLN E 119 -26.42 -44.35 4.49
CA GLN E 119 -26.82 -43.01 4.91
C GLN E 119 -26.60 -42.76 6.39
N ARG E 120 -26.26 -41.53 6.73
CA ARG E 120 -26.33 -41.04 8.09
C ARG E 120 -27.54 -40.11 8.17
N LEU E 121 -28.42 -40.41 9.11
CA LEU E 121 -29.70 -39.72 9.27
C LEU E 121 -29.84 -39.20 10.69
N SER E 122 -30.21 -37.93 10.83
CA SER E 122 -30.64 -37.35 12.11
C SER E 122 -32.15 -37.26 12.09
N PHE E 123 -32.80 -37.73 13.14
CA PHE E 123 -34.25 -37.72 13.14
C PHE E 123 -34.77 -37.46 14.56
N MET E 124 -36.05 -37.10 14.64
CA MET E 124 -36.65 -36.70 15.92
C MET E 124 -36.85 -37.90 16.80
N CYS E 125 -36.22 -37.87 17.98
CA CYS E 125 -36.50 -38.87 18.99
C CYS E 125 -36.06 -38.39 20.37
N ASP E 126 -36.95 -38.58 21.33
CA ASP E 126 -36.68 -38.28 22.72
C ASP E 126 -36.01 -39.50 23.32
N PRO E 127 -34.71 -39.39 23.66
CA PRO E 127 -33.91 -40.53 24.13
C PRO E 127 -34.07 -40.79 25.62
N THR E 128 -34.94 -40.03 26.29
N THR E 128 -34.94 -40.03 26.29
CA THR E 128 -35.14 -40.18 27.73
CA THR E 128 -35.15 -40.19 27.72
C THR E 128 -35.38 -41.63 28.11
C THR E 128 -35.38 -41.65 28.10
N GLY E 129 -34.59 -42.14 29.06
CA GLY E 129 -34.69 -43.50 29.52
C GLY E 129 -33.77 -44.45 28.76
N VAL E 130 -32.90 -43.90 27.92
CA VAL E 130 -31.99 -44.73 27.15
C VAL E 130 -30.98 -45.41 28.08
N ASP E 131 -30.69 -44.75 29.20
CA ASP E 131 -29.72 -45.26 30.16
C ASP E 131 -30.36 -46.11 31.26
N SER E 132 -31.48 -46.73 30.95
N SER E 132 -31.48 -46.73 30.94
CA SER E 132 -32.11 -47.69 31.84
CA SER E 132 -32.12 -47.69 31.84
C SER E 132 -31.96 -49.07 31.24
C SER E 132 -32.05 -49.07 31.21
N GLU E 133 -32.42 -50.09 31.96
CA GLU E 133 -32.38 -51.45 31.44
C GLU E 133 -33.56 -51.71 30.48
N GLU E 134 -34.62 -50.92 30.61
CA GLU E 134 -35.75 -51.00 29.69
C GLU E 134 -35.55 -50.24 28.37
N GLY E 135 -34.53 -49.37 28.34
CA GLY E 135 -34.19 -48.65 27.12
C GLY E 135 -35.25 -47.68 26.64
N VAL E 136 -35.13 -47.24 25.39
CA VAL E 136 -36.08 -46.30 24.82
C VAL E 136 -36.43 -46.74 23.39
N THR E 137 -37.62 -46.39 22.93
CA THR E 137 -38.01 -46.70 21.57
C THR E 137 -38.11 -45.43 20.73
N CYS E 138 -37.51 -45.45 19.55
CA CYS E 138 -37.65 -44.37 18.58
C CYS E 138 -38.22 -44.95 17.31
N ALA E 139 -38.77 -44.09 16.46
CA ALA E 139 -39.40 -44.53 15.23
C ALA E 139 -39.23 -43.44 14.17
N VAL E 140 -39.08 -43.85 12.91
CA VAL E 140 -39.06 -42.93 11.77
C VAL E 140 -39.79 -43.58 10.62
N LYS E 141 -40.72 -42.85 10.00
CA LYS E 141 -41.42 -43.34 8.81
C LYS E 141 -40.64 -43.00 7.54
N PHE E 142 -40.60 -43.93 6.59
CA PHE E 142 -39.99 -43.69 5.30
C PHE E 142 -41.05 -43.91 4.23
N GLY E 143 -41.02 -43.11 3.16
CA GLY E 143 -41.96 -43.29 2.06
C GLY E 143 -41.74 -42.31 0.92
N SER E 144 -42.54 -42.45 -0.12
CA SER E 144 -42.50 -41.50 -1.22
C SER E 144 -42.92 -40.12 -0.72
N TRP E 145 -42.29 -39.08 -1.24
CA TRP E 145 -42.68 -37.73 -0.87
C TRP E 145 -43.93 -37.24 -1.61
N VAL E 146 -44.10 -37.63 -2.86
CA VAL E 146 -45.20 -37.08 -3.65
C VAL E 146 -46.14 -38.11 -4.30
N TYR E 147 -45.79 -39.40 -4.21
CA TYR E 147 -46.61 -40.45 -4.80
C TYR E 147 -47.48 -41.08 -3.73
N SER E 148 -48.77 -41.22 -4.01
CA SER E 148 -49.67 -41.95 -3.11
C SER E 148 -49.60 -43.43 -3.44
N GLY E 149 -50.30 -44.24 -2.68
CA GLY E 149 -50.31 -45.68 -2.86
C GLY E 149 -50.83 -46.16 -4.21
N PHE E 150 -51.52 -45.29 -4.93
CA PHE E 150 -52.02 -45.65 -6.26
C PHE E 150 -50.88 -45.70 -7.25
N GLU E 151 -49.81 -44.97 -6.96
CA GLU E 151 -48.68 -44.86 -7.87
C GLU E 151 -47.45 -45.66 -7.40
N ILE E 152 -47.12 -45.54 -6.11
N ILE E 152 -47.13 -45.55 -6.11
CA ILE E 152 -46.03 -46.31 -5.52
CA ILE E 152 -46.03 -46.31 -5.53
C ILE E 152 -46.47 -47.10 -4.29
C ILE E 152 -46.46 -47.09 -4.29
N ASP E 153 -46.33 -48.42 -4.36
CA ASP E 153 -46.65 -49.27 -3.22
C ASP E 153 -45.33 -49.66 -2.58
N LEU E 154 -45.32 -49.82 -1.25
CA LEU E 154 -44.12 -50.23 -0.54
C LEU E 154 -44.27 -51.63 0.00
N LYS E 155 -43.16 -52.34 0.09
CA LYS E 155 -43.16 -53.65 0.69
C LYS E 155 -41.85 -53.81 1.44
N THR E 156 -41.88 -54.64 2.47
CA THR E 156 -40.66 -55.10 3.10
C THR E 156 -40.57 -56.59 2.85
N ASP E 157 -39.39 -57.07 2.49
CA ASP E 157 -39.16 -58.50 2.38
C ASP E 157 -39.42 -59.16 3.74
N THR E 158 -38.97 -58.48 4.79
CA THR E 158 -39.16 -58.96 6.16
C THR E 158 -39.44 -57.76 7.05
N ASP E 159 -40.12 -57.99 8.17
CA ASP E 159 -40.40 -56.92 9.11
C ASP E 159 -39.25 -56.77 10.11
N GLN E 160 -38.23 -57.58 9.93
CA GLN E 160 -37.06 -57.56 10.81
C GLN E 160 -35.89 -56.81 10.16
N VAL E 161 -35.42 -55.78 10.85
CA VAL E 161 -34.30 -54.99 10.38
C VAL E 161 -33.06 -55.87 10.38
N ASP E 162 -32.26 -55.82 9.33
CA ASP E 162 -31.03 -56.62 9.30
C ASP E 162 -30.00 -56.08 10.31
N LEU E 163 -29.68 -56.86 11.33
CA LEU E 163 -28.76 -56.39 12.38
C LEU E 163 -27.42 -57.11 12.37
N SER E 164 -27.19 -57.93 11.36
CA SER E 164 -26.04 -58.82 11.37
C SER E 164 -24.75 -58.05 11.09
N SER E 165 -24.90 -56.78 10.74
CA SER E 165 -23.75 -55.92 10.50
C SER E 165 -23.67 -54.81 11.54
N TYR E 166 -24.48 -54.91 12.59
CA TYR E 166 -24.48 -53.90 13.65
C TYR E 166 -23.13 -53.81 14.35
N TYR E 167 -22.60 -52.59 14.48
CA TYR E 167 -21.31 -52.37 15.14
C TYR E 167 -21.21 -53.04 16.50
N ALA E 168 -20.27 -53.98 16.64
CA ALA E 168 -20.18 -54.82 17.82
C ALA E 168 -19.68 -54.08 19.06
N SER E 169 -19.08 -52.91 18.89
CA SER E 169 -18.64 -52.14 20.05
C SER E 169 -19.40 -50.81 20.15
N SER E 170 -20.65 -50.82 19.69
CA SER E 170 -21.48 -49.62 19.78
C SER E 170 -21.76 -49.24 21.22
N LYS E 171 -21.91 -47.94 21.44
CA LYS E 171 -22.39 -47.38 22.71
C LYS E 171 -23.76 -47.95 23.05
N TYR E 172 -24.51 -48.35 22.04
CA TYR E 172 -25.89 -48.77 22.24
C TYR E 172 -26.17 -50.25 21.91
N GLU E 173 -27.01 -50.88 22.73
CA GLU E 173 -27.41 -52.26 22.51
C GLU E 173 -28.80 -52.24 21.92
N ILE E 174 -29.00 -52.99 20.84
CA ILE E 174 -30.28 -53.01 20.15
C ILE E 174 -31.17 -54.08 20.79
N LEU E 175 -32.32 -53.64 21.31
CA LEU E 175 -33.27 -54.55 21.93
C LEU E 175 -34.25 -55.09 20.89
N SER E 176 -34.68 -54.23 19.98
CA SER E 176 -35.53 -54.65 18.88
C SER E 176 -35.40 -53.64 17.77
N ALA E 177 -35.62 -54.08 16.54
CA ALA E 177 -35.52 -53.24 15.37
C ALA E 177 -36.41 -53.83 14.30
N THR E 178 -37.51 -53.15 13.99
CA THR E 178 -38.44 -53.63 12.99
C THR E 178 -38.70 -52.60 11.90
N GLN E 179 -39.16 -53.08 10.75
CA GLN E 179 -39.52 -52.23 9.62
C GLN E 179 -40.87 -52.70 9.10
N THR E 180 -41.90 -51.88 9.27
CA THR E 180 -43.27 -52.32 9.03
C THR E 180 -44.10 -51.42 8.08
N ARG E 181 -44.62 -52.05 7.03
CA ARG E 181 -45.49 -51.36 6.07
C ARG E 181 -46.80 -50.93 6.73
N GLN E 182 -47.24 -49.71 6.42
CA GLN E 182 -48.44 -49.12 7.01
C GLN E 182 -49.24 -48.34 5.97
N VAL E 183 -50.56 -48.45 6.01
CA VAL E 183 -51.41 -47.70 5.10
C VAL E 183 -52.08 -46.53 5.81
N GLN E 184 -51.73 -45.32 5.39
CA GLN E 184 -52.24 -44.09 6.00
C GLN E 184 -53.39 -43.51 5.18
N HIS E 185 -54.20 -42.68 5.82
CA HIS E 185 -55.30 -42.01 5.15
C HIS E 185 -55.48 -40.59 5.70
N TYR E 186 -55.10 -39.59 4.92
CA TYR E 186 -55.34 -38.20 5.30
C TYR E 186 -56.80 -37.85 5.02
N SER E 187 -57.46 -37.24 5.99
CA SER E 187 -58.89 -36.94 5.87
C SER E 187 -59.19 -35.92 4.78
N CYS E 188 -58.22 -35.68 3.90
CA CYS E 188 -58.37 -34.75 2.80
C CYS E 188 -58.82 -35.45 1.51
N CYS E 189 -58.25 -36.63 1.27
CA CYS E 189 -58.40 -37.31 0.00
C CYS E 189 -58.62 -38.82 0.19
N PRO E 190 -59.18 -39.49 -0.83
CA PRO E 190 -59.49 -40.92 -0.75
C PRO E 190 -58.24 -41.79 -0.78
N GLU E 191 -57.48 -41.68 -1.88
CA GLU E 191 -56.32 -42.53 -2.13
C GLU E 191 -55.47 -42.77 -0.88
N PRO E 192 -54.94 -43.99 -0.73
CA PRO E 192 -54.12 -44.36 0.43
C PRO E 192 -52.68 -43.90 0.28
N TYR E 193 -52.03 -43.66 1.42
CA TYR E 193 -50.61 -43.34 1.43
C TYR E 193 -49.87 -44.40 2.24
N ILE E 194 -48.76 -44.88 1.69
CA ILE E 194 -48.05 -45.99 2.30
C ILE E 194 -46.70 -45.53 2.85
N ASP E 195 -46.30 -46.10 3.99
CA ASP E 195 -44.99 -45.83 4.54
C ASP E 195 -44.40 -47.07 5.21
N VAL E 196 -43.09 -47.10 5.37
CA VAL E 196 -42.43 -48.12 6.18
C VAL E 196 -41.94 -47.51 7.48
N ASN E 197 -42.46 -48.01 8.58
CA ASN E 197 -42.12 -47.46 9.88
C ASN E 197 -40.93 -48.21 10.46
N LEU E 198 -39.80 -47.51 10.59
CA LEU E 198 -38.61 -48.07 11.21
C LEU E 198 -38.68 -47.83 12.71
N VAL E 199 -38.76 -48.90 13.49
CA VAL E 199 -38.90 -48.78 14.94
C VAL E 199 -37.73 -49.45 15.63
N VAL E 200 -37.00 -48.66 16.42
CA VAL E 200 -35.80 -49.16 17.04
C VAL E 200 -35.82 -48.95 18.55
N LYS E 201 -35.79 -50.06 19.30
CA LYS E 201 -35.71 -50.00 20.76
C LYS E 201 -34.29 -50.34 21.15
N PHE E 202 -33.64 -49.45 21.89
CA PHE E 202 -32.24 -49.62 22.25
C PHE E 202 -31.95 -49.06 23.63
N ARG E 203 -30.79 -49.40 24.16
N ARG E 203 -30.80 -49.40 24.16
CA ARG E 203 -30.36 -48.90 25.46
CA ARG E 203 -30.37 -48.89 25.46
C ARG E 203 -28.85 -48.75 25.49
C ARG E 203 -28.85 -48.73 25.48
N GLU E 204 -28.35 -47.99 26.45
CA GLU E 204 -26.90 -47.82 26.59
C GLU E 204 -26.22 -49.13 26.97
N ARG E 205 -24.98 -49.28 26.51
CA ARG E 205 -24.14 -50.43 26.84
C ARG E 205 -24.06 -50.64 28.35
N GLN F 1 35.10 54.36 21.82
CA GLN F 1 34.38 53.10 21.65
C GLN F 1 33.62 52.70 22.92
N ALA F 2 34.12 53.12 24.07
CA ALA F 2 33.44 52.78 25.32
C ALA F 2 32.01 53.32 25.34
N ASN F 3 31.83 54.57 24.93
CA ASN F 3 30.50 55.17 24.95
C ASN F 3 29.52 54.50 23.98
N LEU F 4 30.02 54.13 22.81
CA LEU F 4 29.18 53.44 21.84
C LEU F 4 28.74 52.09 22.39
N MET F 5 29.65 51.37 23.03
CA MET F 5 29.31 50.06 23.61
C MET F 5 28.18 50.22 24.62
N ARG F 6 28.31 51.23 25.49
CA ARG F 6 27.30 51.53 26.50
C ARG F 6 25.97 51.82 25.84
N LEU F 7 26.00 52.64 24.79
CA LEU F 7 24.77 53.03 24.09
C LEU F 7 24.07 51.81 23.52
N LYS F 8 24.82 50.96 22.83
CA LYS F 8 24.22 49.80 22.21
C LYS F 8 23.63 48.85 23.26
N SER F 9 24.36 48.62 24.34
N SER F 9 24.38 48.61 24.33
CA SER F 9 23.87 47.73 25.39
CA SER F 9 23.88 47.75 25.41
C SER F 9 22.61 48.28 26.05
C SER F 9 22.56 48.30 25.93
N ASP F 10 22.52 49.60 26.16
CA ASP F 10 21.34 50.24 26.71
C ASP F 10 20.14 50.16 25.76
N LEU F 11 20.41 50.31 24.47
CA LEU F 11 19.36 50.26 23.45
C LEU F 11 18.88 48.85 23.14
N PHE F 12 19.79 47.88 23.24
CA PHE F 12 19.50 46.54 22.75
C PHE F 12 19.40 45.46 23.82
N ASN F 13 20.16 45.62 24.90
CA ASN F 13 20.27 44.56 25.93
C ASN F 13 19.34 44.70 27.12
N ARG F 14 18.61 45.80 27.21
CA ARG F 14 17.76 46.03 28.39
C ARG F 14 16.28 45.68 28.18
N SER F 15 15.73 46.07 27.04
CA SER F 15 14.32 45.89 26.76
C SER F 15 14.11 44.91 25.62
N PRO F 16 12.89 44.37 25.49
CA PRO F 16 12.59 43.49 24.34
C PRO F 16 12.60 44.32 23.06
N MET F 17 12.92 43.69 21.94
CA MET F 17 12.97 44.40 20.66
C MET F 17 11.60 44.99 20.33
N TYR F 18 11.61 46.09 19.58
CA TYR F 18 10.38 46.67 19.09
C TYR F 18 9.60 45.57 18.38
N PRO F 19 8.35 45.33 18.80
CA PRO F 19 7.49 44.24 18.30
C PRO F 19 6.80 44.57 16.98
N GLY F 20 7.12 45.71 16.38
CA GLY F 20 6.45 46.10 15.15
C GLY F 20 5.22 46.96 15.42
N PRO F 21 4.72 47.66 14.39
CA PRO F 21 3.59 48.59 14.58
C PRO F 21 2.25 47.91 14.76
N THR F 22 1.32 48.65 15.36
N THR F 22 1.32 48.61 15.39
CA THR F 22 -0.08 48.23 15.46
CA THR F 22 -0.08 48.19 15.41
C THR F 22 -0.96 49.39 15.03
C THR F 22 -0.96 49.38 15.04
N LYS F 23 -2.25 49.13 14.91
CA LYS F 23 -3.23 50.13 14.52
C LYS F 23 -3.19 51.38 15.41
N ASP F 24 -2.86 51.18 16.68
CA ASP F 24 -2.86 52.26 17.65
C ASP F 24 -1.53 53.02 17.62
N ASP F 25 -0.50 52.40 17.04
CA ASP F 25 0.80 53.06 16.91
C ASP F 25 1.40 52.75 15.56
N PRO F 26 0.79 53.27 14.50
CA PRO F 26 1.20 52.98 13.12
C PRO F 26 2.58 53.54 12.87
N LEU F 27 3.27 53.01 11.88
CA LEU F 27 4.63 53.47 11.60
C LEU F 27 4.69 53.96 10.17
N THR F 28 5.37 55.07 9.96
CA THR F 28 5.56 55.58 8.60
C THR F 28 6.89 55.09 8.05
N VAL F 29 6.86 54.48 6.86
CA VAL F 29 8.09 54.04 6.23
C VAL F 29 8.22 54.75 4.88
N THR F 30 9.36 55.41 4.67
CA THR F 30 9.60 56.10 3.41
C THR F 30 10.53 55.27 2.54
N LEU F 31 10.17 55.16 1.27
CA LEU F 31 10.82 54.26 0.35
C LEU F 31 11.32 55.03 -0.86
N GLY F 32 12.52 54.71 -1.32
CA GLY F 32 13.07 55.35 -2.51
C GLY F 32 13.93 54.38 -3.30
N PHE F 33 13.87 54.46 -4.63
CA PHE F 33 14.65 53.56 -5.46
C PHE F 33 15.75 54.28 -6.23
N THR F 34 16.89 53.61 -6.32
CA THR F 34 18.02 54.08 -7.13
C THR F 34 18.33 52.95 -8.10
N LEU F 35 18.00 53.14 -9.37
CA LEU F 35 18.13 52.08 -10.37
C LEU F 35 19.53 52.03 -10.98
N GLN F 36 20.21 50.91 -10.78
CA GLN F 36 21.58 50.79 -11.24
C GLN F 36 21.67 50.23 -12.65
N ASP F 37 20.79 49.28 -12.96
CA ASP F 37 20.89 48.59 -14.24
C ASP F 37 19.73 47.65 -14.49
N ILE F 38 19.31 47.55 -15.74
CA ILE F 38 18.49 46.44 -16.19
C ILE F 38 19.50 45.45 -16.77
N VAL F 39 19.75 44.38 -16.06
N VAL F 39 19.71 44.34 -16.08
CA VAL F 39 20.82 43.47 -16.41
CA VAL F 39 20.83 43.46 -16.36
C VAL F 39 20.39 42.46 -17.48
C VAL F 39 20.49 42.19 -17.17
N LYS F 40 19.21 41.87 -17.27
CA LYS F 40 18.78 40.75 -18.10
C LYS F 40 17.33 40.94 -18.53
N VAL F 41 17.02 40.50 -19.73
CA VAL F 41 15.65 40.48 -20.20
C VAL F 41 15.41 39.12 -20.84
N ASP F 42 14.28 38.51 -20.56
CA ASP F 42 14.01 37.16 -21.07
C ASP F 42 12.62 37.11 -21.67
N SER F 43 12.56 37.23 -23.00
CA SER F 43 11.29 37.22 -23.71
C SER F 43 10.67 35.83 -23.77
N SER F 44 11.43 34.79 -23.44
CA SER F 44 10.89 33.43 -23.48
C SER F 44 10.04 33.12 -22.24
N THR F 45 10.35 33.75 -21.11
CA THR F 45 9.60 33.54 -19.88
C THR F 45 8.90 34.79 -19.34
N ASN F 46 9.08 35.93 -20.01
CA ASN F 46 8.58 37.22 -19.55
C ASN F 46 9.07 37.63 -18.15
N GLU F 47 10.38 37.53 -17.96
N GLU F 47 10.38 37.61 -18.00
CA GLU F 47 11.02 37.95 -16.74
CA GLU F 47 11.03 37.96 -16.76
C GLU F 47 12.04 39.02 -17.09
C GLU F 47 12.15 38.95 -17.02
N VAL F 48 12.22 39.99 -16.19
CA VAL F 48 13.26 41.00 -16.33
C VAL F 48 13.99 41.16 -14.99
N ASP F 49 15.31 41.38 -15.04
CA ASP F 49 16.13 41.43 -13.84
C ASP F 49 16.64 42.86 -13.67
N LEU F 50 16.45 43.41 -12.47
CA LEU F 50 16.93 44.76 -12.16
C LEU F 50 17.93 44.73 -11.01
N VAL F 51 18.89 45.65 -11.07
CA VAL F 51 19.78 45.88 -9.93
C VAL F 51 19.57 47.30 -9.44
N TYR F 52 19.26 47.45 -8.15
CA TYR F 52 18.92 48.75 -7.59
C TYR F 52 19.26 48.81 -6.09
N TYR F 53 19.39 50.02 -5.57
CA TYR F 53 19.42 50.25 -4.11
C TYR F 53 18.03 50.63 -3.67
N GLU F 54 17.59 50.08 -2.56
CA GLU F 54 16.28 50.44 -2.02
C GLU F 54 16.45 51.17 -0.70
N GLN F 55 16.17 52.46 -0.70
CA GLN F 55 16.28 53.25 0.51
C GLN F 55 15.04 53.18 1.38
N GLN F 56 15.22 52.77 2.64
CA GLN F 56 14.13 52.67 3.60
C GLN F 56 14.42 53.56 4.81
N ARG F 57 13.43 54.33 5.25
CA ARG F 57 13.58 55.16 6.42
C ARG F 57 12.36 55.08 7.31
N TRP F 58 12.59 54.95 8.61
CA TRP F 58 11.52 55.05 9.61
C TRP F 58 12.09 55.61 10.91
N LYS F 59 11.23 55.75 11.92
CA LYS F 59 11.65 56.35 13.17
C LYS F 59 10.93 55.75 14.38
N LEU F 60 11.70 55.38 15.39
CA LEU F 60 11.15 54.73 16.56
C LEU F 60 11.56 55.46 17.82
N ASN F 61 10.59 55.74 18.68
CA ASN F 61 10.89 56.35 19.97
C ASN F 61 11.86 55.48 20.79
N SER F 62 11.83 54.17 20.58
CA SER F 62 12.63 53.25 21.40
C SER F 62 14.10 53.26 21.00
N LEU F 63 14.42 53.98 19.92
CA LEU F 63 15.80 54.13 19.47
C LEU F 63 16.36 55.51 19.70
N MET F 64 15.67 56.32 20.51
CA MET F 64 16.12 57.68 20.81
C MET F 64 17.13 57.70 21.95
N TRP F 65 18.03 58.67 21.91
CA TRP F 65 18.90 58.93 23.06
C TRP F 65 19.37 60.37 23.08
N ASP F 66 19.84 60.78 24.24
CA ASP F 66 20.40 62.09 24.44
C ASP F 66 21.90 61.99 24.18
N PRO F 67 22.39 62.66 23.13
CA PRO F 67 23.81 62.49 22.80
C PRO F 67 24.75 62.83 23.96
N ASN F 68 24.34 63.73 24.85
CA ASN F 68 25.18 64.12 25.98
C ASN F 68 25.48 62.97 26.94
N GLU F 69 24.60 61.98 26.97
CA GLU F 69 24.73 60.88 27.91
C GLU F 69 25.64 59.82 27.36
N TYR F 70 26.07 59.99 26.11
CA TYR F 70 26.87 58.98 25.45
C TYR F 70 27.97 59.61 24.60
N GLY F 71 28.83 60.39 25.23
CA GLY F 71 30.00 60.93 24.56
C GLY F 71 29.71 61.73 23.31
N ASN F 72 28.52 62.34 23.26
CA ASN F 72 28.12 63.19 22.14
C ASN F 72 27.91 62.43 20.83
N ILE F 73 27.74 61.12 20.93
CA ILE F 73 27.46 60.33 19.75
C ILE F 73 26.06 60.68 19.22
N THR F 74 25.97 61.03 17.94
CA THR F 74 24.70 61.46 17.35
C THR F 74 24.12 60.37 16.44
N ASP F 75 24.96 59.43 16.02
CA ASP F 75 24.47 58.26 15.27
C ASP F 75 25.48 57.12 15.27
N PHE F 76 25.03 55.92 14.88
CA PHE F 76 25.91 54.78 14.81
C PHE F 76 25.43 53.76 13.79
N ARG F 77 26.31 52.82 13.44
CA ARG F 77 26.00 51.77 12.47
C ARG F 77 25.80 50.46 13.21
N THR F 78 24.86 49.65 12.76
CA THR F 78 24.70 48.37 13.42
C THR F 78 24.03 47.34 12.52
N SER F 79 24.34 46.08 12.74
CA SER F 79 23.75 45.01 11.97
C SER F 79 22.22 45.17 11.95
N ALA F 80 21.63 44.93 10.79
CA ALA F 80 20.18 45.04 10.67
C ALA F 80 19.48 44.01 11.55
N ALA F 81 20.22 42.98 11.95
CA ALA F 81 19.67 41.93 12.82
C ALA F 81 19.42 42.43 14.24
N ASP F 82 20.09 43.51 14.62
CA ASP F 82 19.95 44.07 15.97
C ASP F 82 18.65 44.84 16.13
N ILE F 83 17.99 45.15 15.02
CA ILE F 83 16.84 46.05 15.06
C ILE F 83 15.67 45.50 14.28
N TRP F 84 14.48 46.05 14.51
CA TRP F 84 13.31 45.69 13.73
C TRP F 84 13.44 46.32 12.34
N THR F 85 12.99 45.61 11.31
CA THR F 85 12.94 46.19 9.96
C THR F 85 11.62 45.85 9.27
N PRO F 86 11.13 46.75 8.40
CA PRO F 86 9.84 46.54 7.76
C PRO F 86 9.93 45.49 6.66
N ASP F 87 8.84 44.74 6.49
CA ASP F 87 8.82 43.61 5.57
C ASP F 87 8.44 44.05 4.14
N ILE F 88 9.09 45.09 3.65
CA ILE F 88 8.82 45.61 2.32
C ILE F 88 9.25 44.57 1.27
N THR F 89 8.33 44.21 0.39
CA THR F 89 8.52 43.10 -0.54
C THR F 89 7.97 43.45 -1.93
N ALA F 90 8.62 42.96 -2.98
CA ALA F 90 8.05 43.04 -4.33
C ALA F 90 6.85 42.09 -4.44
N TYR F 91 5.77 42.57 -5.03
CA TYR F 91 4.54 41.78 -5.11
C TYR F 91 4.47 40.82 -6.30
N SER F 92 5.39 40.96 -7.26
CA SER F 92 5.38 40.08 -8.42
C SER F 92 6.78 39.59 -8.83
N SER F 93 7.63 39.30 -7.85
CA SER F 93 8.93 38.68 -8.14
C SER F 93 8.72 37.24 -8.62
N THR F 94 9.72 36.67 -9.26
CA THR F 94 9.62 35.32 -9.79
C THR F 94 10.73 34.45 -9.24
N ARG F 95 11.65 35.06 -8.49
N ARG F 95 11.63 35.08 -8.48
CA ARG F 95 12.69 34.33 -7.77
CA ARG F 95 12.75 34.41 -7.81
C ARG F 95 13.05 35.12 -6.51
C ARG F 95 13.04 35.14 -6.49
N PRO F 96 13.63 34.45 -5.50
CA PRO F 96 13.97 35.17 -4.27
C PRO F 96 14.91 36.33 -4.62
N VAL F 97 14.71 37.46 -3.98
N VAL F 97 14.72 37.46 -3.97
CA VAL F 97 15.58 38.61 -4.19
CA VAL F 97 15.56 38.63 -4.22
C VAL F 97 17.00 38.22 -3.81
C VAL F 97 16.99 38.32 -3.77
N GLN F 98 17.98 38.78 -4.53
CA GLN F 98 19.38 38.54 -4.17
C GLN F 98 19.98 39.80 -3.54
N VAL F 99 20.56 39.65 -2.36
CA VAL F 99 21.10 40.76 -1.58
C VAL F 99 22.55 41.03 -1.97
N LEU F 100 22.85 42.24 -2.41
CA LEU F 100 24.17 42.56 -2.92
C LEU F 100 25.05 43.34 -1.95
N SER F 101 24.46 43.82 -0.85
CA SER F 101 25.16 44.67 0.11
C SER F 101 25.09 44.12 1.51
N PRO F 102 25.97 44.60 2.40
CA PRO F 102 25.92 44.17 3.80
C PRO F 102 24.60 44.58 4.45
N GLN F 103 24.10 43.77 5.37
CA GLN F 103 22.85 44.10 6.04
C GLN F 103 23.16 44.89 7.32
N ILE F 104 23.37 46.19 7.14
CA ILE F 104 23.75 47.08 8.22
C ILE F 104 22.95 48.36 8.04
N ALA F 105 22.52 48.96 9.13
CA ALA F 105 21.73 50.19 9.06
C ALA F 105 22.34 51.32 9.88
N VAL F 106 21.88 52.54 9.63
CA VAL F 106 22.34 53.71 10.37
C VAL F 106 21.24 54.20 11.29
N VAL F 107 21.54 54.31 12.58
CA VAL F 107 20.56 54.76 13.57
C VAL F 107 21.01 56.10 14.12
N THR F 108 20.09 57.06 14.17
CA THR F 108 20.42 58.41 14.64
C THR F 108 19.71 58.71 15.96
N HIS F 109 20.28 59.61 16.74
CA HIS F 109 19.84 59.81 18.13
C HIS F 109 18.39 60.24 18.24
N ASP F 110 17.80 60.74 17.15
CA ASP F 110 16.38 61.08 17.15
C ASP F 110 15.52 59.85 16.91
N GLY F 111 16.15 58.68 16.84
CA GLY F 111 15.42 57.44 16.68
C GLY F 111 15.23 57.04 15.22
N SER F 112 15.68 57.89 14.30
CA SER F 112 15.49 57.59 12.89
C SER F 112 16.44 56.48 12.43
N VAL F 113 15.98 55.67 11.50
CA VAL F 113 16.79 54.60 10.96
C VAL F 113 16.85 54.78 9.45
N MET F 114 18.03 54.57 8.89
CA MET F 114 18.16 54.51 7.44
C MET F 114 18.85 53.21 7.03
N PHE F 115 18.25 52.50 6.09
CA PHE F 115 18.69 51.16 5.69
C PHE F 115 18.60 51.09 4.16
N ILE F 116 19.71 50.76 3.52
N ILE F 116 19.71 50.76 3.51
CA ILE F 116 19.79 50.80 2.06
CA ILE F 116 19.76 50.81 2.05
C ILE F 116 20.28 49.47 1.46
C ILE F 116 20.24 49.50 1.41
N PRO F 117 19.39 48.47 1.39
CA PRO F 117 19.80 47.20 0.80
C PRO F 117 19.90 47.32 -0.72
N ALA F 118 21.02 46.86 -1.29
CA ALA F 118 21.12 46.72 -2.74
C ALA F 118 20.67 45.31 -3.12
N GLN F 119 19.95 45.19 -4.24
CA GLN F 119 19.27 43.96 -4.58
C GLN F 119 19.28 43.69 -6.09
N ARG F 120 19.27 42.41 -6.44
CA ARG F 120 18.94 42.02 -7.81
C ARG F 120 17.58 41.36 -7.74
N LEU F 121 16.64 41.86 -8.56
CA LEU F 121 15.27 41.35 -8.57
C LEU F 121 14.88 40.85 -9.96
N SER F 122 14.34 39.64 -10.02
CA SER F 122 13.63 39.14 -11.19
C SER F 122 12.13 39.34 -10.98
N PHE F 123 11.46 39.94 -11.95
CA PHE F 123 10.02 40.17 -11.82
C PHE F 123 9.26 40.00 -13.13
N MET F 124 7.93 39.94 -13.05
CA MET F 124 7.12 39.60 -14.22
C MET F 124 7.02 40.79 -15.16
N CYS F 125 7.46 40.57 -16.40
CA CYS F 125 7.55 41.65 -17.37
C CYS F 125 7.69 41.09 -18.78
N ASP F 126 6.72 41.40 -19.63
CA ASP F 126 6.77 41.10 -21.06
C ASP F 126 7.55 42.22 -21.75
N PRO F 127 8.76 41.91 -22.23
CA PRO F 127 9.61 42.93 -22.85
C PRO F 127 9.32 43.11 -24.33
N THR F 128 8.22 42.57 -24.83
CA THR F 128 7.89 42.72 -26.25
C THR F 128 7.90 44.20 -26.62
N GLY F 129 8.74 44.57 -27.58
CA GLY F 129 8.86 45.96 -27.98
C GLY F 129 10.11 46.66 -27.46
N VAL F 130 10.88 46.00 -26.61
CA VAL F 130 12.09 46.61 -26.08
C VAL F 130 13.07 46.94 -27.21
N ASP F 131 12.89 46.26 -28.34
CA ASP F 131 13.77 46.43 -29.48
C ASP F 131 13.33 47.58 -30.38
N SER F 132 12.40 48.40 -29.89
CA SER F 132 11.83 49.49 -30.66
C SER F 132 12.17 50.86 -30.07
N GLU F 133 11.82 51.91 -30.81
CA GLU F 133 12.15 53.27 -30.38
C GLU F 133 11.24 53.78 -29.27
N GLU F 134 9.99 53.31 -29.24
CA GLU F 134 9.08 53.71 -28.16
C GLU F 134 9.34 52.88 -26.90
N GLY F 135 9.96 51.72 -27.09
CA GLY F 135 10.36 50.89 -25.96
C GLY F 135 9.24 50.07 -25.34
N VAL F 136 9.46 49.66 -24.09
CA VAL F 136 8.47 48.87 -23.38
C VAL F 136 8.36 49.34 -21.93
N THR F 137 7.18 49.20 -21.35
CA THR F 137 6.96 49.60 -19.97
C THR F 137 6.71 48.37 -19.11
N CYS F 138 7.41 48.28 -17.99
CA CYS F 138 7.11 47.25 -17.00
C CYS F 138 6.92 47.88 -15.62
N ALA F 139 6.25 47.17 -14.72
CA ALA F 139 5.91 47.70 -13.40
C ALA F 139 5.93 46.60 -12.36
N VAL F 140 6.39 46.95 -11.16
CA VAL F 140 6.36 46.05 -10.02
C VAL F 140 5.92 46.87 -8.82
N LYS F 141 4.95 46.36 -8.07
CA LYS F 141 4.54 46.98 -6.82
C LYS F 141 5.40 46.51 -5.64
N PHE F 142 5.70 47.42 -4.72
CA PHE F 142 6.39 47.09 -3.47
C PHE F 142 5.52 47.49 -2.29
N GLY F 143 5.57 46.72 -1.20
CA GLY F 143 4.82 47.10 -0.01
C GLY F 143 4.99 46.09 1.11
N SER F 144 4.42 46.36 2.28
CA SER F 144 4.48 45.39 3.37
C SER F 144 3.77 44.13 2.91
N TRP F 145 4.29 42.97 3.30
CA TRP F 145 3.60 41.72 2.99
C TRP F 145 2.39 41.50 3.89
N VAL F 146 2.52 41.85 5.17
CA VAL F 146 1.48 41.51 6.13
C VAL F 146 0.81 42.66 6.90
N TYR F 147 1.37 43.87 6.84
CA TYR F 147 0.74 45.01 7.52
C TYR F 147 -0.12 45.82 6.56
N SER F 148 -1.37 46.09 6.94
CA SER F 148 -2.21 47.01 6.17
C SER F 148 -1.76 48.45 6.44
N GLY F 149 -2.45 49.41 5.81
CA GLY F 149 -2.12 50.82 5.95
C GLY F 149 -2.44 51.37 7.33
N PHE F 150 -3.16 50.60 8.13
CA PHE F 150 -3.44 50.96 9.52
C PHE F 150 -2.19 50.80 10.38
N GLU F 151 -1.27 49.93 9.96
CA GLU F 151 -0.03 49.72 10.71
C GLU F 151 1.23 50.29 10.05
N ILE F 152 1.40 50.08 8.76
CA ILE F 152 2.55 50.69 8.09
C ILE F 152 2.06 51.63 7.01
N ASP F 153 2.26 52.93 7.23
CA ASP F 153 1.97 53.90 6.20
C ASP F 153 3.21 54.02 5.34
N LEU F 154 3.05 53.75 4.06
CA LEU F 154 4.18 53.68 3.16
C LEU F 154 4.20 54.97 2.35
N LYS F 155 5.37 55.63 2.27
CA LYS F 155 5.49 56.90 1.57
C LYS F 155 6.73 56.98 0.68
N THR F 156 6.70 57.89 -0.28
CA THR F 156 7.91 58.24 -1.02
C THR F 156 8.22 59.73 -0.76
N ASP F 157 9.44 60.15 -1.08
CA ASP F 157 9.83 61.56 -0.98
C ASP F 157 9.64 62.25 -2.31
N THR F 158 9.72 61.48 -3.38
CA THR F 158 9.52 61.98 -4.72
C THR F 158 8.98 60.82 -5.55
N ASP F 159 8.29 61.10 -6.64
N ASP F 159 8.33 61.13 -6.65
CA ASP F 159 7.78 60.01 -7.47
CA ASP F 159 7.77 60.09 -7.51
C ASP F 159 8.75 59.70 -8.61
C ASP F 159 8.74 59.73 -8.62
N GLN F 160 9.94 60.27 -8.54
CA GLN F 160 10.96 60.04 -9.56
C GLN F 160 12.07 59.12 -9.04
N VAL F 161 12.22 57.97 -9.67
CA VAL F 161 13.33 57.07 -9.35
C VAL F 161 14.64 57.82 -9.53
N ASP F 162 15.61 57.53 -8.67
CA ASP F 162 16.96 58.08 -8.79
C ASP F 162 17.71 57.36 -9.92
N LEU F 163 18.02 58.09 -11.00
CA LEU F 163 18.70 57.49 -12.15
C LEU F 163 20.14 57.97 -12.27
N SER F 164 20.58 58.77 -11.30
CA SER F 164 21.89 59.39 -11.36
C SER F 164 23.02 58.38 -11.29
N SER F 165 22.73 57.17 -10.82
CA SER F 165 23.76 56.14 -10.71
C SER F 165 23.55 54.99 -11.69
N TYR F 166 22.69 55.22 -12.68
CA TYR F 166 22.42 54.20 -13.68
C TYR F 166 23.66 53.93 -14.53
N TYR F 167 23.95 52.64 -14.75
CA TYR F 167 25.14 52.24 -15.47
C TYR F 167 25.13 52.82 -16.88
N ALA F 168 26.17 53.57 -17.23
CA ALA F 168 26.20 54.29 -18.50
C ALA F 168 26.18 53.37 -19.71
N SER F 169 26.70 52.15 -19.57
CA SER F 169 26.86 51.26 -20.71
C SER F 169 25.89 50.09 -20.69
N SER F 170 24.78 50.26 -20.00
CA SER F 170 23.76 49.21 -19.96
C SER F 170 23.30 48.88 -21.37
N LYS F 171 22.81 47.66 -21.57
CA LYS F 171 22.25 47.26 -22.85
C LYS F 171 20.91 47.96 -23.05
N TYR F 172 20.42 48.60 -22.00
CA TYR F 172 19.11 49.25 -22.02
C TYR F 172 19.17 50.69 -21.53
N GLU F 173 18.61 51.61 -22.29
CA GLU F 173 18.53 52.99 -21.83
C GLU F 173 17.15 53.28 -21.26
N ILE F 174 17.11 54.03 -20.17
CA ILE F 174 15.88 54.28 -19.44
C ILE F 174 15.14 55.48 -20.00
N LEU F 175 13.89 55.26 -20.41
CA LEU F 175 13.07 56.34 -20.96
C LEU F 175 12.29 57.06 -19.86
N SER F 176 11.88 56.33 -18.83
CA SER F 176 11.28 56.95 -17.65
C SER F 176 11.15 55.95 -16.51
N ALA F 177 11.36 56.40 -15.28
CA ALA F 177 11.21 55.54 -14.12
C ALA F 177 10.56 56.31 -12.98
N THR F 178 9.41 55.84 -12.51
CA THR F 178 8.70 56.54 -11.44
C THR F 178 8.34 55.57 -10.31
N GLN F 179 8.13 56.12 -9.12
CA GLN F 179 7.76 55.34 -7.93
C GLN F 179 6.57 56.02 -7.26
N THR F 180 5.38 55.48 -7.47
CA THR F 180 4.16 56.17 -7.07
C THR F 180 3.42 55.47 -5.94
N ARG F 181 3.17 56.21 -4.87
CA ARG F 181 2.38 55.69 -3.75
C ARG F 181 0.93 55.50 -4.18
N GLN F 182 0.34 54.37 -3.80
CA GLN F 182 -1.04 54.08 -4.18
C GLN F 182 -1.78 53.57 -2.96
N VAL F 183 -3.00 54.05 -2.78
CA VAL F 183 -3.81 53.67 -1.64
C VAL F 183 -5.11 53.11 -2.15
N GLN F 184 -5.50 51.95 -1.63
CA GLN F 184 -6.75 51.33 -2.04
C GLN F 184 -7.65 51.15 -0.83
N HIS F 185 -8.87 51.69 -0.91
CA HIS F 185 -9.89 51.39 0.09
C HIS F 185 -10.86 50.36 -0.48
N TYR F 186 -11.32 49.44 0.37
CA TYR F 186 -12.22 48.39 -0.08
C TYR F 186 -13.52 48.40 0.70
N SER F 187 -14.63 48.21 -0.02
CA SER F 187 -15.98 48.27 0.54
C SER F 187 -16.12 47.52 1.87
N CYS F 188 -15.54 46.32 1.91
CA CYS F 188 -15.68 45.42 3.04
C CYS F 188 -15.00 45.89 4.33
N CYS F 189 -13.80 46.44 4.19
CA CYS F 189 -12.88 46.55 5.33
C CYS F 189 -12.45 47.98 5.65
N PRO F 190 -12.35 48.30 6.94
CA PRO F 190 -11.95 49.64 7.36
C PRO F 190 -10.53 49.99 6.88
N GLU F 191 -9.65 48.98 6.78
CA GLU F 191 -8.23 49.24 6.55
C GLU F 191 -7.86 49.36 5.08
N PRO F 192 -7.10 50.40 4.72
CA PRO F 192 -6.64 50.52 3.34
C PRO F 192 -5.34 49.78 3.17
N TYR F 193 -5.02 49.46 1.92
CA TYR F 193 -3.75 48.84 1.61
C TYR F 193 -2.94 49.79 0.73
N ILE F 194 -1.64 49.83 0.98
CA ILE F 194 -0.78 50.82 0.35
C ILE F 194 0.41 50.14 -0.32
N ASP F 195 0.81 50.65 -1.48
CA ASP F 195 1.97 50.10 -2.15
C ASP F 195 2.65 51.17 -2.96
N VAL F 196 3.90 50.92 -3.33
CA VAL F 196 4.63 51.85 -4.20
C VAL F 196 4.85 51.14 -5.53
N ASN F 197 4.32 51.74 -6.59
CA ASN F 197 4.37 51.13 -7.91
C ASN F 197 5.60 51.65 -8.64
N LEU F 198 6.56 50.76 -8.89
CA LEU F 198 7.75 51.12 -9.63
C LEU F 198 7.52 50.84 -11.11
N VAL F 199 7.41 51.90 -11.90
CA VAL F 199 7.09 51.78 -13.32
C VAL F 199 8.28 52.24 -14.15
N VAL F 200 8.82 51.35 -14.97
CA VAL F 200 10.02 51.66 -15.73
C VAL F 200 9.79 51.42 -17.21
N LYS F 201 10.03 52.46 -18.02
CA LYS F 201 9.92 52.38 -19.47
C LYS F 201 11.31 52.42 -20.07
N PHE F 202 11.64 51.47 -20.94
CA PHE F 202 13.00 51.37 -21.45
C PHE F 202 13.06 50.73 -22.82
N ARG F 203 14.23 50.83 -23.44
CA ARG F 203 14.49 50.21 -24.75
C ARG F 203 15.96 49.83 -24.84
N GLU F 204 16.29 48.94 -25.77
CA GLU F 204 17.68 48.68 -26.07
C GLU F 204 18.31 49.98 -26.56
N ARG F 205 19.58 50.20 -26.25
CA ARG F 205 20.24 51.47 -26.57
C ARG F 205 20.51 51.66 -28.07
N GLN G 1 3.31 49.95 21.77
CA GLN G 1 4.36 48.93 21.78
C GLN G 1 4.33 48.12 23.09
N ALA G 2 4.09 48.80 24.21
CA ALA G 2 4.21 48.14 25.51
C ALA G 2 3.23 46.98 25.69
N ASN G 3 1.98 47.19 25.29
CA ASN G 3 0.97 46.16 25.42
C ASN G 3 1.24 44.96 24.50
N LEU G 4 1.66 45.23 23.27
CA LEU G 4 2.01 44.15 22.37
C LEU G 4 3.22 43.37 22.87
N MET G 5 4.18 44.08 23.46
CA MET G 5 5.37 43.42 24.00
C MET G 5 4.96 42.47 25.14
N ARG G 6 4.08 42.95 26.01
CA ARG G 6 3.52 42.13 27.09
C ARG G 6 2.78 40.92 26.55
N LEU G 7 1.94 41.13 25.54
CA LEU G 7 1.17 40.03 24.92
C LEU G 7 2.10 38.95 24.34
N LYS G 8 3.09 39.35 23.57
CA LYS G 8 4.00 38.37 22.98
C LYS G 8 4.77 37.63 24.07
N SER G 9 5.15 38.36 25.11
CA SER G 9 5.80 37.73 26.25
C SER G 9 4.88 36.68 26.89
N ASP G 10 3.60 37.02 27.10
CA ASP G 10 2.64 36.06 27.66
C ASP G 10 2.37 34.83 26.77
N LEU G 11 2.23 35.05 25.46
CA LEU G 11 1.91 33.97 24.54
C LEU G 11 3.10 33.04 24.22
N PHE G 12 4.32 33.59 24.24
CA PHE G 12 5.47 32.89 23.67
C PHE G 12 6.55 32.52 24.68
N ASN G 13 6.70 33.31 25.75
CA ASN G 13 7.80 33.09 26.70
C ASN G 13 7.46 32.37 28.01
N ARG G 14 6.20 32.00 28.22
CA ARG G 14 5.81 31.42 29.51
C ARG G 14 5.58 29.91 29.46
N SER G 15 4.92 29.44 28.41
CA SER G 15 4.65 28.02 28.24
C SER G 15 5.53 27.44 27.14
N PRO G 16 5.71 26.11 27.14
CA PRO G 16 6.50 25.50 26.06
C PRO G 16 5.88 25.77 24.69
N MET G 17 6.69 25.61 23.66
CA MET G 17 6.20 25.70 22.29
C MET G 17 5.09 24.66 22.09
N TYR G 18 4.09 25.04 21.30
CA TYR G 18 3.06 24.11 20.87
C TYR G 18 3.73 23.03 20.03
N PRO G 19 3.50 21.75 20.40
CA PRO G 19 4.15 20.57 19.81
C PRO G 19 3.45 20.06 18.58
N GLY G 20 2.48 20.81 18.07
CA GLY G 20 1.76 20.38 16.89
C GLY G 20 0.54 19.57 17.27
N PRO G 21 -0.29 19.21 16.30
CA PRO G 21 -1.54 18.53 16.65
C PRO G 21 -1.35 17.04 16.90
N THR G 22 -2.39 16.43 17.46
CA THR G 22 -2.41 15.00 17.73
C THR G 22 -3.80 14.49 17.47
N LYS G 23 -3.98 13.18 17.54
CA LYS G 23 -5.28 12.58 17.34
C LYS G 23 -6.32 13.17 18.32
N ASP G 24 -5.89 13.45 19.55
CA ASP G 24 -6.78 13.96 20.59
C ASP G 24 -7.01 15.46 20.52
N ASP G 25 -6.17 16.15 19.74
N ASP G 25 -6.18 16.16 19.75
CA ASP G 25 -6.27 17.60 19.58
CA ASP G 25 -6.36 17.59 19.58
C ASP G 25 -5.97 17.96 18.12
C ASP G 25 -6.02 17.98 18.14
N PRO G 26 -6.85 17.54 17.19
CA PRO G 26 -6.56 17.73 15.77
C PRO G 26 -6.77 19.18 15.35
N LEU G 27 -6.26 19.51 14.17
CA LEU G 27 -6.23 20.88 13.70
C LEU G 27 -6.73 20.85 12.27
N THR G 28 -7.52 21.84 11.91
CA THR G 28 -7.95 21.99 10.54
C THR G 28 -7.22 23.15 9.91
N VAL G 29 -6.57 22.91 8.76
CA VAL G 29 -5.89 23.95 8.02
C VAL G 29 -6.65 24.24 6.74
N THR G 30 -7.09 25.48 6.57
CA THR G 30 -7.76 25.87 5.35
C THR G 30 -6.71 26.36 4.36
N LEU G 31 -6.80 25.90 3.11
N LEU G 31 -6.76 25.85 3.14
CA LEU G 31 -5.76 26.17 2.12
CA LEU G 31 -5.79 26.20 2.11
C LEU G 31 -6.38 26.71 0.83
C LEU G 31 -6.51 26.89 0.96
N GLY G 32 -5.79 27.76 0.27
CA GLY G 32 -6.27 28.35 -0.97
C GLY G 32 -5.10 28.87 -1.79
N PHE G 33 -5.17 28.74 -3.11
CA PHE G 33 -4.07 29.20 -3.96
C PHE G 33 -4.45 30.45 -4.76
N THR G 34 -3.49 31.34 -4.95
CA THR G 34 -3.66 32.47 -5.84
C THR G 34 -2.54 32.37 -6.86
N LEU G 35 -2.89 32.05 -8.11
CA LEU G 35 -1.87 31.78 -9.11
C LEU G 35 -1.45 33.08 -9.80
N GLN G 36 -0.16 33.40 -9.74
CA GLN G 36 0.33 34.65 -10.32
C GLN G 36 0.89 34.54 -11.74
N ASP G 37 1.61 33.46 -12.02
CA ASP G 37 2.18 33.29 -13.35
C ASP G 37 2.61 31.86 -13.56
N ILE G 38 2.51 31.40 -14.79
CA ILE G 38 3.20 30.20 -15.18
C ILE G 38 4.44 30.73 -15.85
N VAL G 39 5.57 30.56 -15.18
CA VAL G 39 6.77 31.30 -15.54
C VAL G 39 7.66 30.53 -16.50
N LYS G 40 7.67 29.20 -16.40
CA LYS G 40 8.49 28.41 -17.31
C LYS G 40 7.85 27.07 -17.62
N VAL G 41 8.08 26.60 -18.85
CA VAL G 41 7.64 25.28 -19.27
C VAL G 41 8.82 24.64 -19.98
N ASP G 42 9.21 23.44 -19.56
CA ASP G 42 10.35 22.76 -20.15
C ASP G 42 9.94 21.38 -20.70
N SER G 43 9.77 21.30 -22.02
CA SER G 43 9.34 20.06 -22.66
C SER G 43 10.48 19.07 -22.80
N SER G 44 11.69 19.49 -22.47
CA SER G 44 12.82 18.60 -22.54
C SER G 44 12.88 17.74 -21.26
N THR G 45 12.46 18.30 -20.14
CA THR G 45 12.53 17.58 -18.86
C THR G 45 11.15 17.29 -18.27
N ASN G 46 10.10 17.80 -18.91
CA ASN G 46 8.77 17.70 -18.31
C ASN G 46 8.70 18.33 -16.91
N GLU G 47 9.12 19.59 -16.83
N GLU G 47 9.16 19.57 -16.81
CA GLU G 47 9.06 20.39 -15.62
CA GLU G 47 9.02 20.35 -15.58
C GLU G 47 8.34 21.69 -15.95
C GLU G 47 8.32 21.65 -15.94
N VAL G 48 7.39 22.08 -15.10
CA VAL G 48 6.72 23.39 -15.26
C VAL G 48 6.94 24.22 -13.98
N ASP G 49 7.12 25.53 -14.13
CA ASP G 49 7.37 26.41 -12.97
C ASP G 49 6.20 27.35 -12.73
N LEU G 50 5.70 27.37 -11.49
CA LEU G 50 4.59 28.26 -11.12
C LEU G 50 5.07 29.28 -10.10
N VAL G 51 4.49 30.47 -10.13
CA VAL G 51 4.63 31.44 -9.04
C VAL G 51 3.22 31.69 -8.52
N TYR G 52 3.01 31.48 -7.23
CA TYR G 52 1.70 31.61 -6.62
C TYR G 52 1.86 32.06 -5.17
N TYR G 53 0.80 32.51 -4.55
CA TYR G 53 0.84 32.50 -3.09
C TYR G 53 -0.24 31.63 -2.53
N GLU G 54 0.12 31.02 -1.42
CA GLU G 54 -0.65 29.99 -0.77
C GLU G 54 -1.16 30.56 0.55
N GLN G 55 -2.48 30.73 0.65
CA GLN G 55 -3.09 31.16 1.90
C GLN G 55 -3.34 29.96 2.82
N GLN G 56 -2.90 30.07 4.07
CA GLN G 56 -3.07 29.00 5.04
C GLN G 56 -3.71 29.59 6.30
N ARG G 57 -4.78 28.98 6.78
CA ARG G 57 -5.39 29.44 8.03
C ARG G 57 -5.59 28.28 8.98
N TRP G 58 -5.32 28.51 10.26
CA TRP G 58 -5.68 27.55 11.30
C TRP G 58 -5.94 28.29 12.63
N LYS G 59 -6.31 27.55 13.66
CA LYS G 59 -6.70 28.17 14.93
C LYS G 59 -6.15 27.36 16.08
N LEU G 60 -5.48 28.02 17.02
CA LEU G 60 -4.96 27.36 18.23
C LEU G 60 -5.50 28.02 19.49
N ASN G 61 -6.03 27.20 20.39
CA ASN G 61 -6.45 27.69 21.70
C ASN G 61 -5.32 28.39 22.43
N SER G 62 -4.11 27.87 22.29
CA SER G 62 -2.97 28.45 23.00
C SER G 62 -2.58 29.83 22.49
N LEU G 63 -3.20 30.28 21.39
CA LEU G 63 -2.90 31.61 20.86
C LEU G 63 -4.01 32.62 21.16
N MET G 64 -4.92 32.29 22.06
CA MET G 64 -6.04 33.18 22.37
C MET G 64 -5.67 34.19 23.46
N TRP G 65 -6.33 35.34 23.42
CA TRP G 65 -6.23 36.31 24.50
C TRP G 65 -7.46 37.21 24.52
N ASP G 66 -7.70 37.83 25.66
CA ASP G 66 -8.77 38.82 25.81
C ASP G 66 -8.21 40.21 25.50
N PRO G 67 -8.68 40.83 24.41
CA PRO G 67 -8.15 42.16 24.07
C PRO G 67 -8.19 43.17 25.23
N ASN G 68 -9.19 43.04 26.10
N ASN G 68 -9.19 43.04 26.10
CA ASN G 68 -9.35 43.94 27.24
CA ASN G 68 -9.35 43.93 27.25
C ASN G 68 -8.13 43.95 28.16
C ASN G 68 -8.10 43.97 28.13
N GLU G 69 -7.36 42.87 28.15
CA GLU G 69 -6.20 42.76 29.01
C GLU G 69 -4.93 43.25 28.33
N TYR G 70 -5.05 43.66 27.07
CA TYR G 70 -3.89 44.09 26.31
C TYR G 70 -4.15 45.32 25.44
N GLY G 71 -4.73 46.36 26.04
CA GLY G 71 -4.90 47.62 25.35
C GLY G 71 -5.76 47.52 24.12
N ASN G 72 -6.71 46.59 24.17
CA ASN G 72 -7.62 46.30 23.05
C ASN G 72 -6.96 45.86 21.75
N ILE G 73 -5.74 45.33 21.84
CA ILE G 73 -5.11 44.71 20.68
C ILE G 73 -5.91 43.48 20.27
N THR G 74 -6.33 43.44 19.01
CA THR G 74 -7.14 42.33 18.51
C THR G 74 -6.39 41.39 17.57
N ASP G 75 -5.26 41.86 17.04
CA ASP G 75 -4.39 41.00 16.25
C ASP G 75 -2.99 41.57 16.19
N PHE G 76 -2.02 40.76 15.80
CA PHE G 76 -0.66 41.25 15.63
C PHE G 76 0.09 40.43 14.61
N ARG G 77 1.16 41.01 14.07
CA ARG G 77 2.02 40.31 13.13
C ARG G 77 3.23 39.80 13.88
N THR G 78 3.70 38.61 13.50
CA THR G 78 4.88 38.08 14.14
C THR G 78 5.62 37.10 13.25
N SER G 79 6.92 36.97 13.46
CA SER G 79 7.73 36.05 12.67
C SER G 79 7.15 34.64 12.71
N ALA G 80 7.11 33.97 11.56
CA ALA G 80 6.61 32.59 11.51
C ALA G 80 7.40 31.70 12.46
N ALA G 81 8.65 32.06 12.72
CA ALA G 81 9.49 31.29 13.65
C ALA G 81 8.97 31.30 15.09
N ASP G 82 8.11 32.27 15.43
CA ASP G 82 7.59 32.35 16.79
C ASP G 82 6.47 31.35 17.03
N ILE G 83 5.89 30.82 15.96
CA ILE G 83 4.72 29.96 16.10
C ILE G 83 4.89 28.64 15.35
N TRP G 84 4.08 27.66 15.73
CA TRP G 84 3.95 26.43 14.98
C TRP G 84 3.31 26.73 13.61
N THR G 85 3.84 26.13 12.55
CA THR G 85 3.23 26.23 11.23
C THR G 85 3.08 24.80 10.64
N PRO G 86 2.07 24.57 9.81
CA PRO G 86 1.86 23.23 9.22
C PRO G 86 2.88 22.91 8.13
N ASP G 87 3.16 21.62 7.95
CA ASP G 87 4.20 21.20 7.01
C ASP G 87 3.62 20.93 5.62
N ILE G 88 2.83 21.88 5.11
CA ILE G 88 2.17 21.70 3.81
C ILE G 88 3.21 21.75 2.70
N THR G 89 3.22 20.74 1.84
CA THR G 89 4.31 20.58 0.87
C THR G 89 3.75 20.03 -0.41
N ALA G 90 4.36 20.38 -1.55
CA ALA G 90 3.98 19.77 -2.82
C ALA G 90 4.50 18.35 -2.85
N TYR G 91 3.74 17.43 -3.42
CA TYR G 91 4.15 16.04 -3.37
C TYR G 91 4.99 15.62 -4.59
N SER G 92 5.05 16.47 -5.61
CA SER G 92 5.78 16.12 -6.83
C SER G 92 6.60 17.28 -7.41
N SER G 93 7.16 18.11 -6.53
CA SER G 93 8.15 19.10 -6.93
C SER G 93 9.40 18.41 -7.49
N THR G 94 10.19 19.14 -8.28
CA THR G 94 11.45 18.63 -8.81
C THR G 94 12.66 19.39 -8.31
N ARG G 95 12.43 20.52 -7.64
N ARG G 95 12.41 20.49 -7.60
CA ARG G 95 13.48 21.31 -6.99
CA ARG G 95 13.46 21.29 -6.96
C ARG G 95 12.92 21.86 -5.69
C ARG G 95 12.91 21.86 -5.67
N PRO G 96 13.80 22.22 -4.74
CA PRO G 96 13.32 22.84 -3.49
C PRO G 96 12.48 24.06 -3.87
N VAL G 97 11.30 24.19 -3.26
CA VAL G 97 10.46 25.34 -3.52
C VAL G 97 11.20 26.59 -3.03
N GLN G 98 11.09 27.70 -3.75
CA GLN G 98 11.73 28.94 -3.34
C GLN G 98 10.71 29.92 -2.74
N VAL G 99 11.05 30.46 -1.58
CA VAL G 99 10.15 31.35 -0.86
C VAL G 99 10.35 32.77 -1.38
N LEU G 100 9.27 33.42 -1.78
CA LEU G 100 9.37 34.76 -2.36
C LEU G 100 8.95 35.88 -1.41
N SER G 101 8.44 35.52 -0.24
CA SER G 101 7.92 36.50 0.71
C SER G 101 8.47 36.32 2.12
N PRO G 102 8.34 37.36 2.96
CA PRO G 102 8.87 37.23 4.31
C PRO G 102 8.06 36.23 5.14
N GLN G 103 8.72 35.53 6.04
CA GLN G 103 8.04 34.51 6.83
C GLN G 103 7.43 35.14 8.08
N ILE G 104 6.25 35.74 7.90
N ILE G 104 6.25 35.74 7.91
CA ILE G 104 5.56 36.44 8.98
CA ILE G 104 5.58 36.43 9.00
C ILE G 104 4.10 36.09 8.88
C ILE G 104 4.08 36.22 8.88
N ALA G 105 3.44 36.01 10.02
CA ALA G 105 2.03 35.65 10.04
C ALA G 105 1.24 36.66 10.84
N VAL G 106 -0.07 36.61 10.70
CA VAL G 106 -0.97 37.45 11.48
C VAL G 106 -1.71 36.54 12.45
N VAL G 107 -1.64 36.89 13.72
CA VAL G 107 -2.34 36.14 14.77
C VAL G 107 -3.49 36.99 15.29
N THR G 108 -4.66 36.37 15.43
CA THR G 108 -5.83 37.08 15.91
C THR G 108 -6.24 36.58 17.30
N HIS G 109 -6.87 37.46 18.08
CA HIS G 109 -7.15 37.18 19.48
C HIS G 109 -8.03 35.95 19.72
N ASP G 110 -8.66 35.42 18.68
CA ASP G 110 -9.43 34.19 18.84
C ASP G 110 -8.55 32.98 18.61
N GLY G 111 -7.24 33.22 18.49
CA GLY G 111 -6.30 32.13 18.28
C GLY G 111 -6.08 31.78 16.82
N SER G 112 -6.76 32.46 15.90
CA SER G 112 -6.58 32.10 14.49
C SER G 112 -5.31 32.70 13.89
N VAL G 113 -4.72 32.00 12.92
CA VAL G 113 -3.49 32.44 12.29
C VAL G 113 -3.66 32.49 10.77
N MET G 114 -3.12 33.53 10.15
N MET G 114 -3.13 33.54 10.16
CA MET G 114 -3.13 33.64 8.70
CA MET G 114 -3.11 33.66 8.71
C MET G 114 -1.71 33.82 8.19
C MET G 114 -1.68 33.78 8.24
N PHE G 115 -1.28 32.92 7.30
CA PHE G 115 0.08 32.89 6.81
C PHE G 115 -0.04 32.70 5.30
N ILE G 116 0.65 33.54 4.54
CA ILE G 116 0.47 33.63 3.10
C ILE G 116 1.83 33.58 2.42
N PRO G 117 2.45 32.39 2.39
CA PRO G 117 3.76 32.29 1.75
C PRO G 117 3.64 32.31 0.22
N ALA G 118 4.43 33.16 -0.42
CA ALA G 118 4.51 33.20 -1.87
C ALA G 118 5.67 32.32 -2.28
N GLN G 119 5.51 31.58 -3.37
CA GLN G 119 6.47 30.54 -3.72
C GLN G 119 6.69 30.44 -5.20
N ARG G 120 7.90 30.04 -5.59
CA ARG G 120 8.14 29.59 -6.96
C ARG G 120 8.36 28.10 -6.87
N LEU G 121 7.59 27.33 -7.64
CA LEU G 121 7.62 25.87 -7.58
C LEU G 121 7.87 25.25 -8.96
N SER G 122 8.86 24.36 -9.06
CA SER G 122 9.01 23.52 -10.25
C SER G 122 8.40 22.16 -9.93
N PHE G 123 7.57 21.62 -10.82
CA PHE G 123 6.94 20.34 -10.54
C PHE G 123 6.80 19.50 -11.81
N MET G 124 6.49 18.23 -11.64
CA MET G 124 6.45 17.28 -12.76
C MET G 124 5.24 17.51 -13.64
N CYS G 125 5.48 17.88 -14.89
CA CYS G 125 4.41 18.01 -15.86
C CYS G 125 4.90 17.95 -17.30
N ASP G 126 4.29 17.06 -18.06
CA ASP G 126 4.55 16.95 -19.50
C ASP G 126 3.70 18.01 -20.14
N PRO G 127 4.35 19.01 -20.74
CA PRO G 127 3.65 20.15 -21.34
C PRO G 127 3.20 19.91 -22.78
N THR G 128 3.29 18.68 -23.26
CA THR G 128 2.89 18.39 -24.63
C THR G 128 1.48 18.87 -24.94
N GLY G 129 1.36 19.78 -25.90
CA GLY G 129 0.06 20.30 -26.28
C GLY G 129 -0.16 21.74 -25.82
N VAL G 130 0.76 22.26 -25.02
CA VAL G 130 0.63 23.61 -24.51
C VAL G 130 0.49 24.58 -25.68
N ASP G 131 1.07 24.22 -26.82
CA ASP G 131 1.06 25.08 -27.99
C ASP G 131 -0.11 24.75 -28.90
N SER G 132 -1.16 24.15 -28.34
CA SER G 132 -2.37 23.87 -29.10
C SER G 132 -3.54 24.68 -28.56
N GLU G 133 -4.68 24.62 -29.24
CA GLU G 133 -5.86 25.35 -28.82
C GLU G 133 -6.50 24.75 -27.58
N GLU G 134 -6.37 23.43 -27.44
CA GLU G 134 -6.96 22.72 -26.31
C GLU G 134 -6.07 22.84 -25.06
N GLY G 135 -4.81 23.23 -25.27
CA GLY G 135 -3.87 23.38 -24.17
C GLY G 135 -3.44 22.07 -23.54
N VAL G 136 -2.97 22.15 -22.30
CA VAL G 136 -2.47 20.99 -21.60
C VAL G 136 -2.87 21.09 -20.13
N THR G 137 -3.11 19.95 -19.48
CA THR G 137 -3.44 19.94 -18.07
C THR G 137 -2.27 19.39 -17.23
N CYS G 138 -1.92 20.11 -16.18
CA CYS G 138 -0.90 19.71 -15.21
C CYS G 138 -1.57 19.62 -13.85
N ALA G 139 -1.00 18.80 -12.97
CA ALA G 139 -1.56 18.66 -11.64
C ALA G 139 -0.44 18.42 -10.62
N VAL G 140 -0.62 18.99 -9.44
CA VAL G 140 0.28 18.75 -8.34
C VAL G 140 -0.51 18.76 -7.04
N LYS G 141 -0.28 17.76 -6.18
CA LYS G 141 -0.96 17.68 -4.88
C LYS G 141 -0.16 18.37 -3.77
N PHE G 142 -0.89 18.99 -2.84
CA PHE G 142 -0.29 19.62 -1.66
C PHE G 142 -0.92 19.02 -0.41
N GLY G 143 -0.14 18.89 0.65
CA GLY G 143 -0.67 18.41 1.92
C GLY G 143 0.45 18.32 2.94
N SER G 144 0.11 17.95 4.18
CA SER G 144 1.12 17.73 5.19
C SER G 144 2.11 16.66 4.75
N TRP G 145 3.38 16.83 5.08
CA TRP G 145 4.35 15.84 4.68
C TRP G 145 4.22 14.58 5.56
N VAL G 146 3.87 14.76 6.83
CA VAL G 146 3.89 13.63 7.78
C VAL G 146 2.62 13.40 8.58
N TYR G 147 1.73 14.40 8.67
CA TYR G 147 0.52 14.22 9.47
C TYR G 147 -0.61 13.57 8.66
N SER G 148 -1.34 12.67 9.30
CA SER G 148 -2.54 12.11 8.70
C SER G 148 -3.71 13.02 8.97
N GLY G 149 -4.84 12.72 8.35
CA GLY G 149 -6.06 13.48 8.55
C GLY G 149 -6.62 13.42 9.97
N PHE G 150 -6.16 12.46 10.77
CA PHE G 150 -6.52 12.42 12.20
C PHE G 150 -5.85 13.53 13.01
N GLU G 151 -4.77 14.13 12.48
CA GLU G 151 -4.06 15.23 13.14
C GLU G 151 -4.21 16.54 12.40
N ILE G 152 -4.06 16.50 11.08
CA ILE G 152 -4.28 17.71 10.29
C ILE G 152 -5.32 17.41 9.24
N ASP G 153 -6.50 18.00 9.39
CA ASP G 153 -7.47 17.95 8.33
C ASP G 153 -7.25 19.20 7.48
N LEU G 154 -7.37 19.06 6.17
N LEU G 154 -7.40 19.03 6.17
CA LEU G 154 -7.28 20.19 5.27
CA LEU G 154 -7.12 20.08 5.22
C LEU G 154 -8.69 20.58 4.84
C LEU G 154 -8.44 20.40 4.51
N LYS G 155 -8.88 21.85 4.49
N LYS G 155 -8.78 21.69 4.43
CA LYS G 155 -10.13 22.32 3.91
CA LYS G 155 -10.00 22.12 3.75
C LYS G 155 -9.83 23.43 2.92
C LYS G 155 -9.69 23.23 2.74
N THR G 156 -10.66 23.54 1.88
CA THR G 156 -10.59 24.70 1.00
C THR G 156 -11.91 25.44 1.13
N ASP G 157 -11.90 26.76 0.92
CA ASP G 157 -13.12 27.58 0.94
C ASP G 157 -13.88 27.47 -0.36
N THR G 158 -13.11 27.31 -1.43
N THR G 158 -13.13 27.33 -1.45
CA THR G 158 -13.65 27.14 -2.77
CA THR G 158 -13.71 27.09 -2.77
C THR G 158 -12.76 26.14 -3.50
C THR G 158 -12.78 26.14 -3.50
N ASP G 159 -13.33 25.43 -4.47
N ASP G 159 -13.32 25.39 -4.45
CA ASP G 159 -12.55 24.57 -5.33
CA ASP G 159 -12.48 24.57 -5.30
C ASP G 159 -11.95 25.33 -6.50
C ASP G 159 -11.89 25.34 -6.49
N GLN G 160 -12.19 26.64 -6.55
CA GLN G 160 -11.69 27.50 -7.63
C GLN G 160 -10.43 28.24 -7.24
N VAL G 161 -9.35 28.05 -8.00
CA VAL G 161 -8.11 28.78 -7.75
C VAL G 161 -8.36 30.27 -8.01
N ASP G 162 -7.82 31.14 -7.16
CA ASP G 162 -7.99 32.59 -7.36
C ASP G 162 -7.09 33.07 -8.50
N LEU G 163 -7.70 33.53 -9.59
CA LEU G 163 -6.95 33.94 -10.77
C LEU G 163 -7.02 35.45 -10.94
N SER G 164 -7.46 36.13 -9.90
CA SER G 164 -7.70 37.57 -9.99
C SER G 164 -6.42 38.39 -10.03
N SER G 165 -5.29 37.74 -9.71
N SER G 165 -5.29 37.76 -9.73
CA SER G 165 -3.97 38.39 -9.74
CA SER G 165 -4.00 38.47 -9.81
C SER G 165 -3.04 37.76 -10.76
C SER G 165 -3.04 37.73 -10.73
N TYR G 166 -3.59 36.96 -11.65
CA TYR G 166 -2.77 36.29 -12.66
C TYR G 166 -2.19 37.32 -13.62
N TYR G 167 -0.90 37.19 -13.93
CA TYR G 167 -0.21 38.18 -14.76
C TYR G 167 -0.86 38.36 -16.15
N ALA G 168 -1.33 39.57 -16.41
CA ALA G 168 -2.07 39.88 -17.66
C ALA G 168 -1.28 39.65 -18.95
N SER G 169 0.04 39.69 -18.88
CA SER G 169 0.85 39.47 -20.08
C SER G 169 1.69 38.23 -19.96
N SER G 170 1.20 37.24 -19.22
CA SER G 170 1.88 35.96 -19.10
C SER G 170 2.06 35.36 -20.49
N LYS G 171 3.07 34.50 -20.65
CA LYS G 171 3.23 33.76 -21.89
C LYS G 171 2.13 32.73 -22.02
N TYR G 172 1.43 32.45 -20.91
CA TYR G 172 0.42 31.40 -20.93
C TYR G 172 -0.97 31.90 -20.52
N GLU G 173 -1.99 31.36 -21.18
CA GLU G 173 -3.38 31.65 -20.86
C GLU G 173 -3.95 30.53 -20.00
N ILE G 174 -4.60 30.88 -18.91
CA ILE G 174 -5.21 29.88 -18.02
C ILE G 174 -6.63 29.52 -18.46
N LEU G 175 -6.83 28.24 -18.78
CA LEU G 175 -8.14 27.80 -19.24
C LEU G 175 -9.03 27.36 -18.07
N SER G 176 -8.40 26.80 -17.04
CA SER G 176 -9.10 26.46 -15.80
C SER G 176 -8.08 26.14 -14.72
N ALA G 177 -8.44 26.44 -13.47
CA ALA G 177 -7.58 26.16 -12.33
C ALA G 177 -8.43 25.82 -11.13
N THR G 178 -8.29 24.60 -10.62
CA THR G 178 -9.06 24.16 -9.47
C THR G 178 -8.15 23.61 -8.38
N GLN G 179 -8.69 23.55 -7.16
CA GLN G 179 -7.97 23.11 -5.97
C GLN G 179 -8.94 22.24 -5.18
N THR G 180 -8.75 20.93 -5.22
CA THR G 180 -9.78 20.02 -4.72
C THR G 180 -9.27 19.12 -3.60
N ARG G 181 -9.95 19.17 -2.47
CA ARG G 181 -9.62 18.31 -1.34
C ARG G 181 -9.85 16.84 -1.71
N GLN G 182 -8.89 15.96 -1.37
CA GLN G 182 -9.02 14.52 -1.63
C GLN G 182 -8.59 13.73 -0.40
N VAL G 183 -9.27 12.62 -0.12
CA VAL G 183 -8.88 11.73 0.96
C VAL G 183 -8.22 10.51 0.35
N GLN G 184 -6.99 10.24 0.77
CA GLN G 184 -6.18 9.14 0.27
C GLN G 184 -5.96 8.15 1.40
N HIS G 185 -6.05 6.85 1.11
CA HIS G 185 -5.64 5.84 2.06
C HIS G 185 -4.45 5.06 1.53
N TYR G 186 -3.67 4.47 2.43
CA TYR G 186 -2.51 3.66 2.06
C TYR G 186 -2.77 2.28 2.62
N SER G 187 -2.51 1.25 1.83
CA SER G 187 -2.99 -0.10 2.15
C SER G 187 -2.57 -0.62 3.52
N CYS G 188 -1.41 -0.18 4.01
CA CYS G 188 -0.91 -0.62 5.31
C CYS G 188 -1.76 -0.17 6.48
N CYS G 189 -2.48 0.93 6.31
CA CYS G 189 -2.86 1.74 7.47
C CYS G 189 -4.29 2.30 7.38
N PRO G 190 -5.00 2.30 8.52
CA PRO G 190 -6.41 2.70 8.51
C PRO G 190 -6.64 4.20 8.37
N GLU G 191 -5.70 5.03 8.81
CA GLU G 191 -5.95 6.47 8.90
C GLU G 191 -6.01 7.15 7.53
N PRO G 192 -6.93 8.12 7.37
CA PRO G 192 -7.00 8.87 6.12
C PRO G 192 -5.84 9.85 6.03
N TYR G 193 -5.38 10.10 4.81
CA TYR G 193 -4.44 11.19 4.53
C TYR G 193 -5.14 12.20 3.63
N ILE G 194 -4.89 13.49 3.84
CA ILE G 194 -5.62 14.49 3.07
C ILE G 194 -4.66 15.26 2.20
N ASP G 195 -5.08 15.53 0.97
CA ASP G 195 -4.29 16.44 0.16
C ASP G 195 -5.20 17.37 -0.62
N VAL G 196 -4.62 18.43 -1.18
CA VAL G 196 -5.38 19.31 -2.06
C VAL G 196 -4.75 19.24 -3.45
N ASN G 197 -5.55 18.84 -4.43
CA ASN G 197 -5.06 18.66 -5.77
C ASN G 197 -5.18 19.94 -6.59
N LEU G 198 -4.05 20.55 -6.91
CA LEU G 198 -4.04 21.77 -7.73
C LEU G 198 -3.97 21.36 -9.19
N VAL G 199 -5.03 21.62 -9.96
CA VAL G 199 -5.10 21.16 -11.35
C VAL G 199 -5.24 22.37 -12.29
N VAL G 200 -4.27 22.58 -13.15
CA VAL G 200 -4.26 23.76 -14.00
C VAL G 200 -4.19 23.36 -15.46
N LYS G 201 -5.15 23.87 -16.22
CA LYS G 201 -5.22 23.66 -17.65
C LYS G 201 -4.90 24.98 -18.36
N PHE G 202 -3.93 24.95 -19.28
CA PHE G 202 -3.41 26.19 -19.83
C PHE G 202 -2.84 25.99 -21.24
N ARG G 203 -2.60 27.08 -21.94
CA ARG G 203 -2.02 27.01 -23.29
C ARG G 203 -1.22 28.27 -23.57
N GLU G 204 -0.33 28.20 -24.55
CA GLU G 204 0.40 29.38 -24.98
C GLU G 204 -0.55 30.49 -25.38
N ARG G 205 -0.15 31.73 -25.09
CA ARG G 205 -0.81 32.95 -25.56
C ARG G 205 -1.73 33.58 -24.51
N GLN H 1 -2.42 18.83 24.06
CA GLN H 1 -1.03 19.14 23.79
C GLN H 1 -0.14 19.00 25.05
N ALA H 2 -0.77 19.06 26.22
CA ALA H 2 -0.04 18.94 27.47
C ALA H 2 0.73 17.61 27.59
N ASN H 3 0.09 16.48 27.32
CA ASN H 3 0.78 15.20 27.35
C ASN H 3 1.95 15.09 26.38
N LEU H 4 1.77 15.59 25.16
CA LEU H 4 2.85 15.54 24.17
C LEU H 4 3.99 16.44 24.62
N MET H 5 3.67 17.62 25.14
CA MET H 5 4.74 18.52 25.61
C MET H 5 5.61 17.83 26.68
N ARG H 6 4.94 17.15 27.61
CA ARG H 6 5.59 16.39 28.67
C ARG H 6 6.46 15.27 28.09
N LEU H 7 5.89 14.50 27.18
CA LEU H 7 6.64 13.42 26.51
C LEU H 7 7.94 13.93 25.86
N LYS H 8 7.81 14.99 25.06
CA LYS H 8 8.96 15.54 24.35
C LYS H 8 10.03 16.08 25.29
N SER H 9 9.60 16.73 26.35
CA SER H 9 10.52 17.23 27.36
C SER H 9 11.26 16.06 28.00
N ASP H 10 10.52 14.99 28.31
CA ASP H 10 11.12 13.80 28.89
C ASP H 10 12.09 13.08 27.95
N LEU H 11 11.75 13.00 26.66
CA LEU H 11 12.60 12.32 25.70
C LEU H 11 13.84 13.12 25.30
N PHE H 12 13.68 14.43 25.17
CA PHE H 12 14.71 15.26 24.54
C PHE H 12 15.44 16.20 25.52
N ASN H 13 14.71 16.79 26.45
CA ASN H 13 15.29 17.76 27.38
C ASN H 13 15.80 17.13 28.67
N ARG H 14 15.19 16.04 29.07
CA ARG H 14 15.53 15.37 30.32
C ARG H 14 16.68 14.41 30.09
N SER H 15 17.06 14.24 28.82
CA SER H 15 18.07 13.25 28.45
C SER H 15 19.17 13.85 27.58
N PRO H 16 20.38 13.29 27.66
CA PRO H 16 21.49 13.70 26.79
C PRO H 16 21.35 13.07 25.40
N MET H 17 21.91 13.71 24.38
CA MET H 17 21.69 13.27 23.00
C MET H 17 22.31 11.91 22.68
N TYR H 18 21.53 11.06 22.01
CA TYR H 18 22.03 9.76 21.58
C TYR H 18 23.28 10.01 20.73
N PRO H 19 24.40 9.35 21.07
CA PRO H 19 25.66 9.63 20.36
C PRO H 19 25.87 8.80 19.10
N GLY H 20 24.82 8.10 18.66
CA GLY H 20 24.96 7.20 17.54
C GLY H 20 25.37 5.82 18.01
N PRO H 21 25.31 4.83 17.10
CA PRO H 21 25.61 3.44 17.45
C PRO H 21 27.11 3.19 17.61
N THR H 22 27.42 2.05 18.23
CA THR H 22 28.79 1.56 18.31
C THR H 22 28.74 0.04 18.12
N LYS H 23 29.90 -0.60 18.10
CA LYS H 23 29.97 -2.06 17.97
C LYS H 23 29.16 -2.76 19.06
N ASP H 24 29.12 -2.17 20.25
CA ASP H 24 28.40 -2.73 21.41
C ASP H 24 26.92 -2.38 21.43
N ASP H 25 26.53 -1.45 20.56
CA ASP H 25 25.15 -0.99 20.52
C ASP H 25 24.79 -0.74 19.06
N PRO H 26 24.88 -1.78 18.22
CA PRO H 26 24.70 -1.59 16.78
C PRO H 26 23.27 -1.28 16.43
N LEU H 27 23.07 -0.75 15.23
N LEU H 27 23.06 -0.80 15.21
CA LEU H 27 21.77 -0.31 14.80
CA LEU H 27 21.76 -0.28 14.82
C LEU H 27 21.52 -0.81 13.37
C LEU H 27 21.50 -0.66 13.36
N THR H 28 20.28 -1.12 13.06
CA THR H 28 19.93 -1.49 11.70
C THR H 28 19.02 -0.45 11.09
N VAL H 29 19.41 0.06 9.93
CA VAL H 29 18.59 1.03 9.23
C VAL H 29 17.93 0.40 8.01
N THR H 30 16.60 0.47 7.94
CA THR H 30 15.91 -0.01 6.74
C THR H 30 15.73 1.12 5.73
N LEU H 31 16.12 0.87 4.47
N LEU H 31 16.03 0.84 4.46
CA LEU H 31 15.99 1.86 3.40
CA LEU H 31 16.03 1.86 3.41
C LEU H 31 15.02 1.37 2.35
C LEU H 31 15.19 1.40 2.23
N GLY H 32 14.43 2.33 1.63
CA GLY H 32 13.63 2.02 0.46
C GLY H 32 13.48 3.26 -0.40
N PHE H 33 13.40 3.07 -1.71
CA PHE H 33 13.21 4.18 -2.62
C PHE H 33 11.86 4.13 -3.31
N THR H 34 11.20 5.28 -3.35
CA THR H 34 10.00 5.47 -4.15
C THR H 34 10.40 6.41 -5.30
N LEU H 35 10.68 5.84 -6.47
CA LEU H 35 11.20 6.61 -7.60
C LEU H 35 10.07 7.36 -8.27
N GLN H 36 10.13 8.69 -8.28
CA GLN H 36 9.07 9.48 -8.91
C GLN H 36 9.33 9.84 -10.35
N ASP H 37 10.56 10.24 -10.67
CA ASP H 37 10.88 10.57 -12.05
C ASP H 37 12.36 10.58 -12.26
N ILE H 38 12.75 10.29 -13.50
CA ILE H 38 14.07 10.63 -13.96
C ILE H 38 13.85 12.00 -14.61
N VAL H 39 14.36 13.06 -13.99
N VAL H 39 14.39 13.05 -13.99
CA VAL H 39 14.01 14.40 -14.46
CA VAL H 39 14.06 14.42 -14.36
C VAL H 39 14.97 14.95 -15.51
C VAL H 39 15.09 15.12 -15.26
N LYS H 40 16.20 14.45 -15.52
CA LYS H 40 17.23 15.01 -16.41
C LYS H 40 18.27 13.95 -16.76
N VAL H 41 18.68 13.96 -18.02
CA VAL H 41 19.73 13.08 -18.49
C VAL H 41 20.70 13.92 -19.28
N ASP H 42 21.99 13.90 -18.92
CA ASP H 42 22.95 14.77 -19.58
C ASP H 42 24.10 13.99 -20.21
N SER H 43 24.00 13.77 -21.52
CA SER H 43 24.96 12.94 -22.22
C SER H 43 26.28 13.64 -22.47
N SER H 44 26.35 14.93 -22.21
CA SER H 44 27.60 15.64 -22.41
C SER H 44 28.49 15.57 -21.16
N THR H 45 27.87 15.40 -19.99
CA THR H 45 28.64 15.33 -18.75
C THR H 45 28.48 13.98 -18.04
N ASN H 46 27.71 13.05 -18.61
CA ASN H 46 27.37 11.81 -17.93
C ASN H 46 26.83 12.01 -16.51
N GLU H 47 25.75 12.78 -16.44
CA GLU H 47 25.03 13.01 -15.18
C GLU H 47 23.55 12.72 -15.42
N VAL H 48 22.95 11.96 -14.51
CA VAL H 48 21.52 11.71 -14.55
C VAL H 48 20.87 12.22 -13.26
N ASP H 49 19.69 12.83 -13.35
CA ASP H 49 19.00 13.35 -12.18
C ASP H 49 17.73 12.56 -11.84
N LEU H 50 17.61 12.15 -10.58
CA LEU H 50 16.42 11.44 -10.11
C LEU H 50 15.67 12.23 -9.05
N VAL H 51 14.35 12.02 -8.99
CA VAL H 51 13.56 12.53 -7.89
C VAL H 51 12.88 11.33 -7.21
N TYR H 52 13.06 11.20 -5.90
CA TYR H 52 12.51 10.05 -5.17
C TYR H 52 12.13 10.42 -3.75
N TYR H 53 11.31 9.57 -3.11
CA TYR H 53 11.17 9.62 -1.66
C TYR H 53 12.13 8.56 -1.15
N GLU H 54 12.91 8.89 -0.12
CA GLU H 54 13.81 7.92 0.48
C GLU H 54 13.34 7.55 1.89
N GLN H 55 12.85 6.33 2.04
CA GLN H 55 12.37 5.89 3.35
C GLN H 55 13.51 5.39 4.20
N GLN H 56 13.62 5.93 5.41
CA GLN H 56 14.57 5.45 6.41
C GLN H 56 13.83 5.07 7.67
N ARG H 57 14.15 3.89 8.22
CA ARG H 57 13.58 3.43 9.48
C ARG H 57 14.63 2.83 10.37
N TRP H 58 14.52 3.10 11.66
CA TRP H 58 15.44 2.51 12.62
C TRP H 58 14.73 2.58 13.96
N LYS H 59 15.36 2.05 15.01
N LYS H 59 15.35 2.01 14.99
CA LYS H 59 14.69 1.98 16.31
CA LYS H 59 14.77 2.01 16.31
C LYS H 59 15.68 2.18 17.45
C LYS H 59 15.81 2.44 17.31
N LEU H 60 15.37 3.10 18.38
CA LEU H 60 16.27 3.38 19.49
C LEU H 60 15.57 3.13 20.81
N ASN H 61 16.24 2.38 21.69
CA ASN H 61 15.72 2.14 23.04
C ASN H 61 15.46 3.47 23.74
N SER H 62 16.29 4.46 23.45
CA SER H 62 16.19 5.75 24.13
C SER H 62 14.97 6.55 23.71
N LEU H 63 14.29 6.13 22.65
CA LEU H 63 13.08 6.84 22.24
C LEU H 63 11.78 6.12 22.64
N MET H 64 11.89 5.12 23.52
CA MET H 64 10.72 4.35 23.96
C MET H 64 9.96 5.06 25.07
N TRP H 65 8.64 4.88 25.09
CA TRP H 65 7.84 5.27 26.24
C TRP H 65 6.60 4.38 26.37
N ASP H 66 6.00 4.44 27.54
CA ASP H 66 4.78 3.73 27.84
C ASP H 66 3.60 4.69 27.62
N PRO H 67 2.75 4.39 26.62
CA PRO H 67 1.62 5.29 26.33
C PRO H 67 0.71 5.52 27.54
N ASN H 68 0.69 4.60 28.49
CA ASN H 68 -0.15 4.77 29.69
C ASN H 68 0.29 5.97 30.48
N GLU H 69 1.58 6.28 30.44
CA GLU H 69 2.07 7.43 31.18
C GLU H 69 1.90 8.77 30.45
N TYR H 70 1.41 8.72 29.21
CA TYR H 70 1.30 9.95 28.43
C TYR H 70 0.00 10.08 27.64
N GLY H 71 -1.11 9.85 28.33
CA GLY H 71 -2.42 10.04 27.74
C GLY H 71 -2.69 9.15 26.53
N ASN H 72 -2.08 7.97 26.52
CA ASN H 72 -2.24 7.02 25.41
C ASN H 72 -1.63 7.47 24.08
N ILE H 73 -0.73 8.45 24.12
CA ILE H 73 0.01 8.79 22.90
C ILE H 73 0.88 7.60 22.47
N THR H 74 0.70 7.16 21.23
CA THR H 74 1.43 6.00 20.73
C THR H 74 2.49 6.41 19.70
N ASP H 75 2.38 7.64 19.20
CA ASP H 75 3.42 8.16 18.31
C ASP H 75 3.28 9.67 18.15
N PHE H 76 4.32 10.32 17.62
CA PHE H 76 4.23 11.75 17.40
C PHE H 76 5.19 12.16 16.31
N ARG H 77 4.96 13.36 15.77
CA ARG H 77 5.81 13.92 14.73
C ARG H 77 6.71 14.96 15.37
N THR H 78 7.95 15.04 14.91
CA THR H 78 8.86 16.03 15.43
C THR H 78 9.97 16.34 14.42
N SER H 79 10.47 17.57 14.44
CA SER H 79 11.57 17.95 13.58
C SER H 79 12.69 16.90 13.64
N ALA H 80 13.25 16.52 12.49
CA ALA H 80 14.36 15.57 12.46
C ALA H 80 15.57 16.09 13.24
N ALA H 81 15.68 17.42 13.36
CA ALA H 81 16.79 17.99 14.09
C ALA H 81 16.76 17.63 15.58
N ASP H 82 15.60 17.17 16.07
CA ASP H 82 15.42 16.88 17.49
C ASP H 82 15.99 15.52 17.86
N ILE H 83 16.23 14.69 16.85
CA ILE H 83 16.67 13.32 17.10
C ILE H 83 17.96 13.01 16.33
N TRP H 84 18.65 11.95 16.72
CA TRP H 84 19.75 11.43 15.91
C TRP H 84 19.21 10.88 14.61
N THR H 85 19.92 11.11 13.51
CA THR H 85 19.58 10.48 12.22
C THR H 85 20.82 9.89 11.58
N PRO H 86 20.66 8.80 10.82
CA PRO H 86 21.81 8.13 10.18
C PRO H 86 22.41 8.96 9.05
N ASP H 87 23.72 8.82 8.84
CA ASP H 87 24.43 9.55 7.81
C ASP H 87 24.38 8.86 6.44
N ILE H 88 23.21 8.42 6.00
CA ILE H 88 23.03 7.70 4.73
C ILE H 88 23.20 8.66 3.55
N THR H 89 24.03 8.27 2.59
CA THR H 89 24.45 9.21 1.55
C THR H 89 24.68 8.46 0.24
N ALA H 90 24.45 9.10 -0.90
CA ALA H 90 24.84 8.52 -2.19
C ALA H 90 26.35 8.55 -2.29
N TYR H 91 26.96 7.51 -2.87
CA TYR H 91 28.42 7.42 -2.92
C TYR H 91 29.02 8.07 -4.16
N SER H 92 28.19 8.35 -5.16
CA SER H 92 28.70 8.91 -6.41
C SER H 92 27.78 10.00 -6.94
N SER H 93 27.30 10.86 -6.04
CA SER H 93 26.62 12.09 -6.46
C SER H 93 27.62 13.03 -7.13
N THR H 94 27.12 14.00 -7.88
CA THR H 94 27.96 14.96 -8.56
C THR H 94 27.62 16.39 -8.14
N ARG H 95 26.55 16.54 -7.36
N ARG H 95 26.54 16.53 -7.37
CA ARG H 95 26.12 17.81 -6.81
CA ARG H 95 26.09 17.80 -6.81
C ARG H 95 25.46 17.54 -5.45
C ARG H 95 25.47 17.52 -5.44
N PRO H 96 25.48 18.53 -4.54
CA PRO H 96 24.86 18.30 -3.24
C PRO H 96 23.41 17.86 -3.45
N VAL H 97 22.96 16.86 -2.73
CA VAL H 97 21.61 16.37 -2.91
C VAL H 97 20.66 17.49 -2.50
N GLN H 98 19.51 17.58 -3.13
CA GLN H 98 18.59 18.66 -2.80
C GLN H 98 17.36 18.10 -2.13
N VAL H 99 17.05 18.62 -0.95
CA VAL H 99 15.92 18.12 -0.17
C VAL H 99 14.66 18.88 -0.56
N LEU H 100 13.59 18.14 -0.83
CA LEU H 100 12.41 18.72 -1.44
C LEU H 100 11.23 18.81 -0.48
N SER H 101 11.40 18.27 0.71
CA SER H 101 10.32 18.22 1.69
C SER H 101 10.83 18.67 3.05
N PRO H 102 9.92 18.97 3.98
CA PRO H 102 10.27 19.20 5.38
C PRO H 102 11.01 17.99 5.95
N GLN H 103 11.89 18.26 6.91
N GLN H 103 11.92 18.22 6.89
CA GLN H 103 12.62 17.21 7.62
CA GLN H 103 12.60 17.09 7.52
C GLN H 103 11.94 16.96 8.94
C GLN H 103 12.00 16.90 8.90
N ILE H 104 10.97 16.06 8.94
CA ILE H 104 10.19 15.81 10.14
C ILE H 104 10.05 14.32 10.24
N ALA H 105 10.26 13.79 11.44
CA ALA H 105 10.22 12.34 11.62
C ALA H 105 8.97 11.94 12.37
N VAL H 106 8.57 10.68 12.24
CA VAL H 106 7.52 10.11 13.08
C VAL H 106 8.17 9.14 14.06
N VAL H 107 7.90 9.32 15.36
CA VAL H 107 8.51 8.49 16.40
C VAL H 107 7.39 7.70 17.07
N THR H 108 7.57 6.39 17.22
CA THR H 108 6.54 5.53 17.78
C THR H 108 6.98 5.05 19.16
N HIS H 109 6.03 4.75 20.04
CA HIS H 109 6.37 4.48 21.44
C HIS H 109 7.29 3.28 21.63
N ASP H 110 7.46 2.45 20.60
CA ASP H 110 8.40 1.33 20.70
C ASP H 110 9.82 1.79 20.35
N GLY H 111 9.97 3.09 20.16
CA GLY H 111 11.28 3.63 19.87
C GLY H 111 11.60 3.64 18.38
N SER H 112 10.64 3.22 17.55
N SER H 112 10.67 3.19 17.54
CA SER H 112 10.84 3.24 16.11
CA SER H 112 10.95 3.23 16.10
C SER H 112 10.77 4.67 15.57
C SER H 112 10.74 4.62 15.53
N VAL H 113 11.50 4.93 14.49
CA VAL H 113 11.50 6.24 13.84
C VAL H 113 11.30 5.98 12.35
N MET H 114 10.43 6.76 11.72
CA MET H 114 10.24 6.70 10.27
C MET H 114 10.49 8.09 9.71
N PHE H 115 11.37 8.17 8.72
CA PHE H 115 11.81 9.46 8.16
C PHE H 115 11.82 9.26 6.64
N ILE H 116 11.09 10.11 5.91
CA ILE H 116 10.92 9.92 4.48
C ILE H 116 11.16 11.24 3.72
N PRO H 117 12.42 11.67 3.60
CA PRO H 117 12.72 12.86 2.82
C PRO H 117 12.56 12.64 1.30
N ALA H 118 11.94 13.59 0.62
CA ALA H 118 11.99 13.61 -0.84
C ALA H 118 13.26 14.34 -1.27
N GLN H 119 13.94 13.81 -2.28
CA GLN H 119 15.23 14.37 -2.71
C GLN H 119 15.35 14.45 -4.23
N ARG H 120 16.15 15.40 -4.71
CA ARG H 120 16.63 15.37 -6.10
C ARG H 120 18.12 15.11 -6.10
N LEU H 121 18.54 14.06 -6.81
CA LEU H 121 19.94 13.62 -6.81
C LEU H 121 20.51 13.66 -8.21
N SER H 122 21.64 14.35 -8.38
CA SER H 122 22.47 14.18 -9.57
C SER H 122 23.58 13.18 -9.29
N PHE H 123 23.75 12.19 -10.17
CA PHE H 123 24.76 11.16 -9.97
C PHE H 123 25.45 10.71 -11.27
N MET H 124 26.56 9.98 -11.14
CA MET H 124 27.38 9.66 -12.29
C MET H 124 26.73 8.55 -13.11
N CYS H 125 26.41 8.84 -14.36
CA CYS H 125 25.91 7.81 -15.26
C CYS H 125 26.01 8.23 -16.72
N ASP H 126 26.63 7.37 -17.52
CA ASP H 126 26.69 7.50 -18.96
C ASP H 126 25.37 6.94 -19.50
N PRO H 127 24.53 7.81 -20.07
CA PRO H 127 23.21 7.36 -20.53
C PRO H 127 23.23 6.89 -21.97
N THR H 128 24.40 6.71 -22.57
CA THR H 128 24.46 6.26 -23.97
C THR H 128 23.59 5.03 -24.11
N GLY H 129 22.65 5.08 -25.05
CA GLY H 129 21.77 3.95 -25.26
C GLY H 129 20.36 4.17 -24.73
N VAL H 130 20.14 5.30 -24.05
CA VAL H 130 18.83 5.60 -23.49
C VAL H 130 17.76 5.70 -24.59
N ASP H 131 18.16 6.17 -25.77
CA ASP H 131 17.22 6.35 -26.86
C ASP H 131 17.17 5.12 -27.74
N SER H 132 17.31 3.95 -27.14
CA SER H 132 17.25 2.70 -27.89
C SER H 132 16.25 1.79 -27.21
N GLU H 133 15.87 0.72 -27.89
CA GLU H 133 14.89 -0.20 -27.33
C GLU H 133 15.45 -0.93 -26.09
N GLU H 134 16.75 -1.14 -26.07
CA GLU H 134 17.42 -1.85 -24.99
C GLU H 134 17.59 -0.99 -23.73
N GLY H 135 17.62 0.34 -23.93
CA GLY H 135 17.76 1.25 -22.81
C GLY H 135 19.16 1.29 -22.24
N VAL H 136 19.29 1.90 -21.06
CA VAL H 136 20.59 2.02 -20.43
C VAL H 136 20.44 1.69 -18.94
N THR H 137 21.51 1.20 -18.31
CA THR H 137 21.47 0.94 -16.88
C THR H 137 22.37 1.95 -16.14
N CYS H 138 21.82 2.60 -15.12
CA CYS H 138 22.59 3.44 -14.22
C CYS H 138 22.55 2.81 -12.83
N ALA H 139 23.59 3.04 -12.03
CA ALA H 139 23.63 2.55 -10.66
C ALA H 139 24.28 3.55 -9.69
N VAL H 140 23.74 3.64 -8.49
CA VAL H 140 24.35 4.49 -7.46
C VAL H 140 24.20 3.80 -6.11
N LYS H 141 25.27 3.74 -5.33
CA LYS H 141 25.23 3.08 -4.03
C LYS H 141 24.88 4.08 -2.93
N PHE H 142 24.11 3.64 -1.95
CA PHE H 142 23.79 4.45 -0.78
C PHE H 142 24.24 3.69 0.45
N GLY H 143 24.74 4.41 1.45
CA GLY H 143 25.06 3.80 2.73
C GLY H 143 25.61 4.85 3.68
N SER H 144 26.00 4.40 4.87
CA SER H 144 26.55 5.31 5.86
C SER H 144 27.84 5.91 5.32
N TRP H 145 28.07 7.17 5.61
CA TRP H 145 29.31 7.79 5.16
C TRP H 145 30.52 7.28 5.93
N VAL H 146 30.34 7.06 7.24
CA VAL H 146 31.47 6.69 8.10
C VAL H 146 31.31 5.44 8.95
N TYR H 147 30.11 4.87 9.04
CA TYR H 147 29.92 3.73 9.94
C TYR H 147 30.08 2.41 9.22
N SER H 148 30.74 1.45 9.86
CA SER H 148 30.88 0.10 9.32
C SER H 148 29.63 -0.70 9.62
N GLY H 149 29.52 -1.86 9.00
CA GLY H 149 28.39 -2.76 9.21
C GLY H 149 28.31 -3.32 10.62
N PHE H 150 29.39 -3.19 11.38
CA PHE H 150 29.34 -3.57 12.79
C PHE H 150 28.56 -2.55 13.61
N GLU H 151 28.46 -1.33 13.07
CA GLU H 151 27.79 -0.23 13.76
C GLU H 151 26.43 0.08 13.13
N ILE H 152 26.41 0.23 11.82
CA ILE H 152 25.13 0.40 11.15
C ILE H 152 24.99 -0.67 10.09
N ASP H 153 24.02 -1.56 10.29
CA ASP H 153 23.64 -2.48 9.23
C ASP H 153 22.52 -1.82 8.42
N LEU H 154 22.36 -2.23 7.18
CA LEU H 154 21.28 -1.70 6.36
C LEU H 154 20.49 -2.85 5.83
N LYS H 155 19.19 -2.63 5.67
N LYS H 155 19.18 -2.62 5.67
CA LYS H 155 18.36 -3.64 5.06
CA LYS H 155 18.26 -3.65 5.19
C LYS H 155 17.47 -2.95 4.03
C LYS H 155 17.18 -3.03 4.30
N THR H 156 16.73 -3.77 3.28
CA THR H 156 15.61 -3.29 2.50
C THR H 156 14.43 -4.22 2.83
N ASP H 157 13.21 -3.72 2.70
CA ASP H 157 12.03 -4.55 2.88
C ASP H 157 11.88 -5.45 1.69
N THR H 158 12.25 -4.92 0.53
CA THR H 158 12.19 -5.68 -0.72
C THR H 158 13.28 -5.16 -1.61
N ASP H 159 13.77 -6.00 -2.52
N ASP H 159 13.79 -6.00 -2.52
CA ASP H 159 14.78 -5.59 -3.48
CA ASP H 159 14.79 -5.52 -3.47
C ASP H 159 14.18 -4.85 -4.68
C ASP H 159 14.18 -4.90 -4.72
N GLN H 160 12.86 -4.71 -4.70
CA GLN H 160 12.17 -4.05 -5.81
C GLN H 160 11.93 -2.61 -5.42
N VAL H 161 12.45 -1.69 -6.22
CA VAL H 161 12.20 -0.28 -5.97
C VAL H 161 10.71 -0.02 -6.08
N ASP H 162 10.17 0.86 -5.24
CA ASP H 162 8.75 1.21 -5.30
C ASP H 162 8.53 2.13 -6.51
N LEU H 163 7.86 1.63 -7.52
CA LEU H 163 7.56 2.37 -8.73
C LEU H 163 6.09 2.75 -8.77
N SER H 164 5.38 2.50 -7.67
CA SER H 164 3.94 2.79 -7.66
C SER H 164 3.59 4.27 -7.85
N SER H 165 4.53 5.17 -7.57
CA SER H 165 4.28 6.60 -7.78
C SER H 165 5.17 7.19 -8.86
N TYR H 166 5.66 6.34 -9.77
CA TYR H 166 6.47 6.85 -10.86
C TYR H 166 5.58 7.71 -11.78
N TYR H 167 6.07 8.89 -12.16
CA TYR H 167 5.25 9.82 -12.93
C TYR H 167 4.75 9.21 -14.26
N ALA H 168 3.44 9.12 -14.40
CA ALA H 168 2.80 8.48 -15.54
C ALA H 168 3.19 9.07 -16.88
N SER H 169 3.63 10.33 -16.92
CA SER H 169 3.97 10.94 -18.19
C SER H 169 5.44 11.27 -18.31
N SER H 170 6.28 10.51 -17.60
CA SER H 170 7.71 10.71 -17.69
C SER H 170 8.24 10.61 -19.13
N LYS H 171 9.33 11.33 -19.42
CA LYS H 171 10.04 11.13 -20.68
C LYS H 171 10.62 9.72 -20.73
N TYR H 172 10.78 9.09 -19.57
CA TYR H 172 11.43 7.78 -19.53
C TYR H 172 10.54 6.63 -19.06
N GLU H 173 10.82 5.45 -19.61
CA GLU H 173 10.12 4.24 -19.23
C GLU H 173 11.07 3.40 -18.40
N ILE H 174 10.65 3.06 -17.18
CA ILE H 174 11.48 2.23 -16.32
C ILE H 174 11.36 0.76 -16.72
N LEU H 175 12.49 0.15 -17.11
CA LEU H 175 12.50 -1.25 -17.53
C LEU H 175 12.71 -2.13 -16.32
N SER H 176 13.49 -1.64 -15.35
N SER H 176 13.52 -1.66 -15.37
CA SER H 176 13.81 -2.40 -14.15
CA SER H 176 13.68 -2.36 -14.11
C SER H 176 14.39 -1.45 -13.08
C SER H 176 14.32 -1.42 -13.09
N ALA H 177 14.06 -1.66 -11.81
CA ALA H 177 14.64 -0.85 -10.75
C ALA H 177 14.73 -1.65 -9.47
N THR H 178 15.95 -1.91 -9.04
CA THR H 178 16.18 -2.75 -7.86
C THR H 178 17.02 -2.01 -6.83
N GLN H 179 16.89 -2.42 -5.58
CA GLN H 179 17.62 -1.82 -4.48
C GLN H 179 18.15 -2.97 -3.66
N THR H 180 19.43 -3.26 -3.80
CA THR H 180 19.97 -4.50 -3.23
C THR H 180 21.09 -4.26 -2.24
N ARG H 181 20.94 -4.82 -1.05
CA ARG H 181 21.97 -4.78 -0.02
C ARG H 181 23.20 -5.52 -0.48
N GLN H 182 24.37 -4.92 -0.29
CA GLN H 182 25.65 -5.55 -0.62
C GLN H 182 26.60 -5.41 0.54
N VAL H 183 27.43 -6.42 0.78
CA VAL H 183 28.44 -6.33 1.82
C VAL H 183 29.77 -6.07 1.13
N GLN H 184 30.46 -5.01 1.56
CA GLN H 184 31.68 -4.57 0.92
C GLN H 184 32.85 -4.68 1.89
N HIS H 185 33.97 -5.20 1.43
CA HIS H 185 35.16 -5.22 2.26
C HIS H 185 36.22 -4.29 1.71
N TYR H 186 37.04 -3.73 2.60
CA TYR H 186 38.16 -2.91 2.17
C TYR H 186 39.42 -3.60 2.63
N SER H 187 40.42 -3.64 1.74
CA SER H 187 41.60 -4.46 1.96
C SER H 187 42.32 -4.16 3.26
N CYS H 188 42.24 -2.91 3.72
CA CYS H 188 42.92 -2.51 4.95
C CYS H 188 42.36 -3.20 6.20
N CYS H 189 41.05 -3.43 6.22
CA CYS H 189 40.34 -3.72 7.45
C CYS H 189 39.46 -4.95 7.35
N PRO H 190 39.28 -5.65 8.47
CA PRO H 190 38.48 -6.89 8.51
C PRO H 190 36.96 -6.64 8.48
N GLU H 191 36.52 -5.49 8.98
CA GLU H 191 35.08 -5.28 9.18
C GLU H 191 34.33 -5.05 7.87
N PRO H 192 33.10 -5.56 7.77
CA PRO H 192 32.32 -5.37 6.56
C PRO H 192 31.72 -3.96 6.52
N TYR H 193 31.46 -3.44 5.33
CA TYR H 193 30.69 -2.20 5.15
C TYR H 193 29.45 -2.54 4.35
N ILE H 194 28.34 -1.85 4.60
CA ILE H 194 27.09 -2.16 3.90
C ILE H 194 26.66 -1.00 3.01
N ASP H 195 26.18 -1.31 1.82
CA ASP H 195 25.52 -0.31 0.98
C ASP H 195 24.29 -0.94 0.36
N VAL H 196 23.39 -0.10 -0.12
CA VAL H 196 22.27 -0.55 -0.92
C VAL H 196 22.54 0.01 -2.31
N ASN H 197 22.57 -0.89 -3.30
CA ASN H 197 22.88 -0.52 -4.67
C ASN H 197 21.55 -0.30 -5.40
N LEU H 198 21.31 0.94 -5.82
CA LEU H 198 20.11 1.32 -6.55
C LEU H 198 20.44 1.21 -8.04
N VAL H 199 19.76 0.31 -8.74
CA VAL H 199 20.13 0.03 -10.13
C VAL H 199 18.90 0.27 -10.98
N VAL H 200 18.99 1.21 -11.91
CA VAL H 200 17.80 1.55 -12.67
C VAL H 200 18.10 1.39 -14.14
N LYS H 201 17.29 0.60 -14.83
CA LYS H 201 17.47 0.41 -16.27
C LYS H 201 16.29 1.12 -16.92
N PHE H 202 16.55 2.00 -17.88
CA PHE H 202 15.48 2.83 -18.42
C PHE H 202 15.76 3.20 -19.86
N ARG H 203 14.73 3.71 -20.54
CA ARG H 203 14.86 4.17 -21.91
C ARG H 203 13.85 5.28 -22.19
N GLU H 204 14.10 6.06 -23.23
CA GLU H 204 13.15 7.10 -23.61
C GLU H 204 11.83 6.44 -23.97
N ARG H 205 10.73 7.09 -23.60
CA ARG H 205 9.41 6.46 -23.71
C ARG H 205 9.05 6.04 -25.14
N GLN I 1 25.94 3.25 24.78
CA GLN I 1 25.85 4.68 24.59
C GLN I 1 26.34 5.47 25.81
N ALA I 2 26.23 4.90 27.00
CA ALA I 2 26.64 5.62 28.22
C ALA I 2 28.13 6.01 28.23
N ASN I 3 29.00 5.05 27.95
CA ASN I 3 30.43 5.35 27.90
C ASN I 3 30.78 6.38 26.83
N LEU I 4 30.19 6.25 25.66
CA LEU I 4 30.45 7.18 24.57
C LEU I 4 29.96 8.59 24.94
N MET I 5 28.76 8.68 25.48
CA MET I 5 28.27 9.98 25.93
C MET I 5 29.23 10.64 26.95
N ARG I 6 29.79 9.83 27.85
CA ARG I 6 30.72 10.31 28.88
C ARG I 6 32.04 10.78 28.24
N LEU I 7 32.54 10.00 27.28
CA LEU I 7 33.79 10.35 26.61
C LEU I 7 33.63 11.68 25.88
N LYS I 8 32.55 11.83 25.13
CA LYS I 8 32.32 13.03 24.35
C LYS I 8 32.18 14.24 25.28
N SER I 9 31.51 14.04 26.40
CA SER I 9 31.38 15.10 27.38
C SER I 9 32.76 15.52 27.91
N ASP I 10 33.58 14.54 28.27
CA ASP I 10 34.92 14.80 28.77
C ASP I 10 35.82 15.50 27.75
N LEU I 11 35.74 15.08 26.49
CA LEU I 11 36.61 15.66 25.46
C LEU I 11 36.15 17.04 25.00
N PHE I 12 34.85 17.26 25.01
CA PHE I 12 34.28 18.40 24.30
C PHE I 12 33.63 19.46 25.19
N ASN I 13 33.21 19.05 26.39
CA ASN I 13 32.45 19.96 27.25
C ASN I 13 33.19 20.44 28.49
N ARG I 14 34.35 19.85 28.76
N ARG I 14 34.36 19.86 28.75
CA ARG I 14 35.12 20.20 29.96
CA ARG I 14 35.12 20.20 29.95
C ARG I 14 36.40 20.96 29.65
C ARG I 14 36.16 21.29 29.67
N SER I 15 36.55 21.40 28.40
CA SER I 15 37.67 22.26 28.03
C SER I 15 37.36 23.10 26.79
N PRO I 16 38.02 24.27 26.68
CA PRO I 16 37.85 25.14 25.50
C PRO I 16 38.35 24.43 24.26
N MET I 17 37.75 24.68 23.11
CA MET I 17 38.17 24.01 21.89
C MET I 17 39.65 24.28 21.63
N TYR I 18 40.29 23.31 21.00
CA TYR I 18 41.65 23.48 20.53
C TYR I 18 41.70 24.76 19.69
N PRO I 19 42.68 25.63 19.97
CA PRO I 19 42.73 26.93 19.31
C PRO I 19 43.54 26.89 18.02
N GLY I 20 43.83 25.68 17.52
CA GLY I 20 44.64 25.55 16.33
C GLY I 20 46.12 25.55 16.68
N PRO I 21 46.94 25.11 15.75
CA PRO I 21 48.38 24.96 15.99
C PRO I 21 49.09 26.30 15.97
N THR I 22 50.30 26.32 16.52
CA THR I 22 51.15 27.52 16.51
C THR I 22 52.56 27.05 16.20
N LYS I 23 53.49 27.99 16.09
CA LYS I 23 54.88 27.64 15.80
C LYS I 23 55.51 26.79 16.91
N ASP I 24 54.93 26.88 18.11
CA ASP I 24 55.41 26.10 19.25
C ASP I 24 54.74 24.73 19.32
N ASP I 25 53.53 24.62 18.76
CA ASP I 25 52.78 23.37 18.78
C ASP I 25 52.33 23.04 17.37
N PRO I 26 53.29 22.69 16.49
CA PRO I 26 52.99 22.52 15.07
C PRO I 26 52.18 21.25 14.78
N LEU I 27 51.62 21.17 13.59
CA LEU I 27 50.72 20.10 13.25
C LEU I 27 50.96 19.64 11.83
N THR I 28 50.87 18.34 11.60
CA THR I 28 51.04 17.81 10.26
C THR I 28 49.72 17.24 9.78
N VAL I 29 49.25 17.73 8.63
CA VAL I 29 48.02 17.24 8.04
C VAL I 29 48.32 16.39 6.82
N THR I 30 47.90 15.13 6.83
CA THR I 30 48.07 14.26 5.67
C THR I 30 46.86 14.39 4.75
N LEU I 31 47.13 14.60 3.46
CA LEU I 31 46.06 14.75 2.48
C LEU I 31 46.12 13.64 1.45
N GLY I 32 44.96 13.27 0.93
CA GLY I 32 44.90 12.31 -0.16
C GLY I 32 43.65 12.47 -0.99
N PHE I 33 43.79 12.33 -2.31
CA PHE I 33 42.65 12.44 -3.18
C PHE I 33 42.20 11.11 -3.82
N THR I 34 40.90 10.85 -3.73
CA THR I 34 40.27 9.73 -4.45
C THR I 34 39.42 10.36 -5.55
N LEU I 35 39.97 10.42 -6.75
CA LEU I 35 39.31 11.10 -7.87
C LEU I 35 38.22 10.23 -8.46
N GLN I 36 36.98 10.72 -8.41
CA GLN I 36 35.85 9.95 -8.88
C GLN I 36 35.52 10.22 -10.33
N ASP I 37 35.55 11.49 -10.73
CA ASP I 37 35.27 11.80 -12.13
C ASP I 37 35.63 13.22 -12.45
N ILE I 38 35.91 13.50 -13.71
N ILE I 38 35.86 13.47 -13.72
CA ILE I 38 35.98 14.88 -14.17
CA ILE I 38 35.99 14.81 -14.23
C ILE I 38 34.67 15.19 -14.88
C ILE I 38 34.61 15.06 -14.82
N VAL I 39 33.82 15.92 -14.18
CA VAL I 39 32.41 16.04 -14.54
C VAL I 39 32.03 17.17 -15.52
N LYS I 40 32.94 18.10 -15.75
N LYS I 40 32.94 18.11 -15.74
CA LYS I 40 32.67 19.20 -16.66
CA LYS I 40 32.68 19.20 -16.66
C LYS I 40 33.97 19.80 -17.18
C LYS I 40 33.99 19.75 -17.19
N VAL I 41 34.00 20.12 -18.47
CA VAL I 41 35.13 20.79 -19.06
C VAL I 41 34.57 21.97 -19.87
N ASP I 42 35.01 23.18 -19.55
CA ASP I 42 34.49 24.37 -20.22
C ASP I 42 35.62 25.18 -20.85
N SER I 43 35.71 25.09 -22.18
CA SER I 43 36.76 25.76 -22.93
C SER I 43 36.43 27.21 -23.25
N SER I 44 35.22 27.65 -22.95
CA SER I 44 34.88 29.05 -23.14
C SER I 44 35.23 29.91 -21.92
N THR I 45 35.46 29.27 -20.77
CA THR I 45 35.79 29.99 -19.55
C THR I 45 37.09 29.47 -18.94
N ASN I 46 37.58 28.36 -19.50
CA ASN I 46 38.73 27.65 -18.93
C ASN I 46 38.52 27.24 -17.48
N GLU I 47 37.43 26.53 -17.24
N GLU I 47 37.47 26.47 -17.26
CA GLU I 47 37.16 25.95 -15.93
CA GLU I 47 37.12 25.96 -15.94
C GLU I 47 36.98 24.45 -16.13
C GLU I 47 36.86 24.45 -16.06
N VAL I 48 37.46 23.67 -15.17
CA VAL I 48 37.22 22.25 -15.15
C VAL I 48 36.63 21.87 -13.79
N ASP I 49 35.71 20.91 -13.78
CA ASP I 49 35.03 20.47 -12.54
C ASP I 49 35.43 19.04 -12.19
N LEU I 50 35.84 18.82 -10.94
CA LEU I 50 36.18 17.50 -10.45
C LEU I 50 35.23 17.10 -9.33
N VAL I 51 34.98 15.80 -9.23
CA VAL I 51 34.35 15.23 -8.05
C VAL I 51 35.33 14.22 -7.42
N TYR I 52 35.63 14.43 -6.14
CA TYR I 52 36.58 13.55 -5.44
C TYR I 52 36.21 13.38 -3.97
N TYR I 53 36.81 12.38 -3.34
CA TYR I 53 36.84 12.30 -1.89
C TYR I 53 38.19 12.86 -1.49
N GLU I 54 38.19 13.76 -0.51
CA GLU I 54 39.43 14.33 -0.02
C GLU I 54 39.69 13.80 1.38
N GLN I 55 40.68 12.92 1.50
CA GLN I 55 41.06 12.40 2.82
C GLN I 55 41.96 13.39 3.57
N GLN I 56 41.63 13.68 4.83
CA GLN I 56 42.45 14.51 5.68
C GLN I 56 42.72 13.76 6.97
N ARG I 57 43.96 13.79 7.46
CA ARG I 57 44.26 13.17 8.75
C ARG I 57 45.21 14.05 9.53
N TRP I 58 44.98 14.15 10.84
CA TRP I 58 45.90 14.81 11.73
C TRP I 58 45.74 14.19 13.12
N LYS I 59 46.50 14.68 14.10
CA LYS I 59 46.49 14.07 15.43
C LYS I 59 46.64 15.14 16.49
N LEU I 60 45.82 15.07 17.54
CA LEU I 60 45.86 16.07 18.62
C LEU I 60 45.94 15.41 19.99
N ASN I 61 46.87 15.86 20.80
CA ASN I 61 47.01 15.34 22.15
C ASN I 61 45.72 15.52 22.95
N SER I 62 45.03 16.62 22.69
CA SER I 62 43.80 16.96 23.41
C SER I 62 42.63 16.06 23.11
N LEU I 63 42.78 15.17 22.11
CA LEU I 63 41.70 14.23 21.78
C LEU I 63 42.05 12.80 22.22
N MET I 64 43.08 12.65 23.02
CA MET I 64 43.51 11.32 23.45
C MET I 64 42.67 10.87 24.64
N TRP I 65 42.50 9.56 24.79
CA TRP I 65 41.90 8.99 26.01
C TRP I 65 42.39 7.57 26.21
N ASP I 66 42.16 7.05 27.41
CA ASP I 66 42.51 5.68 27.75
C ASP I 66 41.27 4.82 27.55
N PRO I 67 41.31 3.91 26.56
CA PRO I 67 40.11 3.11 26.29
C PRO I 67 39.63 2.35 27.54
N ASN I 68 40.54 2.01 28.44
CA ASN I 68 40.18 1.35 29.70
C ASN I 68 39.23 2.16 30.58
N GLU I 69 39.35 3.48 30.53
CA GLU I 69 38.51 4.35 31.35
C GLU I 69 37.13 4.57 30.74
N TYR I 70 36.95 4.09 29.51
CA TYR I 70 35.71 4.34 28.77
C TYR I 70 35.16 3.06 28.10
N GLY I 71 35.11 1.98 28.86
CA GLY I 71 34.51 0.76 28.37
C GLY I 71 35.11 0.26 27.07
N ASN I 72 36.42 0.43 26.92
CA ASN I 72 37.15 -0.13 25.79
C ASN I 72 36.83 0.49 24.45
N ILE I 73 36.13 1.62 24.45
CA ILE I 73 35.99 2.42 23.24
C ILE I 73 37.36 2.85 22.71
N THR I 74 37.63 2.53 21.45
CA THR I 74 38.92 2.85 20.84
C THR I 74 38.81 3.93 19.77
N ASP I 75 37.59 4.15 19.29
CA ASP I 75 37.36 5.27 18.39
C ASP I 75 35.88 5.60 18.38
N PHE I 76 35.55 6.75 17.81
CA PHE I 76 34.15 7.15 17.71
C PHE I 76 33.96 8.09 16.53
N ARG I 77 32.73 8.19 16.05
CA ARG I 77 32.42 9.11 14.95
C ARG I 77 31.67 10.27 15.53
N THR I 78 31.95 11.46 15.04
CA THR I 78 31.24 12.62 15.54
C THR I 78 31.26 13.71 14.49
N SER I 79 30.28 14.60 14.56
CA SER I 79 30.18 15.72 13.64
C SER I 79 31.49 16.50 13.57
N ALA I 80 31.93 16.83 12.36
CA ALA I 80 33.16 17.57 12.18
C ALA I 80 33.07 18.93 12.87
N ALA I 81 31.85 19.42 13.03
CA ALA I 81 31.67 20.68 13.73
C ALA I 81 32.03 20.59 15.21
N ASP I 82 32.12 19.38 15.75
CA ASP I 82 32.49 19.18 17.16
C ASP I 82 33.98 19.40 17.44
N ILE I 83 34.79 19.41 16.40
CA ILE I 83 36.25 19.46 16.56
C ILE I 83 36.87 20.54 15.68
N TRP I 84 38.09 20.93 16.04
CA TRP I 84 38.90 21.77 15.17
C TRP I 84 39.19 20.99 13.87
N THR I 85 39.13 21.69 12.73
CA THR I 85 39.56 21.11 11.47
C THR I 85 40.47 22.11 10.73
N PRO I 86 41.41 21.60 9.91
CA PRO I 86 42.34 22.50 9.22
C PRO I 86 41.68 23.23 8.07
N ASP I 87 42.15 24.45 7.80
CA ASP I 87 41.61 25.32 6.77
C ASP I 87 42.19 24.99 5.38
N ILE I 88 42.21 23.71 5.04
CA ILE I 88 42.77 23.27 3.75
C ILE I 88 41.86 23.72 2.61
N THR I 89 42.43 24.44 1.65
CA THR I 89 41.66 25.09 0.59
C THR I 89 42.34 24.93 -0.76
N ALA I 90 41.56 24.81 -1.82
CA ALA I 90 42.10 24.87 -3.18
C ALA I 90 42.53 26.32 -3.46
N TYR I 91 43.70 26.50 -4.07
CA TYR I 91 44.24 27.84 -4.27
C TYR I 91 43.75 28.51 -5.56
N SER I 92 43.07 27.75 -6.41
CA SER I 92 42.62 28.31 -7.68
C SER I 92 41.20 27.89 -8.11
N SER I 93 40.33 27.71 -7.14
CA SER I 93 38.92 27.45 -7.43
C SER I 93 38.31 28.71 -8.07
N THR I 94 37.21 28.54 -8.80
CA THR I 94 36.52 29.66 -9.42
C THR I 94 35.09 29.76 -8.90
N ARG I 95 34.70 28.83 -8.03
CA ARG I 95 33.39 28.81 -7.38
C ARG I 95 33.52 28.18 -5.99
N PRO I 96 32.60 28.48 -5.07
CA PRO I 96 32.81 27.84 -3.77
C PRO I 96 32.73 26.33 -3.93
N VAL I 97 33.60 25.62 -3.22
N VAL I 97 33.56 25.61 -3.18
CA VAL I 97 33.59 24.18 -3.25
CA VAL I 97 33.62 24.15 -3.24
C VAL I 97 32.21 23.74 -2.76
C VAL I 97 32.37 23.54 -2.60
N GLN I 98 31.70 22.65 -3.32
CA GLN I 98 30.42 22.11 -2.87
C GLN I 98 30.63 20.79 -2.13
N VAL I 99 30.07 20.67 -0.95
CA VAL I 99 30.20 19.44 -0.17
C VAL I 99 29.12 18.42 -0.55
N LEU I 100 29.54 17.21 -0.89
CA LEU I 100 28.61 16.19 -1.39
C LEU I 100 28.21 15.16 -0.33
N SER I 101 28.87 15.20 0.82
CA SER I 101 28.66 14.16 1.82
C SER I 101 28.44 14.80 3.18
N PRO I 102 28.00 13.99 4.16
CA PRO I 102 28.02 14.47 5.54
C PRO I 102 29.44 14.78 5.93
N GLN I 103 29.62 15.60 6.95
CA GLN I 103 30.94 15.92 7.44
C GLN I 103 31.07 15.42 8.87
N ILE I 104 31.68 14.25 8.99
CA ILE I 104 31.70 13.50 10.23
C ILE I 104 33.11 12.97 10.30
N ALA I 105 33.78 13.19 11.41
CA ALA I 105 35.14 12.72 11.53
C ALA I 105 35.15 11.45 12.34
N VAL I 106 36.21 10.67 12.18
CA VAL I 106 36.47 9.54 13.05
C VAL I 106 37.60 9.95 13.97
N VAL I 107 37.39 9.84 15.27
CA VAL I 107 38.40 10.18 16.25
C VAL I 107 38.87 8.91 16.94
N THR I 108 40.18 8.73 17.05
CA THR I 108 40.74 7.52 17.64
C THR I 108 41.42 7.86 18.97
N HIS I 109 41.46 6.89 19.89
CA HIS I 109 41.95 7.15 21.24
C HIS I 109 43.38 7.68 21.32
N ASP I 110 44.19 7.54 20.26
CA ASP I 110 45.53 8.14 20.26
C ASP I 110 45.52 9.60 19.81
N GLY I 111 44.32 10.17 19.70
CA GLY I 111 44.17 11.55 19.28
C GLY I 111 44.14 11.75 17.77
N SER I 112 44.20 10.66 17.01
CA SER I 112 44.16 10.76 15.55
C SER I 112 42.75 11.04 15.05
N VAL I 113 42.67 11.87 14.01
CA VAL I 113 41.40 12.23 13.37
C VAL I 113 41.49 11.90 11.88
N MET I 114 40.43 11.30 11.34
CA MET I 114 40.31 11.03 9.91
C MET I 114 39.00 11.60 9.40
N PHE I 115 39.10 12.47 8.39
CA PHE I 115 37.95 13.22 7.87
C PHE I 115 38.00 13.13 6.33
N ILE I 116 36.91 12.65 5.71
CA ILE I 116 36.90 12.39 4.27
C ILE I 116 35.64 12.97 3.59
N PRO I 117 35.60 14.28 3.43
CA PRO I 117 34.49 14.90 2.70
C PRO I 117 34.59 14.62 1.20
N ALA I 118 33.44 14.40 0.57
CA ALA I 118 33.39 14.35 -0.89
C ALA I 118 33.06 15.75 -1.33
N GLN I 119 33.65 16.17 -2.44
CA GLN I 119 33.55 17.56 -2.91
C GLN I 119 33.40 17.60 -4.43
N ARG I 120 32.70 18.62 -4.91
CA ARG I 120 32.77 19.03 -6.32
C ARG I 120 33.50 20.37 -6.37
N LEU I 121 34.59 20.42 -7.14
CA LEU I 121 35.41 21.63 -7.26
C LEU I 121 35.48 22.11 -8.72
N SER I 122 35.27 23.41 -8.92
CA SER I 122 35.57 24.06 -10.20
C SER I 122 36.88 24.82 -10.03
N PHE I 123 37.81 24.66 -10.96
CA PHE I 123 39.10 25.32 -10.81
C PHE I 123 39.64 25.76 -12.17
N MET I 124 40.65 26.62 -12.15
N MET I 124 40.64 26.63 -12.15
CA MET I 124 41.17 27.21 -13.37
CA MET I 124 41.18 27.20 -13.37
C MET I 124 41.97 26.23 -14.21
C MET I 124 41.92 26.16 -14.18
N CYS I 125 41.48 25.94 -15.42
CA CYS I 125 42.19 25.08 -16.34
C CYS I 125 41.85 25.31 -17.79
N ASP I 126 42.89 25.54 -18.59
CA ASP I 126 42.74 25.60 -20.03
C ASP I 126 42.77 24.16 -20.55
N PRO I 127 41.63 23.68 -21.05
CA PRO I 127 41.54 22.27 -21.43
C PRO I 127 42.00 22.04 -22.87
N THR I 128 42.43 23.11 -23.56
CA THR I 128 42.81 22.98 -24.96
C THR I 128 43.67 21.75 -25.14
N GLY I 129 43.24 20.85 -26.02
CA GLY I 129 44.01 19.65 -26.32
C GLY I 129 43.42 18.40 -25.70
N VAL I 130 42.37 18.56 -24.90
CA VAL I 130 41.70 17.42 -24.26
C VAL I 130 41.19 16.43 -25.29
N ASP I 131 40.81 16.92 -26.47
CA ASP I 131 40.29 16.06 -27.53
C ASP I 131 41.41 15.54 -28.43
N SER I 132 42.62 15.45 -27.89
CA SER I 132 43.71 14.87 -28.64
C SER I 132 44.15 13.57 -28.00
N GLU I 133 45.00 12.82 -28.70
CA GLU I 133 45.57 11.60 -28.15
C GLU I 133 46.50 11.91 -26.98
N GLU I 134 47.20 13.04 -27.07
CA GLU I 134 48.12 13.50 -26.03
C GLU I 134 47.39 14.06 -24.80
N GLY I 135 46.15 14.51 -24.99
CA GLY I 135 45.37 15.04 -23.88
C GLY I 135 45.87 16.36 -23.36
N VAL I 136 45.55 16.65 -22.10
CA VAL I 136 45.86 17.93 -21.48
C VAL I 136 46.14 17.75 -20.00
N THR I 137 46.92 18.66 -19.43
CA THR I 137 47.25 18.60 -18.02
C THR I 137 46.65 19.79 -17.28
N CYS I 138 45.90 19.52 -16.22
CA CYS I 138 45.46 20.56 -15.30
C CYS I 138 46.14 20.35 -13.95
N ALA I 139 46.25 21.44 -13.17
CA ALA I 139 46.87 21.41 -11.84
C ALA I 139 46.16 22.37 -10.91
N VAL I 140 46.02 21.96 -9.65
CA VAL I 140 45.46 22.81 -8.61
C VAL I 140 46.17 22.49 -7.29
N LYS I 141 46.58 23.53 -6.56
CA LYS I 141 47.29 23.36 -5.30
C LYS I 141 46.32 23.39 -4.13
N PHE I 142 46.57 22.56 -3.13
CA PHE I 142 45.80 22.58 -1.89
C PHE I 142 46.71 22.91 -0.72
N GLY I 143 46.23 23.72 0.21
CA GLY I 143 47.00 24.03 1.41
C GLY I 143 46.20 24.83 2.41
N SER I 144 46.84 25.18 3.53
CA SER I 144 46.21 25.99 4.53
C SER I 144 46.03 27.40 3.97
N TRP I 145 44.88 28.03 4.25
CA TRP I 145 44.70 29.40 3.81
C TRP I 145 45.59 30.38 4.58
N VAL I 146 45.69 30.21 5.90
CA VAL I 146 46.39 31.20 6.72
C VAL I 146 47.59 30.69 7.53
N TYR I 147 47.78 29.38 7.63
CA TYR I 147 48.95 28.86 8.35
C TYR I 147 50.17 28.64 7.46
N SER I 148 51.35 29.05 7.94
CA SER I 148 52.60 28.78 7.25
C SER I 148 53.09 27.35 7.56
N GLY I 149 54.17 26.94 6.89
CA GLY I 149 54.74 25.62 7.12
C GLY I 149 55.24 25.45 8.55
N PHE I 150 55.42 26.55 9.25
CA PHE I 150 55.87 26.51 10.64
C PHE I 150 54.75 26.04 11.58
N GLU I 151 53.50 26.11 11.11
CA GLU I 151 52.36 25.80 11.95
C GLU I 151 51.62 24.57 11.45
N ILE I 152 51.44 24.47 10.13
CA ILE I 152 50.85 23.30 9.52
C ILE I 152 51.77 22.81 8.40
N ASP I 153 52.31 21.61 8.57
CA ASP I 153 53.05 20.95 7.52
C ASP I 153 52.08 19.99 6.86
N LEU I 154 52.22 19.79 5.56
CA LEU I 154 51.35 18.86 4.83
C LEU I 154 52.13 17.64 4.38
N LYS I 155 51.42 16.55 4.11
CA LYS I 155 52.07 15.31 3.68
C LYS I 155 51.06 14.42 2.95
N THR I 156 51.54 13.59 2.03
CA THR I 156 50.69 12.58 1.41
C THR I 156 51.22 11.20 1.76
N ASP I 157 50.35 10.18 1.70
CA ASP I 157 50.76 8.80 1.97
C ASP I 157 51.52 8.26 0.76
N THR I 158 51.07 8.69 -0.41
CA THR I 158 51.70 8.34 -1.66
C THR I 158 51.46 9.52 -2.58
N ASP I 159 52.29 9.65 -3.62
N ASP I 159 52.30 9.65 -3.61
CA ASP I 159 52.14 10.72 -4.59
CA ASP I 159 52.14 10.72 -4.59
C ASP I 159 51.19 10.31 -5.72
C ASP I 159 51.22 10.30 -5.73
N GLN I 160 50.68 9.09 -5.65
CA GLN I 160 49.74 8.62 -6.66
C GLN I 160 48.32 8.87 -6.19
N VAL I 161 47.58 9.67 -6.96
CA VAL I 161 46.16 9.87 -6.69
C VAL I 161 45.44 8.52 -6.70
N ASP I 162 44.52 8.33 -5.77
CA ASP I 162 43.71 7.10 -5.77
C ASP I 162 42.68 7.13 -6.90
N LEU I 163 42.86 6.26 -7.88
CA LEU I 163 41.98 6.18 -9.05
C LEU I 163 41.08 4.94 -9.02
N SER I 164 41.16 4.19 -7.92
CA SER I 164 40.43 2.94 -7.80
C SER I 164 38.92 3.14 -7.79
N SER I 165 38.46 4.37 -7.63
CA SER I 165 37.03 4.67 -7.68
C SER I 165 36.71 5.62 -8.83
N TYR I 166 37.58 5.72 -9.81
CA TYR I 166 37.28 6.63 -10.92
C TYR I 166 36.16 6.00 -11.76
N TYR I 167 35.15 6.78 -12.13
CA TYR I 167 33.98 6.25 -12.83
C TYR I 167 34.37 5.55 -14.15
N ALA I 168 33.98 4.29 -14.30
CA ALA I 168 34.41 3.46 -15.42
C ALA I 168 33.91 3.94 -16.79
N SER I 169 32.80 4.67 -16.80
CA SER I 169 32.27 5.18 -18.06
C SER I 169 32.37 6.68 -18.16
N SER I 170 33.40 7.25 -17.53
CA SER I 170 33.63 8.68 -17.62
C SER I 170 33.78 9.11 -19.08
N LYS I 171 33.47 10.37 -19.36
CA LYS I 171 33.75 10.95 -20.67
C LYS I 171 35.24 11.07 -20.87
N TYR I 172 35.98 11.10 -19.76
CA TYR I 172 37.42 11.32 -19.81
C TYR I 172 38.26 10.13 -19.35
N GLU I 173 39.38 9.93 -20.02
CA GLU I 173 40.36 8.94 -19.62
C GLU I 173 41.47 9.64 -18.84
N ILE I 174 41.82 9.09 -17.68
CA ILE I 174 42.90 9.64 -16.88
C ILE I 174 44.24 9.08 -17.33
N LEU I 175 45.14 9.93 -17.82
CA LEU I 175 46.44 9.46 -18.28
C LEU I 175 47.40 9.34 -17.10
N SER I 176 47.30 10.29 -16.19
CA SER I 176 48.09 10.25 -14.96
C SER I 176 47.48 11.21 -13.95
N ALA I 177 47.66 10.90 -12.67
CA ALA I 177 47.18 11.75 -11.59
C ALA I 177 48.09 11.61 -10.39
N THR I 178 48.72 12.72 -10.01
CA THR I 178 49.64 12.74 -8.89
C THR I 178 49.29 13.85 -7.88
N GLN I 179 49.70 13.64 -6.64
CA GLN I 179 49.47 14.58 -5.55
C GLN I 179 50.79 14.75 -4.82
N THR I 180 51.41 15.90 -4.98
CA THR I 180 52.80 16.10 -4.55
C THR I 180 53.00 17.29 -3.62
N ARG I 181 53.52 17.00 -2.42
CA ARG I 181 53.93 18.05 -1.48
C ARG I 181 54.98 18.97 -2.11
N GLN I 182 54.74 20.28 -2.03
CA GLN I 182 55.71 21.29 -2.45
C GLN I 182 55.96 22.32 -1.36
N VAL I 183 57.18 22.86 -1.33
CA VAL I 183 57.55 23.90 -0.37
C VAL I 183 57.90 25.19 -1.10
N GLN I 184 57.08 26.22 -0.91
CA GLN I 184 57.28 27.51 -1.58
C GLN I 184 57.76 28.57 -0.59
N HIS I 185 58.39 29.62 -1.12
CA HIS I 185 58.72 30.79 -0.34
C HIS I 185 58.24 32.04 -1.08
N TYR I 186 57.46 32.87 -0.42
CA TYR I 186 57.02 34.12 -1.01
C TYR I 186 57.98 35.25 -0.66
N SER I 187 58.54 35.87 -1.70
CA SER I 187 59.54 36.93 -1.54
C SER I 187 59.24 37.80 -0.32
N CYS I 188 57.96 38.05 -0.10
CA CYS I 188 57.49 38.74 1.09
C CYS I 188 58.26 38.33 2.35
N CYS I 189 58.03 37.09 2.80
CA CYS I 189 58.45 36.67 4.14
C CYS I 189 59.49 35.56 4.11
N PRO I 190 60.01 35.17 5.30
CA PRO I 190 61.02 34.12 5.41
C PRO I 190 60.47 32.70 5.53
N GLU I 191 59.33 32.55 6.22
CA GLU I 191 58.78 31.22 6.52
C GLU I 191 58.34 30.45 5.27
N PRO I 192 58.44 29.12 5.34
CA PRO I 192 58.04 28.22 4.24
C PRO I 192 56.53 28.06 4.14
N TYR I 193 56.01 28.05 2.91
CA TYR I 193 54.61 27.74 2.68
C TYR I 193 54.49 26.43 1.92
N ILE I 194 53.60 25.57 2.40
N ILE I 194 53.64 25.54 2.42
CA ILE I 194 53.49 24.20 1.91
CA ILE I 194 53.55 24.20 1.84
C ILE I 194 52.18 24.00 1.16
C ILE I 194 52.20 23.94 1.20
N ASP I 195 52.23 23.21 0.09
CA ASP I 195 51.00 22.84 -0.59
C ASP I 195 51.11 21.44 -1.15
N VAL I 196 49.97 20.85 -1.47
CA VAL I 196 49.92 19.59 -2.19
C VAL I 196 49.38 19.87 -3.59
N ASN I 197 50.21 19.64 -4.59
CA ASN I 197 49.86 19.93 -5.97
C ASN I 197 49.14 18.74 -6.60
N LEU I 198 47.86 18.93 -6.92
CA LEU I 198 47.09 17.89 -7.60
C LEU I 198 47.21 18.09 -9.12
N VAL I 199 47.90 17.16 -9.79
CA VAL I 199 48.16 17.32 -11.22
C VAL I 199 47.53 16.17 -11.98
N VAL I 200 46.61 16.49 -12.88
CA VAL I 200 45.86 15.46 -13.59
C VAL I 200 45.97 15.66 -15.09
N LYS I 201 46.47 14.64 -15.81
N LYS I 201 46.46 14.62 -15.77
CA LYS I 201 46.50 14.71 -17.27
CA LYS I 201 46.52 14.58 -17.24
C LYS I 201 45.50 13.73 -17.86
C LYS I 201 45.37 13.73 -17.76
N PHE I 202 44.64 14.24 -18.75
CA PHE I 202 43.48 13.49 -19.23
C PHE I 202 43.10 13.83 -20.65
N ARG I 203 42.31 12.96 -21.28
CA ARG I 203 41.83 13.20 -22.62
C ARG I 203 40.43 12.62 -22.77
N GLU I 204 39.71 13.10 -23.78
CA GLU I 204 38.38 12.56 -24.04
C GLU I 204 38.55 11.08 -24.35
N ARG I 205 37.60 10.26 -23.90
CA ARG I 205 37.65 8.82 -24.14
C ARG I 205 37.62 8.50 -25.64
N GLN J 1 49.18 25.44 23.41
CA GLN J 1 47.73 25.55 23.37
C GLN J 1 47.24 26.41 24.53
N ALA J 2 47.77 26.18 25.72
CA ALA J 2 47.26 26.82 26.93
C ALA J 2 47.34 28.36 26.87
N ASN J 3 48.50 28.90 26.51
CA ASN J 3 48.67 30.35 26.43
C ASN J 3 47.76 30.99 25.38
N LEU J 4 47.61 30.32 24.24
CA LEU J 4 46.78 30.89 23.18
C LEU J 4 45.31 30.89 23.60
N MET J 5 44.89 29.82 24.28
CA MET J 5 43.51 29.73 24.77
C MET J 5 43.20 30.88 25.71
N ARG J 6 44.17 31.19 26.57
CA ARG J 6 44.00 32.26 27.57
C ARG J 6 43.93 33.64 26.92
N LEU J 7 44.83 33.90 25.96
CA LEU J 7 44.82 35.15 25.21
C LEU J 7 43.49 35.41 24.51
N LYS J 8 43.01 34.41 23.78
CA LYS J 8 41.75 34.52 23.07
C LYS J 8 40.62 34.83 24.04
N SER J 9 40.60 34.10 25.15
CA SER J 9 39.60 34.35 26.18
C SER J 9 39.69 35.78 26.70
N ASP J 10 40.90 36.29 26.93
CA ASP J 10 41.07 37.65 27.39
C ASP J 10 40.59 38.67 26.34
N LEU J 11 40.98 38.45 25.09
CA LEU J 11 40.62 39.36 24.01
C LEU J 11 39.13 39.39 23.70
N PHE J 12 38.49 38.22 23.68
CA PHE J 12 37.13 38.11 23.17
C PHE J 12 36.04 37.92 24.23
N ASN J 13 36.37 37.23 25.32
CA ASN J 13 35.37 36.87 26.31
C ASN J 13 35.26 37.83 27.49
N ARG J 14 36.17 38.81 27.58
CA ARG J 14 36.17 39.72 28.74
C ARG J 14 35.36 41.01 28.50
N SER J 15 35.51 41.59 27.31
CA SER J 15 34.80 42.82 26.99
C SER J 15 33.97 42.62 25.73
N PRO J 16 32.88 43.41 25.59
CA PRO J 16 32.03 43.33 24.38
C PRO J 16 32.86 43.61 23.13
N MET J 17 32.38 43.16 21.98
CA MET J 17 33.09 43.35 20.72
C MET J 17 33.19 44.83 20.31
N TYR J 18 34.30 45.18 19.64
CA TYR J 18 34.45 46.48 19.02
C TYR J 18 33.16 46.80 18.27
N PRO J 19 32.53 47.93 18.61
CA PRO J 19 31.24 48.27 18.00
C PRO J 19 31.40 48.98 16.64
N GLY J 20 32.62 49.03 16.12
CA GLY J 20 32.86 49.75 14.87
C GLY J 20 33.33 51.16 15.16
N PRO J 21 33.92 51.83 14.16
CA PRO J 21 34.45 53.19 14.36
C PRO J 21 33.36 54.26 14.35
N THR J 22 33.69 55.45 14.86
CA THR J 22 32.83 56.62 14.76
C THR J 22 33.69 57.83 14.40
N LYS J 23 33.05 59.00 14.25
CA LYS J 23 33.77 60.23 13.98
C LYS J 23 34.83 60.50 15.03
N ASP J 24 34.51 60.21 16.28
CA ASP J 24 35.42 60.42 17.40
C ASP J 24 36.67 59.57 17.26
N ASP J 25 36.49 58.32 16.85
CA ASP J 25 37.61 57.40 16.68
C ASP J 25 37.55 56.73 15.31
N PRO J 26 37.94 57.48 14.26
CA PRO J 26 37.93 56.93 12.91
C PRO J 26 38.90 55.75 12.79
N LEU J 27 38.72 54.97 11.73
CA LEU J 27 39.57 53.81 11.47
C LEU J 27 40.05 53.82 10.03
N THR J 28 41.32 53.53 9.82
CA THR J 28 41.85 53.38 8.47
C THR J 28 41.91 51.92 8.03
N VAL J 29 41.28 51.62 6.90
CA VAL J 29 41.37 50.29 6.30
C VAL J 29 42.20 50.32 5.02
N THR J 30 43.22 49.47 4.96
CA THR J 30 44.07 49.37 3.77
C THR J 30 43.57 48.23 2.88
N LEU J 31 43.39 48.53 1.59
CA LEU J 31 42.85 47.54 0.66
C LEU J 31 43.86 47.26 -0.44
N GLY J 32 44.00 46.00 -0.80
CA GLY J 32 44.84 45.62 -1.93
C GLY J 32 44.22 44.45 -2.67
N PHE J 33 44.31 44.47 -4.00
CA PHE J 33 43.77 43.37 -4.79
C PHE J 33 44.87 42.53 -5.44
N THR J 34 44.61 41.23 -5.53
CA THR J 34 45.45 40.28 -6.24
C THR J 34 44.55 39.61 -7.28
N LEU J 35 44.66 40.03 -8.53
CA LEU J 35 43.79 39.52 -9.58
C LEU J 35 44.25 38.15 -10.07
N GLN J 36 43.38 37.16 -9.93
CA GLN J 36 43.78 35.80 -10.24
C GLN J 36 43.28 35.33 -11.60
N ASP J 37 42.07 35.73 -11.97
CA ASP J 37 41.59 35.39 -13.29
C ASP J 37 40.33 36.15 -13.65
N ILE J 38 40.20 36.53 -14.91
CA ILE J 38 38.93 36.95 -15.48
C ILE J 38 38.27 35.70 -16.06
N VAL J 39 37.24 35.21 -15.37
CA VAL J 39 36.69 33.90 -15.67
C VAL J 39 35.63 33.92 -16.76
N LYS J 40 34.74 34.91 -16.72
CA LYS J 40 33.67 34.95 -17.70
C LYS J 40 33.39 36.36 -18.20
N VAL J 41 33.01 36.46 -19.46
CA VAL J 41 32.55 37.71 -20.05
C VAL J 41 31.20 37.43 -20.70
N ASP J 42 30.24 38.33 -20.48
CA ASP J 42 28.91 38.15 -21.06
C ASP J 42 28.46 39.40 -21.80
N SER J 43 28.47 39.34 -23.12
CA SER J 43 28.15 40.50 -23.94
C SER J 43 26.64 40.66 -24.11
N SER J 44 25.87 39.64 -23.74
CA SER J 44 24.43 39.76 -23.83
C SER J 44 23.86 40.56 -22.64
N THR J 45 24.57 40.54 -21.51
CA THR J 45 24.08 41.22 -20.31
C THR J 45 25.05 42.27 -19.78
N ASN J 46 26.22 42.38 -20.39
CA ASN J 46 27.26 43.29 -19.88
C ASN J 46 27.65 42.99 -18.43
N GLU J 47 28.06 41.75 -18.19
N GLU J 47 28.12 41.78 -18.20
CA GLU J 47 28.56 41.31 -16.89
CA GLU J 47 28.53 41.29 -16.89
C GLU J 47 29.89 40.63 -17.09
C GLU J 47 29.87 40.57 -17.03
N VAL J 48 30.85 40.96 -16.23
CA VAL J 48 32.14 40.29 -16.25
C VAL J 48 32.40 39.67 -14.86
N ASP J 49 33.06 38.52 -14.85
CA ASP J 49 33.28 37.74 -13.63
C ASP J 49 34.77 37.67 -13.33
N LEU J 50 35.16 38.12 -12.13
CA LEU J 50 36.56 38.12 -11.71
C LEU J 50 36.76 37.20 -10.50
N VAL J 51 37.92 36.56 -10.43
CA VAL J 51 38.33 35.87 -9.23
C VAL J 51 39.56 36.58 -8.70
N TYR J 52 39.53 36.98 -7.44
CA TYR J 52 40.64 37.73 -6.86
C TYR J 52 40.75 37.49 -5.36
N TYR J 53 41.89 37.89 -4.79
CA TYR J 53 42.07 37.92 -3.34
C TYR J 53 42.02 39.39 -2.94
N GLU J 54 41.15 39.74 -2.00
CA GLU J 54 41.06 41.10 -1.51
C GLU J 54 41.76 41.21 -0.15
N GLN J 55 42.94 41.81 -0.15
CA GLN J 55 43.69 41.95 1.08
C GLN J 55 43.18 43.15 1.88
N GLN J 56 42.82 42.91 3.15
CA GLN J 56 42.32 43.97 4.04
C GLN J 56 43.14 44.04 5.33
N ARG J 57 43.52 45.26 5.72
CA ARG J 57 44.31 45.43 6.94
C ARG J 57 43.80 46.63 7.73
N TRP J 58 43.70 46.45 9.03
CA TRP J 58 43.35 47.55 9.93
C TRP J 58 43.94 47.21 11.28
N LYS J 59 43.76 48.10 12.25
CA LYS J 59 44.37 47.92 13.56
C LYS J 59 43.45 48.47 14.64
N LEU J 60 43.27 47.69 15.71
CA LEU J 60 42.41 48.09 16.82
C LEU J 60 43.18 48.06 18.14
N ASN J 61 43.11 49.15 18.91
CA ASN J 61 43.71 49.16 20.24
C ASN J 61 43.23 48.00 21.10
N SER J 62 41.98 47.61 20.94
CA SER J 62 41.39 46.57 21.76
C SER J 62 41.86 45.16 21.40
N LEU J 63 42.71 45.05 20.37
CA LEU J 63 43.22 43.74 19.99
C LEU J 63 44.70 43.61 20.32
N MET J 64 45.20 44.58 21.09
CA MET J 64 46.61 44.60 21.47
C MET J 64 46.87 43.74 22.71
N TRP J 65 48.08 43.21 22.82
CA TRP J 65 48.49 42.51 24.02
C TRP J 65 50.01 42.47 24.09
N ASP J 66 50.54 42.12 25.26
CA ASP J 66 51.99 42.07 25.47
C ASP J 66 52.44 40.62 25.42
N PRO J 67 53.25 40.27 24.41
CA PRO J 67 53.61 38.86 24.23
C PRO J 67 54.26 38.24 25.48
N ASN J 68 54.69 39.08 26.43
CA ASN J 68 55.33 38.60 27.65
C ASN J 68 54.34 38.00 28.63
N GLU J 69 53.08 38.40 28.50
CA GLU J 69 52.02 37.92 29.37
C GLU J 69 51.31 36.71 28.76
N TYR J 70 51.78 36.27 27.59
CA TYR J 70 51.14 35.16 26.91
C TYR J 70 52.17 34.28 26.20
N GLY J 71 53.16 33.80 26.94
CA GLY J 71 54.13 32.86 26.41
C GLY J 71 54.76 33.25 25.08
N ASN J 72 55.08 34.52 24.92
CA ASN J 72 55.80 35.00 23.75
C ASN J 72 54.97 34.95 22.46
N ILE J 73 53.67 34.72 22.58
N ILE J 73 53.67 34.71 22.57
CA ILE J 73 52.79 34.74 21.41
CA ILE J 73 52.80 34.73 21.40
C ILE J 73 52.77 36.14 20.79
C ILE J 73 52.77 36.14 20.79
N THR J 74 53.18 36.24 19.53
CA THR J 74 53.20 37.53 18.84
C THR J 74 52.03 37.70 17.85
N ASP J 75 51.39 36.60 17.49
CA ASP J 75 50.20 36.67 16.64
C ASP J 75 49.46 35.33 16.63
N PHE J 76 48.21 35.35 16.18
CA PHE J 76 47.44 34.12 16.07
C PHE J 76 46.45 34.18 14.91
N ARG J 77 45.94 33.00 14.53
CA ARG J 77 44.88 32.89 13.53
C ARG J 77 43.56 32.65 14.24
N THR J 78 42.51 33.33 13.82
CA THR J 78 41.18 33.07 14.42
C THR J 78 40.06 33.32 13.42
N SER J 79 38.92 32.69 13.67
CA SER J 79 37.78 32.84 12.80
C SER J 79 37.41 34.32 12.67
N ALA J 80 37.12 34.75 11.45
CA ALA J 80 36.73 36.14 11.20
C ALA J 80 35.45 36.50 11.95
N ALA J 81 34.67 35.52 12.36
CA ALA J 81 33.45 35.80 13.11
C ALA J 81 33.76 36.24 14.54
N ASP J 82 34.97 35.94 15.01
CA ASP J 82 35.39 36.34 16.36
C ASP J 82 35.71 37.83 16.48
N ILE J 83 35.95 38.48 15.36
CA ILE J 83 36.33 39.90 15.38
C ILE J 83 35.42 40.76 14.50
N TRP J 84 35.44 42.06 14.75
CA TRP J 84 34.80 43.01 13.85
C TRP J 84 35.52 43.04 12.51
N THR J 85 34.75 43.11 11.42
CA THR J 85 35.37 43.28 10.10
C THR J 85 34.68 44.42 9.33
N PRO J 86 35.46 45.09 8.49
CA PRO J 86 34.91 46.23 7.72
C PRO J 86 33.95 45.77 6.63
N ASP J 87 32.88 46.53 6.41
CA ASP J 87 31.84 46.15 5.46
C ASP J 87 32.20 46.52 4.02
N ILE J 88 33.42 46.19 3.58
CA ILE J 88 33.87 46.55 2.25
C ILE J 88 33.07 45.82 1.18
N THR J 89 32.55 46.56 0.21
CA THR J 89 31.61 46.02 -0.77
C THR J 89 31.85 46.61 -2.15
N ALA J 90 31.69 45.79 -3.20
CA ALA J 90 31.68 46.32 -4.56
C ALA J 90 30.37 47.07 -4.77
N TYR J 91 30.44 48.21 -5.46
CA TYR J 91 29.30 49.10 -5.57
C TYR J 91 28.43 48.79 -6.78
N SER J 92 28.95 47.97 -7.69
CA SER J 92 28.21 47.65 -8.90
C SER J 92 28.29 46.17 -9.25
N SER J 93 28.20 45.33 -8.24
CA SER J 93 28.06 43.90 -8.46
C SER J 93 26.67 43.66 -9.03
N THR J 94 26.51 42.54 -9.73
CA THR J 94 25.22 42.13 -10.28
C THR J 94 24.72 40.83 -9.68
N ARG J 95 25.54 40.21 -8.84
CA ARG J 95 25.18 39.00 -8.10
C ARG J 95 25.87 39.01 -6.75
N PRO J 96 25.32 38.29 -5.77
CA PRO J 96 26.04 38.26 -4.49
C PRO J 96 27.45 37.74 -4.70
N VAL J 97 28.44 38.40 -4.12
CA VAL J 97 29.82 37.94 -4.18
C VAL J 97 29.94 36.52 -3.63
N GLN J 98 30.80 35.70 -4.19
CA GLN J 98 30.95 34.32 -3.70
C GLN J 98 32.30 34.15 -3.02
N VAL J 99 32.29 33.62 -1.81
CA VAL J 99 33.52 33.49 -1.04
C VAL J 99 34.18 32.16 -1.35
N LEU J 100 35.46 32.20 -1.70
CA LEU J 100 36.18 31.02 -2.17
C LEU J 100 37.12 30.44 -1.13
N SER J 101 37.32 31.17 -0.03
CA SER J 101 38.33 30.78 0.94
C SER J 101 37.74 30.80 2.35
N PRO J 102 38.40 30.10 3.28
CA PRO J 102 37.96 30.08 4.68
C PRO J 102 37.95 31.50 5.23
N GLN J 103 36.96 31.83 6.05
N GLN J 103 36.97 31.80 6.08
CA GLN J 103 36.88 33.16 6.64
CA GLN J 103 36.86 33.12 6.67
C GLN J 103 37.69 33.22 7.93
C GLN J 103 37.68 33.21 7.95
N ILE J 104 38.99 33.37 7.79
CA ILE J 104 39.92 33.35 8.92
C ILE J 104 40.91 34.51 8.81
N ALA J 105 41.21 35.13 9.95
CA ALA J 105 42.05 36.33 9.97
C ALA J 105 43.31 36.12 10.80
N VAL J 106 44.33 36.94 10.53
CA VAL J 106 45.53 36.96 11.36
C VAL J 106 45.54 38.21 12.24
N VAL J 107 45.66 38.01 13.54
CA VAL J 107 45.72 39.11 14.50
C VAL J 107 47.13 39.15 15.08
N THR J 108 47.72 40.35 15.14
CA THR J 108 49.08 40.51 15.66
C THR J 108 49.05 41.33 16.94
N HIS J 109 50.04 41.13 17.82
CA HIS J 109 50.01 41.72 19.16
C HIS J 109 49.95 43.26 19.20
N ASP J 110 50.28 43.92 18.08
CA ASP J 110 50.13 45.37 18.03
C ASP J 110 48.70 45.77 17.69
N GLY J 111 47.82 44.79 17.60
CA GLY J 111 46.41 45.04 17.32
C GLY J 111 46.10 45.02 15.84
N SER J 112 47.12 44.76 15.03
CA SER J 112 46.94 44.65 13.58
C SER J 112 46.15 43.42 13.19
N VAL J 113 45.30 43.57 12.18
CA VAL J 113 44.54 42.47 11.63
C VAL J 113 44.78 42.38 10.14
N MET J 114 44.97 41.17 9.63
N MET J 114 44.95 41.16 9.65
CA MET J 114 45.05 40.99 8.19
CA MET J 114 45.09 40.91 8.21
C MET J 114 44.11 39.87 7.76
C MET J 114 44.07 39.86 7.79
N PHE J 115 43.20 40.22 6.85
CA PHE J 115 42.13 39.33 6.41
C PHE J 115 42.19 39.31 4.88
N ILE J 116 42.31 38.13 4.29
CA ILE J 116 42.41 38.03 2.84
C ILE J 116 41.38 37.06 2.26
N PRO J 117 40.14 37.55 2.09
CA PRO J 117 39.11 36.71 1.47
C PRO J 117 39.31 36.57 -0.04
N ALA J 118 39.27 35.34 -0.54
CA ALA J 118 39.25 35.10 -1.98
C ALA J 118 37.80 35.11 -2.44
N GLN J 119 37.53 35.69 -3.60
CA GLN J 119 36.16 35.98 -4.02
C GLN J 119 35.97 35.87 -5.53
N ARG J 120 34.78 35.47 -5.96
CA ARG J 120 34.38 35.60 -7.35
C ARG J 120 33.27 36.64 -7.38
N LEU J 121 33.41 37.62 -8.25
CA LEU J 121 32.51 38.76 -8.34
C LEU J 121 31.99 38.90 -9.77
N SER J 122 30.67 39.02 -9.92
CA SER J 122 30.08 39.46 -11.18
C SER J 122 29.79 40.96 -11.06
N PHE J 123 30.18 41.75 -12.06
CA PHE J 123 29.92 43.18 -12.00
C PHE J 123 29.59 43.79 -13.38
N MET J 124 29.04 45.01 -13.37
CA MET J 124 28.60 45.65 -14.60
C MET J 124 29.78 46.00 -15.51
N CYS J 125 29.78 45.46 -16.71
CA CYS J 125 30.83 45.78 -17.67
C CYS J 125 30.46 45.43 -19.09
N ASP J 126 30.52 46.41 -19.96
CA ASP J 126 30.34 46.22 -21.40
C ASP J 126 31.68 45.80 -21.96
N PRO J 127 31.78 44.54 -22.38
CA PRO J 127 33.06 43.96 -22.84
C PRO J 127 33.31 44.23 -24.32
N THR J 128 32.52 45.10 -24.93
CA THR J 128 32.66 45.36 -26.36
C THR J 128 34.07 45.83 -26.69
N GLY J 129 34.73 45.10 -27.58
CA GLY J 129 36.11 45.38 -27.96
C GLY J 129 37.12 44.41 -27.37
N VAL J 130 36.65 43.56 -26.46
CA VAL J 130 37.53 42.64 -25.76
C VAL J 130 38.27 41.69 -26.74
N ASP J 131 37.66 41.46 -27.89
CA ASP J 131 38.22 40.57 -28.91
C ASP J 131 39.12 41.33 -29.88
N SER J 132 39.66 42.45 -29.45
CA SER J 132 40.51 43.28 -30.30
C SER J 132 41.87 43.51 -29.65
N GLU J 133 42.77 44.08 -30.44
CA GLU J 133 44.12 44.44 -29.98
C GLU J 133 44.07 45.49 -28.88
N GLU J 134 43.17 46.44 -29.02
CA GLU J 134 43.04 47.54 -28.06
C GLU J 134 42.46 47.05 -26.73
N GLY J 135 41.68 45.97 -26.78
CA GLY J 135 41.05 45.43 -25.59
C GLY J 135 39.94 46.33 -25.09
N VAL J 136 39.53 46.12 -23.85
CA VAL J 136 38.43 46.86 -23.26
C VAL J 136 38.76 47.21 -21.80
N THR J 137 38.15 48.26 -21.28
CA THR J 137 38.39 48.67 -19.91
C THR J 137 37.12 48.55 -19.09
N CYS J 138 37.23 47.92 -17.93
CA CYS J 138 36.12 47.81 -17.00
C CYS J 138 36.56 48.39 -15.68
N ALA J 139 35.60 48.78 -14.86
CA ALA J 139 35.89 49.35 -13.56
C ALA J 139 34.81 49.02 -12.55
N VAL J 140 35.22 48.88 -11.29
CA VAL J 140 34.29 48.62 -10.21
C VAL J 140 34.89 49.25 -8.98
N LYS J 141 34.07 49.97 -8.23
CA LYS J 141 34.52 50.65 -7.03
C LYS J 141 34.19 49.81 -5.79
N PHE J 142 35.08 49.82 -4.82
CA PHE J 142 34.91 49.11 -3.55
C PHE J 142 34.97 50.14 -2.42
N GLY J 143 34.12 49.98 -1.40
CA GLY J 143 34.23 50.82 -0.21
C GLY J 143 33.24 50.41 0.85
N SER J 144 33.31 51.04 2.02
CA SER J 144 32.33 50.75 3.05
C SER J 144 30.92 50.96 2.50
N TRP J 145 29.98 50.12 2.91
CA TRP J 145 28.61 50.34 2.50
C TRP J 145 27.94 51.45 3.31
N VAL J 146 28.22 51.50 4.62
CA VAL J 146 27.49 52.42 5.49
C VAL J 146 28.38 53.39 6.28
N TYR J 147 29.69 53.22 6.22
CA TYR J 147 30.57 54.18 6.89
C TYR J 147 31.12 55.21 5.91
N SER J 148 31.00 56.48 6.26
CA SER J 148 31.52 57.55 5.42
C SER J 148 33.01 57.75 5.69
N GLY J 149 33.62 58.67 4.95
CA GLY J 149 35.03 58.97 5.15
C GLY J 149 35.29 59.47 6.55
N PHE J 150 34.23 59.89 7.24
CA PHE J 150 34.36 60.39 8.61
C PHE J 150 34.62 59.26 9.60
N GLU J 151 34.22 58.03 9.25
CA GLU J 151 34.39 56.89 10.15
C GLU J 151 35.42 55.86 9.65
N ILE J 152 35.37 55.54 8.37
CA ILE J 152 36.34 54.63 7.80
C ILE J 152 37.13 55.33 6.71
N ASP J 153 38.44 55.46 6.94
CA ASP J 153 39.33 56.02 5.92
C ASP J 153 39.94 54.89 5.13
N LEU J 154 39.53 54.78 3.88
CA LEU J 154 39.91 53.67 3.04
C LEU J 154 41.15 54.08 2.26
N LYS J 155 42.18 53.25 2.27
CA LYS J 155 43.40 53.57 1.53
C LYS J 155 44.03 52.36 0.86
N THR J 156 44.99 52.60 -0.03
CA THR J 156 45.76 51.56 -0.68
C THR J 156 47.24 51.81 -0.45
N ASP J 157 48.03 50.75 -0.36
CA ASP J 157 49.48 50.88 -0.25
C ASP J 157 50.05 51.30 -1.60
N THR J 158 49.48 50.74 -2.66
CA THR J 158 49.92 51.02 -4.02
C THR J 158 48.72 51.17 -4.94
N ASP J 159 48.90 51.86 -6.07
CA ASP J 159 47.86 51.98 -7.08
C ASP J 159 47.96 50.86 -8.13
N GLN J 160 48.92 49.95 -7.95
CA GLN J 160 49.13 48.88 -8.91
C GLN J 160 48.54 47.57 -8.42
N VAL J 161 47.55 47.04 -9.15
CA VAL J 161 46.97 45.75 -8.80
C VAL J 161 48.04 44.68 -8.89
N ASP J 162 48.05 43.75 -7.94
CA ASP J 162 49.00 42.64 -7.97
C ASP J 162 48.62 41.60 -9.03
N LEU J 163 49.39 41.52 -10.11
CA LEU J 163 49.12 40.57 -11.18
C LEU J 163 50.02 39.33 -11.12
N SER J 164 50.86 39.25 -10.11
CA SER J 164 51.87 38.20 -10.04
C SER J 164 51.28 36.80 -9.88
N SER J 165 49.99 36.72 -9.56
CA SER J 165 49.33 35.42 -9.44
C SER J 165 48.26 35.21 -10.49
N TYR J 166 48.25 36.05 -11.52
CA TYR J 166 47.26 35.93 -12.57
C TYR J 166 47.46 34.61 -13.32
N TYR J 167 46.37 33.88 -13.52
CA TYR J 167 46.43 32.57 -14.16
C TYR J 167 47.06 32.71 -15.54
N ALA J 168 48.17 32.03 -15.76
CA ALA J 168 48.92 32.19 -17.00
C ALA J 168 48.14 31.75 -18.23
N SER J 169 47.25 30.77 -18.08
CA SER J 169 46.48 30.31 -19.24
C SER J 169 45.04 30.86 -19.26
N SER J 170 44.87 32.09 -18.84
CA SER J 170 43.56 32.71 -18.86
C SER J 170 43.11 32.92 -20.31
N LYS J 171 41.81 32.95 -20.52
CA LYS J 171 41.27 33.33 -21.82
C LYS J 171 41.61 34.79 -22.11
N TYR J 172 41.84 35.57 -21.07
CA TYR J 172 42.09 37.00 -21.23
C TYR J 172 43.45 37.43 -20.70
N GLU J 173 44.07 38.35 -21.43
CA GLU J 173 45.34 38.94 -21.05
C GLU J 173 45.06 40.29 -20.38
N ILE J 174 45.73 40.54 -19.25
CA ILE J 174 45.58 41.82 -18.56
C ILE J 174 46.55 42.83 -19.13
N LEU J 175 46.02 43.90 -19.73
CA LEU J 175 46.87 44.94 -20.29
C LEU J 175 47.27 45.94 -19.21
N SER J 176 46.37 46.17 -18.26
N SER J 176 46.38 46.14 -18.25
CA SER J 176 46.68 47.02 -17.11
CA SER J 176 46.63 47.07 -17.13
C SER J 176 45.66 46.78 -16.01
C SER J 176 45.64 46.81 -16.01
N ALA J 177 46.07 47.03 -14.77
CA ALA J 177 45.19 46.89 -13.62
C ALA J 177 45.66 47.77 -12.46
N THR J 178 44.81 48.73 -12.09
CA THR J 178 45.14 49.72 -11.06
C THR J 178 44.06 49.76 -9.99
N GLN J 179 44.43 50.19 -8.78
CA GLN J 179 43.51 50.31 -7.66
C GLN J 179 43.75 51.68 -7.01
N THR J 180 42.82 52.61 -7.21
CA THR J 180 43.08 53.99 -6.85
C THR J 180 42.07 54.54 -5.86
N ARG J 181 42.58 55.06 -4.74
CA ARG J 181 41.73 55.72 -3.76
C ARG J 181 41.05 56.94 -4.41
N GLN J 182 39.78 57.14 -4.07
CA GLN J 182 39.04 58.31 -4.53
C GLN J 182 38.20 58.86 -3.40
N VAL J 183 38.20 60.18 -3.24
CA VAL J 183 37.38 60.85 -2.25
C VAL J 183 36.25 61.62 -2.94
N GLN J 184 35.01 61.31 -2.58
CA GLN J 184 33.85 61.87 -3.27
C GLN J 184 33.05 62.76 -2.32
N HIS J 185 32.58 63.89 -2.82
CA HIS J 185 31.66 64.73 -2.05
C HIS J 185 30.34 64.81 -2.81
N TYR J 186 29.39 63.96 -2.43
CA TYR J 186 28.13 63.88 -3.15
C TYR J 186 27.13 64.95 -2.73
N SER J 187 26.52 65.58 -3.73
CA SER J 187 25.68 66.76 -3.57
C SER J 187 24.64 66.66 -2.46
N CYS J 188 24.22 65.44 -2.15
CA CYS J 188 23.20 65.21 -1.14
C CYS J 188 23.65 65.58 0.27
N CYS J 189 24.80 65.04 0.67
CA CYS J 189 25.20 65.00 2.07
C CYS J 189 26.58 65.62 2.32
N PRO J 190 26.80 66.12 3.55
CA PRO J 190 28.03 66.83 3.91
C PRO J 190 29.24 65.92 4.09
N GLU J 191 29.02 64.67 4.49
CA GLU J 191 30.13 63.74 4.71
C GLU J 191 30.76 63.40 3.37
N PRO J 192 32.09 63.18 3.38
CA PRO J 192 32.81 62.70 2.20
C PRO J 192 32.73 61.18 2.10
N TYR J 193 32.82 60.65 0.89
CA TYR J 193 32.84 59.20 0.70
C TYR J 193 34.12 58.77 0.03
N ILE J 194 34.63 57.61 0.43
CA ILE J 194 35.92 57.14 -0.05
C ILE J 194 35.75 55.74 -0.64
N ASP J 195 36.37 55.51 -1.78
CA ASP J 195 36.34 54.18 -2.40
C ASP J 195 37.68 53.87 -3.03
N VAL J 196 37.85 52.62 -3.45
CA VAL J 196 39.00 52.26 -4.25
C VAL J 196 38.52 51.80 -5.60
N ASN J 197 38.91 52.54 -6.64
CA ASN J 197 38.48 52.23 -8.01
C ASN J 197 39.38 51.16 -8.64
N LEU J 198 38.82 49.97 -8.84
CA LEU J 198 39.53 48.89 -9.52
C LEU J 198 39.27 49.01 -11.02
N VAL J 199 40.32 49.34 -11.76
CA VAL J 199 40.20 49.57 -13.20
C VAL J 199 41.03 48.52 -13.95
N VAL J 200 40.36 47.73 -14.76
CA VAL J 200 41.04 46.66 -15.48
C VAL J 200 40.85 46.80 -16.98
N LYS J 201 41.95 46.92 -17.71
N LYS J 201 41.97 46.85 -17.69
CA LYS J 201 41.91 46.83 -19.16
CA LYS J 201 42.01 46.85 -19.15
C LYS J 201 42.45 45.47 -19.58
C LYS J 201 42.51 45.48 -19.61
N PHE J 202 41.77 44.83 -20.51
CA PHE J 202 42.12 43.46 -20.92
C PHE J 202 41.54 43.15 -22.29
N ARG J 203 42.01 42.04 -22.88
CA ARG J 203 41.56 41.56 -24.17
C ARG J 203 41.70 40.05 -24.20
N GLU J 204 41.06 39.41 -25.19
CA GLU J 204 41.15 37.96 -25.33
C GLU J 204 42.58 37.49 -25.62
N ARG J 205 42.87 36.23 -25.28
CA ARG J 205 44.12 35.57 -25.67
C ARG J 205 45.28 35.93 -24.73
N1 TC9 K . -6.80 -6.36 -3.41
C2 TC9 K . -7.18 -7.65 -3.90
C3 TC9 K . -6.07 -8.66 -3.75
C4 TC9 K . -5.14 -8.40 -2.61
C5 TC9 K . -5.33 -7.30 -1.72
C6 TC9 K . -6.49 -6.42 -1.93
C7 TC9 K . -4.05 -9.29 -2.36
C8 TC9 K . -3.18 -9.06 -1.28
C9 TC9 K . -3.38 -7.94 -0.41
C10 TC9 K . -4.47 -7.05 -0.61
O11 TC9 K . -2.51 -7.80 0.70
C12 TC9 K . -2.52 -6.56 1.38
C13 TC9 K . -1.41 -5.74 1.13
C14 TC9 K . -1.26 -4.56 1.83
C15 TC9 K . -2.22 -4.20 2.80
C16 TC9 K . -3.32 -5.02 3.07
C17 TC9 K . -3.47 -6.21 2.36
C18 TC9 K . -4.37 -4.53 4.12
C19 TC9 K . -4.45 -5.28 5.50
N20 TC9 K . -3.57 -4.83 6.57
C21 TC9 K . -4.05 -3.95 7.61
C22 TC9 K . -5.34 -3.24 7.36
C23 TC9 K . -6.36 -4.14 6.78
C24 TC9 K . -5.96 -5.16 5.87
C25 TC9 K . -7.71 -3.93 7.11
C26 TC9 K . -8.67 -4.75 6.56
C27 TC9 K . -8.28 -5.80 5.64
C28 TC9 K . -6.92 -5.99 5.29
O29 TC9 K . -6.53 -7.06 4.44
C30 TC9 K . -6.82 -6.96 3.08
C31 TC9 K . -6.77 -8.15 2.31
C32 TC9 K . -7.07 -8.12 0.94
C33 TC9 K . -7.40 -6.94 0.33
C34 TC9 K . -7.44 -5.73 1.10
C35 TC9 K . -7.16 -5.74 2.46
C36 TC9 K . -7.72 -6.94 -1.16
O37 TC9 K . -2.11 -9.94 -1.03
C38 TC9 K . -1.43 -10.57 -2.11
O39 TC9 K . -0.50 -6.14 0.18
O40 TC9 K . -9.98 -4.55 6.89
C41 TC9 K . -10.29 -4.06 8.13
O42 TC9 K . -9.26 -6.58 5.05
C43 TC9 K . -7.53 -5.41 -4.23
C44 TC9 K . -2.37 -4.19 5.99
C45 TC9 K . -3.14 -6.01 7.33
N1 TC9 L . -21.98 -53.32 -0.69
C2 TC9 L . -20.67 -53.81 -0.43
C3 TC9 L . -20.53 -54.39 0.94
C4 TC9 L . -21.76 -55.09 1.40
C5 TC9 L . -22.93 -55.15 0.61
C6 TC9 L . -23.01 -54.43 -0.71
C7 TC9 L . -21.73 -55.73 2.67
C8 TC9 L . -22.87 -56.42 3.13
C9 TC9 L . -24.05 -56.47 2.33
C10 TC9 L . -24.08 -55.83 1.07
O11 TC9 L . -25.18 -57.19 2.80
C12 TC9 L . -26.40 -56.74 2.23
C13 TC9 L . -27.13 -55.78 2.96
C14 TC9 L . -28.34 -55.33 2.47
C15 TC9 L . -28.83 -55.85 1.25
C16 TC9 L . -28.12 -56.81 0.54
C17 TC9 L . -26.89 -57.26 1.02
C18 TC9 L . -28.72 -57.32 -0.81
C19 TC9 L . -29.05 -58.85 -0.89
N20 TC9 L . -30.33 -59.26 -0.35
C21 TC9 L . -31.49 -58.87 -1.10
C22 TC9 L . -31.45 -59.10 -2.59
C23 TC9 L . -30.10 -59.30 -3.20
C24 TC9 L . -28.93 -59.24 -2.40
C25 TC9 L . -30.00 -59.59 -4.59
C26 TC9 L . -28.77 -59.81 -5.17
C27 TC9 L . -27.57 -59.75 -4.37
C28 TC9 L . -27.69 -59.44 -2.98
O29 TC9 L . -26.55 -59.49 -2.15
C30 TC9 L . -25.69 -58.41 -2.17
C31 TC9 L . -24.44 -58.60 -1.54
C32 TC9 L . -23.52 -57.56 -1.50
C33 TC9 L . -23.82 -56.35 -2.09
C34 TC9 L . -25.08 -56.15 -2.74
C35 TC9 L . -26.01 -57.19 -2.78
C36 TC9 L . -22.80 -55.26 -2.00
O37 TC9 L . -22.83 -57.04 4.39
C38 TC9 L . -22.67 -56.24 5.54
O39 TC9 L . -26.62 -55.28 4.14
O40 TC9 L . -28.69 -60.08 -6.53
C41 TC9 L . -29.18 -61.26 -7.03
O42 TC9 L . -26.32 -59.97 -4.93
C43 TC9 L . -22.03 -52.08 0.04
C44 TC9 L . -30.46 -58.74 1.03
C45 TC9 L . -30.31 -60.74 -0.23
N1 TC9 M . -9.85 42.28 -0.45
C2 TC9 M . -10.40 43.26 0.44
C3 TC9 M . -9.99 43.12 1.87
C4 TC9 M . -8.71 42.40 2.14
C5 TC9 M . -7.89 41.98 1.05
C6 TC9 M . -8.33 42.24 -0.36
C7 TC9 M . -8.30 42.14 3.47
C8 TC9 M . -7.08 41.44 3.72
C9 TC9 M . -6.26 41.02 2.64
C10 TC9 M . -6.67 41.29 1.30
O11 TC9 M . -5.05 40.33 2.90
C12 TC9 M . -4.60 39.63 1.74
C13 TC9 M . -4.96 38.27 1.57
C14 TC9 M . -4.56 37.59 0.46
C15 TC9 M . -3.79 38.24 -0.52
C16 TC9 M . -3.43 39.58 -0.36
C17 TC9 M . -3.83 40.28 0.77
C18 TC9 M . -2.61 40.26 -1.49
C19 TC9 M . -1.36 41.09 -1.13
N20 TC9 M . -0.20 40.40 -0.61
C21 TC9 M . 0.58 39.62 -1.54
C22 TC9 M . 0.20 39.63 -3.00
C23 TC9 M . -0.33 40.95 -3.46
C24 TC9 M . -1.06 41.73 -2.52
C25 TC9 M . -0.11 41.42 -4.78
C26 TC9 M . -0.61 42.66 -5.15
C27 TC9 M . -1.36 43.45 -4.20
C28 TC9 M . -1.59 42.95 -2.89
O29 TC9 M . -2.21 43.74 -1.90
C30 TC9 M . -3.60 43.63 -1.73
C31 TC9 M . -4.12 43.92 -0.45
C32 TC9 M . -5.49 43.89 -0.22
C33 TC9 M . -6.35 43.57 -1.25
C34 TC9 M . -5.83 43.29 -2.56
C35 TC9 M . -4.46 43.32 -2.79
C36 TC9 M . -7.84 43.56 -0.99
O37 TC9 M . -6.66 41.20 5.04
C38 TC9 M . -7.58 40.98 6.09
O39 TC9 M . -5.74 37.63 2.52
O40 TC9 M . -0.39 43.14 -6.44
C41 TC9 M . -0.52 42.30 -7.52
O42 TC9 M . -1.86 44.68 -4.58
C43 TC9 M . -10.75 42.34 -1.61
C44 TC9 M . -0.59 39.54 0.53
C45 TC9 M . 0.70 41.44 -0.03
N1 TC9 N . 4.13 11.93 2.66
C2 TC9 N . 3.00 12.47 1.98
C3 TC9 N . 2.73 11.80 0.67
C4 TC9 N . 3.07 10.34 0.64
C5 TC9 N . 3.61 9.69 1.79
C6 TC9 N . 3.88 10.48 3.05
C7 TC9 N . 2.82 9.59 -0.54
C8 TC9 N . 3.12 8.21 -0.58
C9 TC9 N . 3.67 7.57 0.56
C10 TC9 N . 3.92 8.30 1.75
O11 TC9 N . 3.89 6.19 0.45
C12 TC9 N . 4.99 5.74 1.19
C13 TC9 N . 6.25 5.71 0.56
C14 TC9 N . 7.34 5.22 1.23
C15 TC9 N . 7.20 4.76 2.57
C16 TC9 N . 5.94 4.80 3.17
C17 TC9 N . 4.83 5.27 2.49
C18 TC9 N . 5.76 4.31 4.62
C19 TC9 N . 4.82 3.08 4.74
N20 TC9 N . 5.45 1.79 4.54
C21 TC9 N . 6.45 1.51 5.52
C22 TC9 N . 5.98 1.55 6.95
C23 TC9 N . 4.93 2.56 7.24
C24 TC9 N . 4.31 3.28 6.19
C25 TC9 N . 4.52 2.77 8.57
C26 TC9 N . 3.52 3.69 8.86
C27 TC9 N . 2.90 4.42 7.81
C28 TC9 N . 3.34 4.23 6.47
O29 TC9 N . 2.64 4.83 5.42
C30 TC9 N . 2.72 6.22 5.24
C31 TC9 N . 1.80 6.77 4.31
C32 TC9 N . 1.82 8.13 4.01
C33 TC9 N . 2.76 8.95 4.61
C34 TC9 N . 3.69 8.41 5.55
C35 TC9 N . 3.67 7.04 5.86
C36 TC9 N . 2.82 10.38 4.17
O37 TC9 N . 2.83 7.42 -1.70
C38 TC9 N . 2.58 8.01 -2.96
O39 TC9 N . 6.33 6.16 -0.75
O40 TC9 N . 3.14 3.87 10.18
C41 TC9 N . 2.71 2.78 10.91
O42 TC9 N . 1.90 5.33 8.07
C43 TC9 N . 5.21 12.45 1.82
C44 TC9 N . 6.07 1.72 3.19
C45 TC9 N . 4.42 0.72 4.55
N1 TC9 O . 32.69 6.35 2.92
C2 TC9 O . 31.78 5.39 2.39
C3 TC9 O . 32.15 4.99 1.01
C4 TC9 O . 33.62 4.76 0.86
C5 TC9 O . 34.53 5.13 1.90
C6 TC9 O . 34.01 5.68 3.19
C7 TC9 O . 34.13 4.18 -0.33
C8 TC9 O . 35.54 4.00 -0.47
C9 TC9 O . 36.42 4.39 0.56
C10 TC9 O . 35.92 4.96 1.75
O11 TC9 O . 37.81 4.15 0.37
C12 TC9 O . 38.66 5.09 1.02
C13 TC9 O . 39.05 6.24 0.31
C14 TC9 O . 39.88 7.17 0.88
C15 TC9 O . 40.36 6.95 2.19
C16 TC9 O . 40.00 5.80 2.89
C17 TC9 O . 39.14 4.86 2.31
C18 TC9 O . 40.53 5.61 4.34
C19 TC9 O . 41.39 4.32 4.52
N20 TC9 O . 42.80 4.51 4.33
C21 TC9 O . 43.42 5.37 5.29
C22 TC9 O . 43.24 4.92 6.72
C23 TC9 O . 41.99 4.14 7.00
C24 TC9 O . 41.07 3.80 5.96
C25 TC9 O . 41.75 3.72 8.34
C26 TC9 O . 40.62 2.98 8.64
C27 TC9 O . 39.70 2.63 7.60
C28 TC9 O . 39.92 3.06 6.27
O29 TC9 O . 39.06 2.59 5.26
C30 TC9 O . 37.76 3.12 5.14
C31 TC9 O . 36.86 2.40 4.31
C32 TC9 O . 35.57 2.88 4.07
C33 TC9 O . 35.18 4.08 4.64
C34 TC9 O . 36.08 4.82 5.48
C35 TC9 O . 37.36 4.35 5.72
C36 TC9 O . 33.81 4.62 4.31
O37 TC9 O . 36.05 3.40 -1.62
C38 TC9 O . 35.27 3.30 -2.79
O39 TC9 O . 38.56 6.46 -0.96
O40 TC9 O . 40.40 2.57 9.95
C41 TC9 O . 41.45 2.55 10.83
O42 TC9 O . 38.56 1.90 7.91
C43 TC9 O . 32.43 7.55 2.14
C44 TC9 O . 43.05 5.09 2.98
C45 TC9 O . 43.48 3.19 4.36
#